data_1UU1
#
_entry.id   1UU1
#
_cell.length_a   53.610
_cell.length_b   136.519
_cell.length_c   92.815
_cell.angle_alpha   90.00
_cell.angle_beta   95.19
_cell.angle_gamma   90.00
#
_symmetry.space_group_name_H-M   'P 1 21 1'
#
loop_
_entity.id
_entity.type
_entity.pdbx_description
1 polymer 'HISTIDINOL-PHOSPHATE AMINOTRANSFERASE'
2 non-polymer "4'-DEOXY-4'-AMINOPYRIDOXAL-5'-PHOSPHATE"
3 non-polymer 'PHOSPHORIC ACID MONO-[2-AMINO-3-(3H-IMIDAZOL-4-YL)-PROPYL]ESTER'
4 water water
#
_entity_poly.entity_id   1
_entity_poly.type   'polypeptide(L)'
_entity_poly.pdbx_seq_one_letter_code
;MNPLDLIAKRAYPYETEKRDKTYLALNENPFPFPEDLVDEVFRRLNSDALRIYYDSPDEELIEKILSYLDTDFLSKNNVS
VGNGADEIIYVMMLMFDRSVFFPPTYSCYRIFAKAVGAKFLEVPLTKDLRIPEVNVGEGDVVFIPNPNNPTGHVFEREEI
ERILKTGAFVALDEAYYEFHGESYVDFLKKYENLAVIRTFSKAFSLAAQRVGYVVASEKFIDAYNRVRLPFNVSYVSQMF
AKVALDHREIFEERTKFIVEERERMKSALREMGYRITDSRGNFVFVFMEKEEKERLLEHLRTKNVAVRSFREGVRITIGK
REENDMILRELEVFK
;
_entity_poly.pdbx_strand_id   A,B,C,D
#
loop_
_chem_comp.id
_chem_comp.type
_chem_comp.name
_chem_comp.formula
HSA non-polymer 'PHOSPHORIC ACID MONO-[2-AMINO-3-(3H-IMIDAZOL-4-YL)-PROPYL]ESTER' 'C6 H12 N3 O4 P'
PMP non-polymer 4'-DEOXY-4'-AMINOPYRIDOXAL-5'-PHOSPHATE 'C8 H13 N2 O5 P'
#
# COMPACT_ATOMS: atom_id res chain seq x y z
N LEU A 6 -40.92 -5.21 6.41
CA LEU A 6 -41.18 -5.80 5.07
C LEU A 6 -39.93 -5.74 4.19
N ILE A 7 -39.80 -6.69 3.29
CA ILE A 7 -38.66 -6.75 2.39
C ILE A 7 -39.09 -6.29 1.00
N ALA A 8 -39.51 -5.04 0.88
CA ALA A 8 -39.92 -4.52 -0.42
C ALA A 8 -38.76 -4.60 -1.40
N LYS A 9 -39.05 -4.49 -2.69
CA LYS A 9 -38.02 -4.56 -3.72
C LYS A 9 -38.17 -3.56 -4.87
N ARG A 10 -39.13 -2.64 -4.74
CA ARG A 10 -39.37 -1.64 -5.77
C ARG A 10 -39.84 -2.28 -7.08
N ALA A 11 -40.51 -3.43 -6.94
CA ALA A 11 -41.07 -4.21 -8.05
C ALA A 11 -40.24 -4.35 -9.32
N TYR A 12 -39.29 -5.29 -9.32
CA TYR A 12 -38.46 -5.56 -10.49
C TYR A 12 -37.81 -6.94 -10.36
N PRO A 13 -38.61 -8.00 -10.60
CA PRO A 13 -38.23 -9.42 -10.55
C PRO A 13 -37.03 -9.86 -11.38
N TYR A 14 -36.66 -11.11 -11.21
CA TYR A 14 -35.54 -11.73 -11.92
C TYR A 14 -35.98 -13.07 -12.46
N GLU A 15 -35.64 -13.36 -13.71
CA GLU A 15 -35.99 -14.62 -14.36
C GLU A 15 -35.55 -14.64 -15.81
N THR A 16 -35.35 -15.84 -16.36
CA THR A 16 -34.94 -16.01 -17.74
C THR A 16 -35.79 -17.08 -18.43
N GLU A 17 -36.91 -16.65 -19.03
CA GLU A 17 -37.80 -17.57 -19.74
C GLU A 17 -36.99 -18.48 -20.66
N LYS A 18 -37.58 -19.62 -21.01
CA LYS A 18 -36.91 -20.58 -21.89
C LYS A 18 -36.42 -19.97 -23.20
N ARG A 19 -35.10 -19.90 -23.36
CA ARG A 19 -34.51 -19.35 -24.56
C ARG A 19 -35.00 -20.16 -25.75
N ASP A 20 -35.41 -19.47 -26.81
CA ASP A 20 -35.87 -20.13 -28.00
C ASP A 20 -34.67 -20.82 -28.62
N LYS A 21 -34.94 -21.75 -29.53
CA LYS A 21 -33.89 -22.50 -30.19
C LYS A 21 -32.83 -21.58 -30.79
N THR A 22 -33.24 -20.71 -31.70
CA THR A 22 -32.29 -19.76 -32.28
C THR A 22 -32.40 -18.48 -31.44
N TYR A 23 -31.44 -18.30 -30.54
CA TYR A 23 -31.40 -17.16 -29.62
C TYR A 23 -30.47 -16.05 -30.12
N LEU A 24 -31.06 -14.92 -30.53
CA LEU A 24 -30.28 -13.77 -31.02
C LEU A 24 -30.65 -12.50 -30.23
N ALA A 25 -30.89 -12.65 -28.93
CA ALA A 25 -31.30 -11.53 -28.09
C ALA A 25 -30.37 -11.02 -27.00
N LEU A 26 -29.25 -11.68 -26.77
CA LEU A 26 -28.33 -11.23 -25.72
C LEU A 26 -26.94 -10.84 -26.21
N ASN A 27 -26.83 -10.45 -27.48
CA ASN A 27 -25.54 -10.01 -27.98
C ASN A 27 -24.41 -11.00 -27.65
N GLU A 28 -24.77 -12.27 -27.56
CA GLU A 28 -23.80 -13.33 -27.30
C GLU A 28 -22.98 -13.68 -28.58
N ASN A 29 -21.70 -14.00 -28.41
CA ASN A 29 -20.89 -14.42 -29.55
C ASN A 29 -21.61 -15.63 -30.15
N PRO A 30 -21.57 -15.79 -31.46
CA PRO A 30 -22.24 -16.93 -32.06
C PRO A 30 -21.43 -18.24 -31.98
N PHE A 31 -20.12 -18.11 -31.79
CA PHE A 31 -19.21 -19.25 -31.73
C PHE A 31 -18.79 -19.72 -30.32
N PRO A 32 -18.68 -21.04 -30.14
CA PRO A 32 -18.30 -21.58 -28.84
C PRO A 32 -16.87 -21.24 -28.53
N PHE A 33 -16.52 -21.33 -27.26
CA PHE A 33 -15.15 -21.05 -26.88
C PHE A 33 -14.35 -22.17 -27.53
N PRO A 34 -13.17 -21.87 -28.09
CA PRO A 34 -12.41 -22.96 -28.73
C PRO A 34 -12.08 -24.17 -27.85
N GLU A 35 -12.37 -25.35 -28.37
CA GLU A 35 -12.14 -26.60 -27.65
C GLU A 35 -10.72 -26.75 -27.15
N ASP A 36 -9.77 -26.29 -27.96
CA ASP A 36 -8.37 -26.38 -27.59
C ASP A 36 -7.97 -25.35 -26.52
N LEU A 37 -8.57 -24.18 -26.53
CA LEU A 37 -8.23 -23.19 -25.51
C LEU A 37 -8.86 -23.69 -24.22
N VAL A 38 -10.00 -24.34 -24.34
CA VAL A 38 -10.63 -24.90 -23.16
C VAL A 38 -9.66 -25.93 -22.62
N ASP A 39 -9.03 -26.68 -23.53
CA ASP A 39 -8.10 -27.70 -23.10
C ASP A 39 -6.92 -27.03 -22.42
N GLU A 40 -6.40 -25.99 -23.05
CA GLU A 40 -5.27 -25.27 -22.46
C GLU A 40 -5.57 -24.72 -21.06
N VAL A 41 -6.79 -24.23 -20.84
CA VAL A 41 -7.15 -23.70 -19.53
C VAL A 41 -7.04 -24.77 -18.46
N PHE A 42 -7.65 -25.93 -18.70
CA PHE A 42 -7.60 -26.99 -17.72
C PHE A 42 -6.22 -27.58 -17.61
N ARG A 43 -5.44 -27.41 -18.65
CA ARG A 43 -4.08 -27.86 -18.67
C ARG A 43 -3.31 -27.04 -17.63
N ARG A 44 -3.47 -25.73 -17.67
CA ARG A 44 -2.81 -24.84 -16.73
C ARG A 44 -3.54 -24.76 -15.38
N LEU A 45 -4.59 -25.54 -15.20
CA LEU A 45 -5.33 -25.47 -13.97
C LEU A 45 -4.64 -26.18 -12.84
N ASN A 46 -4.31 -25.44 -11.79
CA ASN A 46 -3.69 -26.02 -10.63
C ASN A 46 -4.76 -26.32 -9.57
N SER A 47 -4.99 -27.61 -9.36
CA SER A 47 -5.98 -28.14 -8.41
C SER A 47 -5.81 -27.64 -6.97
N ASP A 48 -4.57 -27.38 -6.57
CA ASP A 48 -4.23 -26.91 -5.22
C ASP A 48 -4.68 -25.47 -5.06
N ALA A 49 -4.76 -24.73 -6.17
CA ALA A 49 -5.17 -23.34 -6.12
C ALA A 49 -6.66 -23.16 -6.00
N LEU A 50 -7.45 -24.20 -6.30
CA LEU A 50 -8.90 -24.06 -6.17
C LEU A 50 -9.32 -23.91 -4.70
N ARG A 51 -8.54 -24.44 -3.76
CA ARG A 51 -8.92 -24.38 -2.33
C ARG A 51 -8.58 -23.05 -1.63
N ILE A 52 -7.76 -22.23 -2.26
CA ILE A 52 -7.34 -20.97 -1.65
C ILE A 52 -8.03 -19.77 -2.24
N TYR A 53 -7.96 -18.66 -1.50
CA TYR A 53 -8.50 -17.38 -1.94
C TYR A 53 -7.45 -16.78 -2.86
N TYR A 54 -7.81 -16.71 -4.13
CA TYR A 54 -6.96 -16.27 -5.20
C TYR A 54 -7.11 -14.78 -5.59
N ASP A 55 -6.03 -14.01 -5.46
CA ASP A 55 -6.06 -12.58 -5.83
C ASP A 55 -6.89 -12.45 -7.10
N SER A 56 -8.00 -11.71 -7.05
CA SER A 56 -8.84 -11.64 -8.24
C SER A 56 -8.10 -10.77 -9.20
N PRO A 57 -7.70 -9.59 -8.77
CA PRO A 57 -7.02 -9.12 -9.98
C PRO A 57 -5.64 -9.82 -9.88
N ASP A 58 -5.48 -10.95 -10.53
CA ASP A 58 -4.21 -11.66 -10.54
C ASP A 58 -3.13 -10.85 -11.30
N GLU A 59 -1.86 -11.05 -10.96
CA GLU A 59 -0.79 -10.27 -11.59
C GLU A 59 -0.53 -10.54 -13.08
N GLU A 60 -0.63 -11.79 -13.49
CA GLU A 60 -0.40 -12.13 -14.88
C GLU A 60 -1.58 -11.63 -15.71
N LEU A 61 -2.78 -11.63 -15.13
CA LEU A 61 -3.94 -11.17 -15.86
C LEU A 61 -3.77 -9.67 -16.15
N ILE A 62 -3.24 -8.93 -15.19
CA ILE A 62 -3.06 -7.51 -15.42
C ILE A 62 -2.01 -7.30 -16.52
N GLU A 63 -0.92 -8.04 -16.45
CA GLU A 63 0.10 -7.89 -17.49
C GLU A 63 -0.53 -8.16 -18.87
N LYS A 64 -1.24 -9.27 -19.03
CA LYS A 64 -1.88 -9.58 -20.31
C LYS A 64 -2.80 -8.46 -20.80
N ILE A 65 -3.71 -8.00 -19.94
CA ILE A 65 -4.66 -6.92 -20.25
C ILE A 65 -3.87 -5.73 -20.79
N LEU A 66 -2.93 -5.25 -19.98
CA LEU A 66 -2.07 -4.14 -20.34
C LEU A 66 -1.54 -4.35 -21.74
N SER A 67 -1.00 -5.55 -21.99
CA SER A 67 -0.47 -5.89 -23.28
C SER A 67 -1.52 -5.80 -24.40
N TYR A 68 -2.73 -6.22 -24.10
CA TYR A 68 -3.82 -6.18 -25.06
C TYR A 68 -4.25 -4.75 -25.31
N LEU A 69 -4.22 -3.92 -24.29
CA LEU A 69 -4.62 -2.53 -24.39
C LEU A 69 -3.59 -1.83 -25.25
N ASP A 70 -2.37 -2.37 -25.21
CA ASP A 70 -1.27 -1.87 -26.03
C ASP A 70 -1.10 -0.34 -26.07
N THR A 71 -1.02 0.31 -24.90
CA THR A 71 -0.84 1.77 -24.88
C THR A 71 0.59 2.13 -24.45
N ASP A 72 0.91 3.41 -24.47
CA ASP A 72 2.25 3.82 -24.08
C ASP A 72 2.33 4.47 -22.69
N PHE A 73 1.26 4.40 -21.91
CA PHE A 73 1.27 5.02 -20.57
C PHE A 73 0.74 4.18 -19.39
N LEU A 74 -0.43 3.55 -19.55
CA LEU A 74 -1.04 2.72 -18.49
C LEU A 74 -0.06 1.77 -17.79
N SER A 75 -0.19 1.59 -16.49
CA SER A 75 0.68 0.64 -15.77
C SER A 75 -0.23 -0.30 -14.99
N LYS A 76 0.31 -1.26 -14.25
CA LYS A 76 -0.56 -2.19 -13.52
C LYS A 76 -1.56 -1.44 -12.64
N ASN A 77 -1.15 -0.27 -12.15
CA ASN A 77 -1.99 0.58 -11.30
C ASN A 77 -3.23 1.16 -11.96
N ASN A 78 -3.32 1.09 -13.28
CA ASN A 78 -4.44 1.67 -14.01
C ASN A 78 -5.56 0.69 -14.35
N VAL A 79 -5.31 -0.59 -14.08
CA VAL A 79 -6.24 -1.66 -14.41
C VAL A 79 -6.79 -2.43 -13.22
N SER A 80 -8.02 -2.93 -13.34
CA SER A 80 -8.58 -3.78 -12.30
C SER A 80 -9.60 -4.67 -12.99
N VAL A 81 -10.29 -5.51 -12.21
CA VAL A 81 -11.22 -6.43 -12.82
C VAL A 81 -12.55 -6.55 -12.05
N GLY A 82 -13.56 -7.06 -12.74
CA GLY A 82 -14.85 -7.26 -12.12
C GLY A 82 -15.49 -8.56 -12.56
N ASN A 83 -16.41 -9.02 -11.75
CA ASN A 83 -17.14 -10.24 -12.00
C ASN A 83 -18.15 -9.87 -13.08
N GLY A 84 -17.63 -9.73 -14.30
CA GLY A 84 -18.43 -9.32 -15.44
C GLY A 84 -18.24 -7.80 -15.51
N ALA A 85 -18.52 -7.18 -16.64
CA ALA A 85 -18.42 -5.72 -16.72
C ALA A 85 -19.52 -5.21 -15.79
N ASP A 86 -20.58 -6.01 -15.69
CA ASP A 86 -21.72 -5.74 -14.81
C ASP A 86 -21.26 -5.39 -13.40
N GLU A 87 -20.34 -6.16 -12.82
CA GLU A 87 -19.90 -5.85 -11.45
C GLU A 87 -19.21 -4.51 -11.36
N ILE A 88 -18.49 -4.15 -12.41
CA ILE A 88 -17.78 -2.90 -12.39
C ILE A 88 -18.78 -1.77 -12.40
N ILE A 89 -19.91 -2.00 -13.06
CA ILE A 89 -20.93 -0.97 -13.14
C ILE A 89 -21.60 -0.87 -11.79
N TYR A 90 -21.92 -2.03 -11.24
CA TYR A 90 -22.58 -2.16 -9.95
C TYR A 90 -21.82 -1.47 -8.81
N VAL A 91 -20.51 -1.71 -8.73
CA VAL A 91 -19.71 -1.12 -7.69
C VAL A 91 -19.55 0.38 -7.89
N MET A 92 -19.35 0.79 -9.14
CA MET A 92 -19.20 2.22 -9.42
C MET A 92 -20.42 2.97 -8.88
N MET A 93 -21.59 2.37 -9.05
CA MET A 93 -22.78 3.04 -8.57
C MET A 93 -22.79 3.15 -7.04
N LEU A 94 -21.94 2.38 -6.37
CA LEU A 94 -21.87 2.47 -4.92
C LEU A 94 -20.83 3.53 -4.54
N MET A 95 -20.00 3.90 -5.52
CA MET A 95 -18.92 4.87 -5.32
C MET A 95 -19.22 6.35 -5.53
N PHE A 96 -20.29 6.66 -6.25
CA PHE A 96 -20.57 8.05 -6.53
C PHE A 96 -21.87 8.51 -5.95
N ASP A 97 -22.09 9.82 -5.96
CA ASP A 97 -23.31 10.38 -5.39
C ASP A 97 -24.49 10.18 -6.32
N ARG A 98 -24.24 10.25 -7.61
CA ARG A 98 -25.35 10.08 -8.54
C ARG A 98 -24.87 9.52 -9.87
N SER A 99 -25.69 8.62 -10.41
CA SER A 99 -25.40 7.96 -11.67
C SER A 99 -26.32 8.52 -12.75
N VAL A 100 -25.71 8.92 -13.86
CA VAL A 100 -26.43 9.52 -14.97
C VAL A 100 -26.18 8.72 -16.21
N PHE A 101 -27.25 8.42 -16.94
CA PHE A 101 -27.13 7.70 -18.19
C PHE A 101 -28.24 8.15 -19.13
N PHE A 102 -28.10 7.89 -20.41
CA PHE A 102 -29.03 8.38 -21.38
C PHE A 102 -29.75 7.39 -22.27
N PRO A 103 -31.03 7.13 -21.98
CA PRO A 103 -31.81 6.16 -22.78
C PRO A 103 -32.06 6.67 -24.18
N PRO A 104 -32.07 5.75 -25.18
CA PRO A 104 -31.85 4.31 -25.04
C PRO A 104 -30.42 3.97 -24.63
N THR A 105 -30.28 3.25 -23.53
CA THR A 105 -28.97 2.84 -23.04
C THR A 105 -29.03 1.43 -22.42
N TYR A 106 -27.91 0.93 -21.90
CA TYR A 106 -27.90 -0.40 -21.32
C TYR A 106 -29.04 -0.50 -20.28
N SER A 107 -29.89 -1.51 -20.42
CA SER A 107 -31.00 -1.67 -19.51
C SER A 107 -30.56 -1.90 -18.08
N CYS A 108 -29.41 -2.51 -17.88
CA CYS A 108 -28.95 -2.76 -16.53
C CYS A 108 -28.52 -1.54 -15.69
N TYR A 109 -28.30 -0.38 -16.32
CA TYR A 109 -27.94 0.78 -15.50
C TYR A 109 -29.09 1.08 -14.55
N ARG A 110 -30.31 1.12 -15.07
CA ARG A 110 -31.49 1.39 -14.26
C ARG A 110 -31.65 0.30 -13.21
N ILE A 111 -31.53 -0.95 -13.65
CA ILE A 111 -31.68 -2.08 -12.75
C ILE A 111 -30.69 -2.10 -11.59
N PHE A 112 -29.40 -1.97 -11.90
CA PHE A 112 -28.40 -1.99 -10.85
C PHE A 112 -28.50 -0.78 -9.92
N ALA A 113 -28.89 0.38 -10.47
CA ALA A 113 -29.02 1.59 -9.65
C ALA A 113 -30.14 1.40 -8.64
N LYS A 114 -31.33 1.03 -9.12
CA LYS A 114 -32.44 0.81 -8.23
C LYS A 114 -32.00 -0.24 -7.22
N ALA A 115 -31.47 -1.34 -7.71
CA ALA A 115 -31.02 -2.45 -6.89
C ALA A 115 -29.98 -2.06 -5.84
N VAL A 116 -29.06 -1.19 -6.22
CA VAL A 116 -28.02 -0.77 -5.30
C VAL A 116 -28.40 0.47 -4.50
N GLY A 117 -29.63 0.96 -4.70
CA GLY A 117 -30.09 2.13 -3.97
C GLY A 117 -29.31 3.39 -4.31
N ALA A 118 -28.71 3.45 -5.49
CA ALA A 118 -27.97 4.63 -5.89
C ALA A 118 -28.89 5.64 -6.54
N LYS A 119 -28.62 6.91 -6.31
CA LYS A 119 -29.40 7.99 -6.89
C LYS A 119 -29.02 8.05 -8.34
N PHE A 120 -30.02 8.17 -9.22
CA PHE A 120 -29.71 8.25 -10.65
C PHE A 120 -30.64 9.16 -11.44
N LEU A 121 -30.15 9.62 -12.58
CA LEU A 121 -30.91 10.47 -13.48
C LEU A 121 -30.84 9.95 -14.91
N GLU A 122 -31.99 9.64 -15.48
CA GLU A 122 -32.11 9.19 -16.86
C GLU A 122 -32.49 10.41 -17.71
N VAL A 123 -31.62 10.82 -18.62
CA VAL A 123 -31.93 11.95 -19.49
C VAL A 123 -31.80 11.30 -20.83
N PRO A 124 -32.88 11.35 -21.63
CA PRO A 124 -32.85 10.72 -22.95
C PRO A 124 -31.93 11.38 -23.95
N LEU A 125 -31.25 10.56 -24.74
CA LEU A 125 -30.41 11.03 -25.82
C LEU A 125 -31.29 11.90 -26.74
N THR A 126 -30.68 12.77 -27.51
CA THR A 126 -31.45 13.64 -28.39
C THR A 126 -32.07 12.78 -29.49
N LYS A 127 -32.90 13.38 -30.34
CA LYS A 127 -33.54 12.65 -31.45
C LYS A 127 -32.49 12.21 -32.47
N ASP A 128 -31.26 12.64 -32.27
CA ASP A 128 -30.19 12.24 -33.18
C ASP A 128 -29.21 11.38 -32.44
N LEU A 129 -29.70 10.86 -31.31
CA LEU A 129 -28.93 9.97 -30.47
C LEU A 129 -27.68 10.62 -29.92
N ARG A 130 -27.74 11.92 -29.64
CA ARG A 130 -26.60 12.62 -29.09
C ARG A 130 -26.73 12.86 -27.58
N ILE A 131 -25.59 12.90 -26.89
CA ILE A 131 -25.61 13.13 -25.46
C ILE A 131 -26.38 14.43 -25.22
N PRO A 132 -27.38 14.40 -24.35
CA PRO A 132 -28.18 15.59 -24.07
C PRO A 132 -27.43 16.54 -23.16
N GLU A 133 -27.91 17.77 -23.09
CA GLU A 133 -27.30 18.79 -22.22
C GLU A 133 -27.73 18.39 -20.82
N VAL A 134 -26.86 18.56 -19.83
CA VAL A 134 -27.27 18.17 -18.49
C VAL A 134 -26.38 18.74 -17.39
N ASN A 135 -26.91 18.82 -16.19
CA ASN A 135 -26.13 19.37 -15.09
C ASN A 135 -25.51 18.27 -14.28
N VAL A 136 -24.24 18.03 -14.60
CA VAL A 136 -23.44 17.01 -13.95
C VAL A 136 -22.05 17.55 -13.66
N GLY A 137 -21.48 17.07 -12.57
CA GLY A 137 -20.16 17.47 -12.16
C GLY A 137 -19.70 16.54 -11.05
N GLU A 138 -18.59 16.90 -10.41
CA GLU A 138 -18.01 16.09 -9.35
C GLU A 138 -19.10 15.48 -8.48
N GLY A 139 -18.93 14.22 -8.13
CA GLY A 139 -19.96 13.55 -7.35
C GLY A 139 -20.76 12.66 -8.29
N ASP A 140 -21.02 13.18 -9.48
CA ASP A 140 -21.77 12.46 -10.50
C ASP A 140 -20.90 11.44 -11.24
N VAL A 141 -21.51 10.37 -11.72
CA VAL A 141 -20.79 9.43 -12.55
C VAL A 141 -21.71 9.26 -13.74
N VAL A 142 -21.13 9.40 -14.92
CA VAL A 142 -21.90 9.29 -16.15
C VAL A 142 -21.55 8.06 -16.98
N PHE A 143 -22.50 7.15 -17.06
CA PHE A 143 -22.32 5.91 -17.81
C PHE A 143 -22.67 6.09 -19.28
N ILE A 144 -21.66 5.94 -20.14
CA ILE A 144 -21.89 6.04 -21.57
C ILE A 144 -21.34 4.83 -22.32
N PRO A 145 -22.23 3.96 -22.82
CA PRO A 145 -21.71 2.80 -23.54
C PRO A 145 -21.35 3.30 -24.95
N ASN A 146 -20.16 2.96 -25.40
CA ASN A 146 -19.75 3.42 -26.71
C ASN A 146 -18.85 2.37 -27.32
N PRO A 147 -19.38 1.60 -28.30
CA PRO A 147 -20.73 1.65 -28.87
C PRO A 147 -21.96 1.54 -27.94
N ASN A 148 -22.98 2.35 -28.22
CA ASN A 148 -24.21 2.36 -27.41
C ASN A 148 -24.94 1.02 -27.47
N ASN A 149 -25.68 0.74 -26.39
CA ASN A 149 -26.53 -0.45 -26.31
C ASN A 149 -27.88 0.24 -26.06
N PRO A 150 -28.95 -0.11 -26.83
CA PRO A 150 -29.03 -1.10 -27.91
C PRO A 150 -28.92 -0.64 -29.36
N THR A 151 -28.43 0.58 -29.61
CA THR A 151 -28.38 1.10 -30.99
C THR A 151 -27.12 0.74 -31.71
N GLY A 152 -26.04 0.67 -30.94
CA GLY A 152 -24.75 0.34 -31.52
C GLY A 152 -24.11 1.58 -32.09
N HIS A 153 -24.81 2.72 -32.12
CA HIS A 153 -24.15 3.89 -32.69
C HIS A 153 -23.02 4.33 -31.75
N VAL A 154 -22.08 5.06 -32.34
CA VAL A 154 -20.90 5.58 -31.67
C VAL A 154 -21.03 7.07 -31.36
N PHE A 155 -20.65 7.48 -30.15
CA PHE A 155 -20.69 8.89 -29.77
C PHE A 155 -19.37 9.52 -30.18
N GLU A 156 -19.43 10.80 -30.56
CA GLU A 156 -18.25 11.54 -30.98
C GLU A 156 -17.36 11.91 -29.77
N ARG A 157 -16.05 11.94 -30.00
CA ARG A 157 -15.09 12.26 -28.94
C ARG A 157 -15.45 13.57 -28.26
N GLU A 158 -15.91 14.53 -29.05
CA GLU A 158 -16.32 15.81 -28.53
C GLU A 158 -17.38 15.58 -27.45
N GLU A 159 -18.40 14.79 -27.78
CA GLU A 159 -19.48 14.47 -26.86
C GLU A 159 -18.96 14.00 -25.53
N ILE A 160 -18.06 13.02 -25.58
CA ILE A 160 -17.51 12.51 -24.34
C ILE A 160 -16.73 13.57 -23.60
N GLU A 161 -15.90 14.29 -24.34
CA GLU A 161 -15.08 15.33 -23.74
C GLU A 161 -15.89 16.40 -23.01
N ARG A 162 -17.01 16.84 -23.59
CA ARG A 162 -17.81 17.87 -22.94
C ARG A 162 -18.26 17.46 -21.53
N ILE A 163 -18.59 16.19 -21.36
CA ILE A 163 -19.01 15.73 -20.06
C ILE A 163 -17.78 15.65 -19.20
N LEU A 164 -16.66 15.35 -19.84
CA LEU A 164 -15.40 15.22 -19.14
C LEU A 164 -14.95 16.59 -18.55
N LYS A 165 -15.08 17.65 -19.35
CA LYS A 165 -14.69 18.99 -18.91
C LYS A 165 -15.52 19.46 -17.73
N THR A 166 -16.75 18.95 -17.67
CA THR A 166 -17.70 19.23 -16.61
C THR A 166 -17.14 18.85 -15.23
N GLY A 167 -16.18 17.94 -15.20
CA GLY A 167 -15.61 17.50 -13.94
C GLY A 167 -16.31 16.30 -13.34
N ALA A 168 -17.37 15.87 -14.01
CA ALA A 168 -18.14 14.72 -13.58
C ALA A 168 -17.30 13.53 -14.02
N PHE A 169 -17.52 12.37 -13.43
CA PHE A 169 -16.75 11.18 -13.77
C PHE A 169 -17.44 10.44 -14.91
N VAL A 170 -16.71 10.16 -15.97
CA VAL A 170 -17.30 9.41 -17.07
C VAL A 170 -16.95 7.94 -16.98
N ALA A 171 -17.98 7.12 -17.02
CA ALA A 171 -17.87 5.68 -16.99
C ALA A 171 -18.04 5.31 -18.45
N LEU A 172 -16.93 5.24 -19.18
CA LEU A 172 -17.00 4.88 -20.60
C LEU A 172 -17.17 3.37 -20.74
N ASP A 173 -18.37 2.96 -21.12
CA ASP A 173 -18.67 1.55 -21.27
C ASP A 173 -18.37 1.01 -22.68
N GLU A 174 -17.18 0.47 -22.86
CA GLU A 174 -16.75 -0.07 -24.15
C GLU A 174 -16.96 -1.56 -24.27
N ALA A 175 -18.13 -2.01 -23.84
CA ALA A 175 -18.51 -3.41 -23.89
C ALA A 175 -18.43 -3.98 -25.30
N TYR A 176 -18.71 -3.15 -26.31
CA TYR A 176 -18.70 -3.60 -27.71
C TYR A 176 -17.52 -3.12 -28.54
N TYR A 177 -16.52 -2.56 -27.87
CA TYR A 177 -15.29 -2.07 -28.52
C TYR A 177 -14.69 -2.99 -29.61
N GLU A 178 -14.46 -4.26 -29.28
CA GLU A 178 -13.87 -5.16 -30.28
C GLU A 178 -14.56 -5.11 -31.66
N PHE A 179 -15.85 -4.78 -31.67
CA PHE A 179 -16.55 -4.72 -32.94
C PHE A 179 -16.49 -3.33 -33.59
N HIS A 180 -16.01 -2.35 -32.83
CA HIS A 180 -15.92 -1.02 -33.35
C HIS A 180 -14.50 -0.73 -33.80
N GLY A 181 -13.54 -0.92 -32.88
CA GLY A 181 -12.15 -0.68 -33.23
C GLY A 181 -11.50 0.58 -32.66
N GLU A 182 -12.25 1.46 -31.99
CA GLU A 182 -11.64 2.64 -31.45
C GLU A 182 -12.02 2.88 -29.99
N SER A 183 -11.01 3.02 -29.15
CA SER A 183 -11.20 3.22 -27.73
C SER A 183 -10.79 4.63 -27.30
N TYR A 184 -11.36 5.15 -26.22
CA TYR A 184 -10.96 6.47 -25.79
C TYR A 184 -10.07 6.36 -24.57
N VAL A 185 -9.48 5.18 -24.40
CA VAL A 185 -8.58 4.95 -23.28
C VAL A 185 -7.40 5.95 -23.31
N ASP A 186 -7.08 6.47 -24.50
CA ASP A 186 -6.00 7.44 -24.63
C ASP A 186 -6.33 8.72 -23.88
N PHE A 187 -7.61 8.91 -23.58
CA PHE A 187 -8.05 10.07 -22.85
C PHE A 187 -7.51 10.12 -21.43
N LEU A 188 -7.03 8.98 -20.93
CA LEU A 188 -6.49 8.96 -19.57
C LEU A 188 -5.19 9.75 -19.48
N LYS A 189 -4.76 10.33 -20.59
CA LYS A 189 -3.54 11.14 -20.59
C LYS A 189 -3.92 12.55 -20.16
N LYS A 190 -5.20 12.90 -20.30
CA LYS A 190 -5.65 14.25 -19.94
C LYS A 190 -6.57 14.29 -18.76
N TYR A 191 -7.58 13.44 -18.77
CA TYR A 191 -8.54 13.47 -17.69
C TYR A 191 -8.37 12.33 -16.73
N GLU A 192 -8.46 12.67 -15.46
CA GLU A 192 -8.32 11.71 -14.40
C GLU A 192 -9.73 11.23 -14.02
N ASN A 193 -10.73 12.00 -14.44
CA ASN A 193 -12.12 11.66 -14.10
C ASN A 193 -12.77 10.79 -15.16
N LEU A 194 -12.09 9.69 -15.48
CA LEU A 194 -12.57 8.77 -16.51
C LEU A 194 -12.19 7.32 -16.25
N ALA A 195 -13.06 6.42 -16.66
CA ALA A 195 -12.79 5.01 -16.53
C ALA A 195 -13.35 4.32 -17.76
N VAL A 196 -12.53 3.52 -18.41
CA VAL A 196 -13.02 2.77 -19.55
C VAL A 196 -13.32 1.35 -19.04
N ILE A 197 -14.47 0.82 -19.43
CA ILE A 197 -14.88 -0.53 -19.01
C ILE A 197 -14.97 -1.43 -20.23
N ARG A 198 -14.40 -2.63 -20.11
CA ARG A 198 -14.37 -3.62 -21.20
C ARG A 198 -14.79 -4.97 -20.63
N THR A 199 -15.05 -5.93 -21.50
CA THR A 199 -15.42 -7.28 -21.05
C THR A 199 -14.85 -8.36 -21.98
N PHE A 200 -14.97 -9.62 -21.57
CA PHE A 200 -14.52 -10.77 -22.37
C PHE A 200 -15.74 -11.54 -22.87
N SER A 201 -16.92 -11.12 -22.38
CA SER A 201 -18.17 -11.81 -22.72
C SER A 201 -18.57 -11.87 -24.19
N LYS A 202 -18.31 -10.80 -24.94
CA LYS A 202 -18.74 -10.78 -26.34
C LYS A 202 -17.71 -11.25 -27.37
N ALA A 203 -16.59 -10.56 -27.48
CA ALA A 203 -15.56 -10.91 -28.46
C ALA A 203 -14.83 -12.22 -28.19
N PHE A 204 -14.88 -12.69 -26.95
CA PHE A 204 -14.15 -13.90 -26.59
C PHE A 204 -15.02 -15.08 -26.20
N SER A 205 -16.31 -14.99 -26.51
CA SER A 205 -17.22 -16.10 -26.22
C SER A 205 -16.98 -16.56 -24.79
N LEU A 206 -17.11 -15.63 -23.84
CA LEU A 206 -16.85 -15.97 -22.46
C LEU A 206 -17.89 -15.37 -21.51
N ALA A 207 -19.08 -15.16 -22.01
CA ALA A 207 -20.17 -14.55 -21.25
C ALA A 207 -20.49 -15.30 -19.97
N ALA A 208 -20.39 -16.63 -20.04
CA ALA A 208 -20.66 -17.53 -18.94
C ALA A 208 -19.66 -17.51 -17.79
N GLN A 209 -18.42 -17.06 -18.04
CA GLN A 209 -17.33 -17.00 -17.06
C GLN A 209 -17.16 -15.66 -16.34
N ARG A 210 -17.97 -14.67 -16.70
CA ARG A 210 -17.97 -13.38 -16.02
C ARG A 210 -16.64 -12.69 -15.74
N VAL A 211 -16.07 -12.07 -16.77
CA VAL A 211 -14.83 -11.32 -16.59
C VAL A 211 -14.88 -9.97 -17.32
N GLY A 212 -14.84 -8.90 -16.53
CA GLY A 212 -14.80 -7.56 -17.10
C GLY A 212 -13.58 -6.85 -16.56
N TYR A 213 -13.19 -5.70 -17.11
CA TYR A 213 -12.03 -5.00 -16.56
C TYR A 213 -12.14 -3.50 -16.74
N VAL A 214 -11.37 -2.76 -15.95
CA VAL A 214 -11.42 -1.31 -15.94
C VAL A 214 -10.05 -0.69 -16.06
N VAL A 215 -10.00 0.41 -16.80
CA VAL A 215 -8.77 1.14 -17.04
C VAL A 215 -9.06 2.56 -16.63
N ALA A 216 -8.36 3.02 -15.61
CA ALA A 216 -8.60 4.37 -15.15
C ALA A 216 -7.41 4.87 -14.40
N SER A 217 -7.56 6.08 -13.86
CA SER A 217 -6.53 6.71 -13.06
C SER A 217 -6.25 5.84 -11.83
N GLU A 218 -5.05 5.96 -11.32
CA GLU A 218 -4.62 5.23 -10.16
C GLU A 218 -5.52 5.53 -8.97
N LYS A 219 -5.94 6.79 -8.83
CA LYS A 219 -6.78 7.13 -7.69
C LYS A 219 -8.09 6.40 -7.83
N PHE A 220 -8.66 6.39 -9.03
CA PHE A 220 -9.91 5.67 -9.17
C PHE A 220 -9.72 4.16 -8.93
N ILE A 221 -8.74 3.55 -9.60
CA ILE A 221 -8.52 2.13 -9.43
C ILE A 221 -8.40 1.78 -7.93
N ASP A 222 -7.66 2.59 -7.20
CA ASP A 222 -7.48 2.36 -5.77
C ASP A 222 -8.82 2.40 -5.00
N ALA A 223 -9.67 3.41 -5.26
CA ALA A 223 -10.95 3.48 -4.55
C ALA A 223 -11.89 2.33 -4.94
N TYR A 224 -11.84 1.95 -6.20
CA TYR A 224 -12.67 0.88 -6.73
C TYR A 224 -12.29 -0.44 -6.05
N ASN A 225 -10.99 -0.66 -5.94
CA ASN A 225 -10.45 -1.85 -5.31
C ASN A 225 -10.81 -1.96 -3.82
N ARG A 226 -11.19 -0.85 -3.18
CA ARG A 226 -11.58 -0.90 -1.77
C ARG A 226 -13.08 -1.15 -1.60
N VAL A 227 -13.87 -0.84 -2.62
CA VAL A 227 -15.33 -0.98 -2.55
C VAL A 227 -15.86 -2.29 -3.07
N ARG A 228 -15.18 -2.86 -4.06
CA ARG A 228 -15.57 -4.15 -4.59
C ARG A 228 -15.25 -5.31 -3.63
N LEU A 229 -15.80 -6.47 -3.95
CA LEU A 229 -15.53 -7.69 -3.21
C LEU A 229 -14.05 -8.01 -3.49
N PRO A 230 -13.30 -8.46 -2.46
CA PRO A 230 -11.88 -8.79 -2.60
C PRO A 230 -11.65 -9.86 -3.67
N PHE A 231 -12.39 -10.96 -3.56
CA PHE A 231 -12.18 -12.03 -4.54
C PHE A 231 -13.41 -12.18 -5.42
N ASN A 232 -13.63 -11.17 -6.26
CA ASN A 232 -14.76 -11.13 -7.16
C ASN A 232 -14.59 -11.94 -8.45
N VAL A 233 -13.37 -12.30 -8.84
CA VAL A 233 -13.23 -13.10 -10.07
C VAL A 233 -12.50 -14.43 -9.81
N SER A 234 -13.22 -15.52 -10.04
CA SER A 234 -12.71 -16.86 -9.81
C SER A 234 -11.43 -17.16 -10.53
N TYR A 235 -10.70 -18.08 -9.93
CA TYR A 235 -9.43 -18.55 -10.42
C TYR A 235 -9.54 -19.03 -11.85
N VAL A 236 -10.46 -19.96 -12.09
CA VAL A 236 -10.63 -20.48 -13.43
C VAL A 236 -11.09 -19.41 -14.41
N SER A 237 -11.95 -18.48 -13.97
CA SER A 237 -12.41 -17.44 -14.87
C SER A 237 -11.21 -16.63 -15.33
N GLN A 238 -10.32 -16.30 -14.40
CA GLN A 238 -9.12 -15.56 -14.76
C GLN A 238 -8.23 -16.35 -15.74
N MET A 239 -8.18 -17.69 -15.61
CA MET A 239 -7.41 -18.52 -16.49
C MET A 239 -8.01 -18.43 -17.89
N PHE A 240 -9.33 -18.56 -17.97
CA PHE A 240 -10.01 -18.47 -19.26
C PHE A 240 -9.71 -17.12 -19.97
N ALA A 241 -9.75 -16.02 -19.24
CA ALA A 241 -9.46 -14.72 -19.84
C ALA A 241 -7.97 -14.68 -20.31
N LYS A 242 -7.09 -15.23 -19.48
CA LYS A 242 -5.68 -15.25 -19.84
C LYS A 242 -5.38 -16.05 -21.11
N VAL A 243 -5.91 -17.24 -21.21
CA VAL A 243 -5.62 -18.00 -22.41
C VAL A 243 -6.26 -17.31 -23.61
N ALA A 244 -7.46 -16.76 -23.45
CA ALA A 244 -8.11 -16.07 -24.56
C ALA A 244 -7.17 -14.97 -25.05
N LEU A 245 -6.64 -14.17 -24.14
CA LEU A 245 -5.70 -13.13 -24.55
C LEU A 245 -4.42 -13.68 -25.18
N ASP A 246 -3.96 -14.86 -24.72
CA ASP A 246 -2.76 -15.43 -25.33
C ASP A 246 -3.04 -15.95 -26.74
N HIS A 247 -4.30 -16.04 -27.10
CA HIS A 247 -4.65 -16.49 -28.43
C HIS A 247 -5.61 -15.49 -29.03
N ARG A 248 -5.41 -14.21 -28.70
CA ARG A 248 -6.28 -13.15 -29.18
C ARG A 248 -6.53 -13.12 -30.71
N GLU A 249 -5.66 -13.71 -31.51
CA GLU A 249 -5.91 -13.71 -32.96
C GLU A 249 -7.06 -14.61 -33.41
N ILE A 250 -7.33 -15.68 -32.66
CA ILE A 250 -8.44 -16.52 -33.09
C ILE A 250 -9.78 -15.77 -32.94
N PHE A 251 -9.83 -14.83 -31.99
CA PHE A 251 -11.07 -14.11 -31.78
C PHE A 251 -11.23 -12.93 -32.68
N GLU A 252 -10.11 -12.39 -33.15
CA GLU A 252 -10.18 -11.25 -34.06
C GLU A 252 -10.72 -11.76 -35.39
N GLU A 253 -10.45 -13.02 -35.68
CA GLU A 253 -10.93 -13.62 -36.91
C GLU A 253 -12.45 -13.76 -36.83
N ARG A 254 -12.92 -14.25 -35.68
CA ARG A 254 -14.35 -14.43 -35.49
C ARG A 254 -15.03 -13.07 -35.52
N THR A 255 -14.38 -12.10 -34.89
CA THR A 255 -14.94 -10.77 -34.85
C THR A 255 -14.97 -10.16 -36.24
N LYS A 256 -13.98 -10.46 -37.06
CA LYS A 256 -13.96 -9.90 -38.39
C LYS A 256 -15.19 -10.44 -39.13
N PHE A 257 -15.45 -11.73 -38.94
CA PHE A 257 -16.60 -12.38 -39.53
C PHE A 257 -17.89 -11.73 -38.99
N ILE A 258 -17.92 -11.47 -37.69
CA ILE A 258 -19.10 -10.88 -37.10
C ILE A 258 -19.41 -9.53 -37.73
N VAL A 259 -18.41 -8.68 -37.90
CA VAL A 259 -18.66 -7.36 -38.47
C VAL A 259 -19.08 -7.44 -39.94
N GLU A 260 -18.53 -8.41 -40.68
CA GLU A 260 -18.87 -8.55 -42.09
C GLU A 260 -20.33 -8.82 -42.19
N GLU A 261 -20.73 -9.81 -41.41
CA GLU A 261 -22.12 -10.23 -41.31
C GLU A 261 -22.99 -9.01 -40.92
N ARG A 262 -22.54 -8.21 -39.96
CA ARG A 262 -23.32 -7.05 -39.52
C ARG A 262 -23.55 -6.05 -40.67
N GLU A 263 -22.46 -5.70 -41.36
CA GLU A 263 -22.56 -4.76 -42.45
C GLU A 263 -23.41 -5.34 -43.58
N ARG A 264 -23.27 -6.64 -43.79
CA ARG A 264 -24.03 -7.30 -44.83
C ARG A 264 -25.54 -7.21 -44.50
N MET A 265 -25.92 -7.52 -43.26
CA MET A 265 -27.33 -7.44 -42.87
C MET A 265 -27.81 -5.98 -42.92
N LYS A 266 -26.95 -5.06 -42.54
CA LYS A 266 -27.31 -3.67 -42.57
C LYS A 266 -27.66 -3.20 -43.99
N SER A 267 -26.90 -3.64 -44.99
CA SER A 267 -27.20 -3.23 -46.37
C SER A 267 -28.51 -3.83 -46.83
N ALA A 268 -28.73 -5.10 -46.52
CA ALA A 268 -29.95 -5.78 -46.93
C ALA A 268 -31.18 -5.17 -46.30
N LEU A 269 -31.09 -4.81 -45.02
CA LEU A 269 -32.23 -4.23 -44.35
C LEU A 269 -32.56 -2.86 -44.96
N ARG A 270 -31.53 -2.04 -45.17
CA ARG A 270 -31.73 -0.71 -45.76
C ARG A 270 -32.44 -0.92 -47.08
N GLU A 271 -31.87 -1.82 -47.89
CA GLU A 271 -32.39 -2.17 -49.20
C GLU A 271 -33.84 -2.54 -49.11
N MET A 272 -34.20 -3.36 -48.13
CA MET A 272 -35.57 -3.80 -47.97
C MET A 272 -36.49 -2.66 -47.59
N GLY A 273 -35.92 -1.54 -47.15
CA GLY A 273 -36.76 -0.43 -46.75
C GLY A 273 -36.84 -0.18 -45.24
N TYR A 274 -36.19 -1.01 -44.43
CA TYR A 274 -36.22 -0.79 -42.99
C TYR A 274 -35.27 0.32 -42.57
N ARG A 275 -35.70 1.03 -41.54
CA ARG A 275 -34.93 2.13 -40.94
C ARG A 275 -34.06 1.52 -39.81
N ILE A 276 -32.74 1.61 -39.95
CA ILE A 276 -31.83 1.06 -38.92
C ILE A 276 -30.80 2.08 -38.40
N THR A 277 -30.13 1.73 -37.30
CA THR A 277 -29.08 2.59 -36.76
C THR A 277 -27.80 2.13 -37.42
N ASP A 278 -26.75 2.94 -37.28
CA ASP A 278 -25.46 2.59 -37.85
C ASP A 278 -24.71 1.86 -36.73
N SER A 279 -25.14 0.65 -36.40
CA SER A 279 -24.53 -0.13 -35.33
C SER A 279 -23.10 -0.57 -35.61
N ARG A 280 -22.26 -0.43 -34.58
CA ARG A 280 -20.86 -0.82 -34.66
C ARG A 280 -20.61 -1.87 -33.59
N GLY A 281 -21.68 -2.57 -33.20
CA GLY A 281 -21.57 -3.63 -32.22
C GLY A 281 -21.67 -4.98 -32.91
N ASN A 282 -22.03 -6.01 -32.16
CA ASN A 282 -22.18 -7.35 -32.71
C ASN A 282 -23.66 -7.66 -32.88
N PHE A 283 -24.41 -6.68 -33.38
CA PHE A 283 -25.84 -6.84 -33.59
C PHE A 283 -26.36 -5.65 -34.41
N VAL A 284 -27.59 -5.74 -34.89
CA VAL A 284 -28.18 -4.62 -35.59
C VAL A 284 -29.41 -4.18 -34.79
N PHE A 285 -29.87 -2.96 -35.08
CA PHE A 285 -31.07 -2.47 -34.44
C PHE A 285 -32.07 -2.08 -35.54
N VAL A 286 -33.26 -2.67 -35.47
CA VAL A 286 -34.31 -2.40 -36.44
C VAL A 286 -35.46 -1.62 -35.80
N PHE A 287 -35.74 -0.43 -36.31
CA PHE A 287 -36.84 0.37 -35.76
C PHE A 287 -38.17 -0.21 -36.27
N MET A 288 -39.15 -0.34 -35.39
CA MET A 288 -40.45 -0.86 -35.77
C MET A 288 -41.54 -0.23 -34.90
N GLU A 289 -42.62 0.17 -35.55
CA GLU A 289 -43.74 0.81 -34.88
C GLU A 289 -44.52 -0.19 -34.03
N LYS A 290 -44.03 -0.37 -32.82
CA LYS A 290 -44.58 -1.24 -31.80
C LYS A 290 -45.61 -2.31 -32.19
N GLU A 291 -46.77 -1.91 -32.70
CA GLU A 291 -47.78 -2.88 -33.09
C GLU A 291 -47.23 -3.94 -34.04
N GLU A 292 -46.67 -3.50 -35.17
CA GLU A 292 -46.11 -4.46 -36.12
C GLU A 292 -44.98 -5.27 -35.49
N LYS A 293 -44.25 -4.66 -34.57
CA LYS A 293 -43.16 -5.35 -33.89
C LYS A 293 -43.73 -6.59 -33.19
N GLU A 294 -44.86 -6.41 -32.52
CA GLU A 294 -45.55 -7.48 -31.81
C GLU A 294 -45.83 -8.65 -32.74
N ARG A 295 -46.14 -8.31 -33.99
CA ARG A 295 -46.44 -9.30 -35.01
C ARG A 295 -45.21 -10.16 -35.22
N LEU A 296 -44.10 -9.52 -35.54
CA LEU A 296 -42.85 -10.22 -35.76
C LEU A 296 -42.51 -11.13 -34.59
N LEU A 297 -42.49 -10.57 -33.40
CA LEU A 297 -42.19 -11.33 -32.20
C LEU A 297 -43.00 -12.64 -32.11
N GLU A 298 -44.30 -12.53 -32.35
CA GLU A 298 -45.18 -13.70 -32.34
C GLU A 298 -44.75 -14.65 -33.47
N HIS A 299 -44.62 -14.12 -34.66
CA HIS A 299 -44.19 -14.92 -35.80
C HIS A 299 -42.96 -15.71 -35.43
N LEU A 300 -41.90 -14.99 -35.07
CA LEU A 300 -40.63 -15.59 -34.65
C LEU A 300 -40.87 -16.61 -33.54
N ARG A 301 -41.78 -16.28 -32.63
CA ARG A 301 -42.11 -17.12 -31.51
C ARG A 301 -42.62 -18.44 -32.11
N THR A 302 -43.10 -18.35 -33.34
CA THR A 302 -43.63 -19.51 -34.05
C THR A 302 -42.51 -20.30 -34.71
N LYS A 303 -41.41 -19.63 -35.01
CA LYS A 303 -40.30 -20.30 -35.65
C LYS A 303 -39.18 -20.62 -34.65
N ASN A 304 -39.48 -20.44 -33.36
CA ASN A 304 -38.51 -20.68 -32.30
C ASN A 304 -37.33 -19.73 -32.41
N VAL A 305 -37.63 -18.48 -32.73
CA VAL A 305 -36.61 -17.46 -32.89
C VAL A 305 -36.79 -16.31 -31.90
N ALA A 306 -35.74 -16.00 -31.14
CA ALA A 306 -35.80 -14.90 -30.18
C ALA A 306 -34.82 -13.75 -30.42
N VAL A 307 -35.38 -12.54 -30.54
CA VAL A 307 -34.59 -11.32 -30.71
C VAL A 307 -34.89 -10.46 -29.45
N ARG A 308 -34.20 -9.36 -29.29
CA ARG A 308 -34.48 -8.51 -28.15
C ARG A 308 -35.40 -7.35 -28.54
N SER A 309 -36.47 -7.16 -27.77
CA SER A 309 -37.39 -6.08 -28.04
C SER A 309 -37.12 -4.86 -27.15
N PHE A 310 -37.11 -3.67 -27.75
CA PHE A 310 -36.95 -2.43 -26.99
C PHE A 310 -38.07 -1.51 -27.41
N ARG A 311 -38.20 -0.37 -26.74
CA ARG A 311 -39.30 0.56 -27.07
C ARG A 311 -39.37 0.99 -28.53
N GLU A 312 -38.22 1.24 -29.19
CA GLU A 312 -38.26 1.65 -30.59
C GLU A 312 -38.07 0.58 -31.64
N GLY A 313 -37.87 -0.67 -31.21
CA GLY A 313 -37.70 -1.72 -32.21
C GLY A 313 -37.03 -2.95 -31.68
N VAL A 314 -36.32 -3.64 -32.56
CA VAL A 314 -35.66 -4.87 -32.15
C VAL A 314 -34.16 -4.84 -32.40
N ARG A 315 -33.43 -5.42 -31.47
CA ARG A 315 -31.99 -5.52 -31.58
C ARG A 315 -31.75 -7.00 -31.87
N ILE A 316 -31.17 -7.26 -33.02
CA ILE A 316 -30.89 -8.60 -33.43
C ILE A 316 -29.38 -8.82 -33.39
N THR A 317 -28.99 -9.83 -32.61
CA THR A 317 -27.61 -10.21 -32.45
C THR A 317 -27.15 -11.01 -33.68
N ILE A 318 -25.90 -10.88 -34.06
CA ILE A 318 -25.37 -11.60 -35.18
C ILE A 318 -24.99 -13.01 -34.75
N GLY A 319 -25.55 -13.98 -35.44
CA GLY A 319 -25.25 -15.36 -35.15
C GLY A 319 -24.54 -15.94 -36.35
N LYS A 320 -24.67 -17.24 -36.54
CA LYS A 320 -24.02 -17.90 -37.67
C LYS A 320 -24.70 -17.46 -38.94
N ARG A 321 -23.99 -17.61 -40.06
CA ARG A 321 -24.49 -17.23 -41.38
C ARG A 321 -25.93 -17.66 -41.65
N GLU A 322 -26.24 -18.90 -41.29
CA GLU A 322 -27.59 -19.42 -41.48
C GLU A 322 -28.61 -18.58 -40.71
N GLU A 323 -28.42 -18.42 -39.40
CA GLU A 323 -29.34 -17.66 -38.56
C GLU A 323 -29.58 -16.29 -39.16
N ASN A 324 -28.49 -15.68 -39.64
CA ASN A 324 -28.60 -14.36 -40.23
C ASN A 324 -29.44 -14.43 -41.50
N ASP A 325 -29.21 -15.45 -42.30
CA ASP A 325 -29.97 -15.61 -43.53
C ASP A 325 -31.47 -15.70 -43.27
N MET A 326 -31.87 -16.58 -42.35
CA MET A 326 -33.27 -16.76 -42.04
C MET A 326 -33.85 -15.45 -41.51
N ILE A 327 -33.04 -14.69 -40.79
CA ILE A 327 -33.48 -13.40 -40.26
C ILE A 327 -33.78 -12.41 -41.37
N LEU A 328 -32.92 -12.36 -42.39
CA LEU A 328 -33.15 -11.43 -43.48
C LEU A 328 -34.39 -11.88 -44.25
N ARG A 329 -34.51 -13.20 -44.42
CA ARG A 329 -35.64 -13.81 -45.12
C ARG A 329 -36.92 -13.51 -44.36
N GLU A 330 -36.88 -13.69 -43.05
CA GLU A 330 -38.05 -13.44 -42.23
C GLU A 330 -38.47 -11.99 -42.37
N LEU A 331 -37.54 -11.06 -42.19
CA LEU A 331 -37.89 -9.65 -42.33
C LEU A 331 -38.34 -9.35 -43.76
N GLU A 332 -37.90 -10.16 -44.71
CA GLU A 332 -38.27 -9.95 -46.09
C GLU A 332 -39.75 -10.27 -46.27
N VAL A 333 -40.13 -11.50 -45.92
CA VAL A 333 -41.52 -11.90 -46.06
C VAL A 333 -42.42 -11.12 -45.13
N PHE A 334 -41.85 -10.12 -44.46
CA PHE A 334 -42.60 -9.29 -43.53
C PHE A 334 -42.47 -7.81 -43.89
N LYS A 335 -42.95 -6.98 -43.09
N MET B 1 -13.08 14.26 -8.30
CA MET B 1 -11.65 14.02 -7.93
C MET B 1 -11.45 13.99 -6.41
N ASN B 2 -11.80 15.08 -5.75
CA ASN B 2 -11.65 15.16 -4.30
C ASN B 2 -12.59 14.23 -3.54
N PRO B 3 -13.86 14.12 -3.97
CA PRO B 3 -14.80 13.25 -3.26
C PRO B 3 -14.46 11.77 -3.35
N LEU B 4 -13.69 11.39 -4.38
CA LEU B 4 -13.31 9.99 -4.56
C LEU B 4 -12.27 9.60 -3.53
N ASP B 5 -11.45 10.57 -3.15
CA ASP B 5 -10.45 10.30 -2.13
C ASP B 5 -11.24 10.15 -0.84
N LEU B 6 -12.40 10.80 -0.80
CA LEU B 6 -13.28 10.74 0.36
C LEU B 6 -13.89 9.34 0.43
N ILE B 7 -14.05 8.71 -0.73
CA ILE B 7 -14.60 7.35 -0.81
C ILE B 7 -13.54 6.48 -0.17
N ALA B 8 -12.30 6.71 -0.59
CA ALA B 8 -11.17 5.99 -0.01
C ALA B 8 -11.16 6.66 1.36
N LYS B 9 -10.23 6.30 2.23
CA LYS B 9 -10.22 6.93 3.55
C LYS B 9 -11.48 6.60 4.37
N ARG B 10 -12.53 6.12 3.70
CA ARG B 10 -13.76 5.72 4.38
C ARG B 10 -13.74 4.17 4.47
N ALA B 11 -13.01 3.56 3.55
CA ALA B 11 -12.93 2.11 3.51
C ALA B 11 -11.51 1.70 3.71
N TYR B 12 -11.31 0.47 4.16
CA TYR B 12 -9.95 -0.01 4.33
C TYR B 12 -9.30 -0.16 2.99
N PRO B 13 -8.00 0.12 2.95
CA PRO B 13 -7.24 0.00 1.70
C PRO B 13 -7.22 -1.46 1.24
N TYR B 14 -7.27 -1.62 -0.08
CA TYR B 14 -7.24 -2.93 -0.70
C TYR B 14 -5.83 -3.48 -0.66
N GLU B 15 -5.70 -4.71 -0.17
CA GLU B 15 -4.39 -5.34 -0.09
C GLU B 15 -4.55 -6.83 -0.39
N THR B 16 -3.45 -7.45 -0.82
CA THR B 16 -3.47 -8.87 -1.09
C THR B 16 -2.52 -9.55 -0.09
N GLU B 17 -2.79 -10.83 0.20
CA GLU B 17 -1.99 -11.58 1.17
C GLU B 17 -0.73 -12.11 0.54
N LYS B 18 0.32 -12.26 1.33
CA LYS B 18 1.59 -12.81 0.86
C LYS B 18 1.76 -14.11 1.64
N ARG B 19 1.29 -15.20 1.06
CA ARG B 19 1.30 -16.52 1.70
C ARG B 19 2.67 -17.08 2.07
N ASP B 20 2.80 -17.56 3.29
CA ASP B 20 4.06 -18.16 3.69
C ASP B 20 4.07 -19.62 3.25
N LYS B 21 5.14 -20.33 3.58
CA LYS B 21 5.27 -21.72 3.20
C LYS B 21 4.19 -22.58 3.83
N THR B 22 3.86 -22.30 5.08
CA THR B 22 2.80 -23.03 5.75
C THR B 22 1.79 -21.93 6.14
N TYR B 23 0.74 -21.85 5.34
CA TYR B 23 -0.33 -20.86 5.51
C TYR B 23 -1.52 -21.44 6.23
N LEU B 24 -1.83 -20.89 7.39
CA LEU B 24 -2.95 -21.35 8.20
C LEU B 24 -3.67 -20.13 8.74
N ALA B 25 -3.81 -19.09 7.91
CA ALA B 25 -4.43 -17.85 8.38
C ALA B 25 -5.75 -17.42 7.73
N LEU B 26 -6.27 -18.23 6.82
CA LEU B 26 -7.52 -17.91 6.10
C LEU B 26 -8.59 -19.00 6.06
N ASN B 27 -8.56 -19.91 7.02
CA ASN B 27 -9.54 -20.99 7.07
C ASN B 27 -9.81 -21.74 5.76
N GLU B 28 -8.78 -21.90 4.93
CA GLU B 28 -8.94 -22.63 3.68
C GLU B 28 -8.80 -24.13 3.98
N ASN B 29 -9.44 -24.97 3.17
CA ASN B 29 -9.36 -26.42 3.27
C ASN B 29 -7.91 -26.78 2.91
N PRO B 30 -7.32 -27.75 3.64
CA PRO B 30 -5.92 -28.16 3.38
C PRO B 30 -5.64 -28.93 2.10
N PHE B 31 -6.66 -29.63 1.59
CA PHE B 31 -6.51 -30.47 0.41
C PHE B 31 -6.99 -29.79 -0.86
N PRO B 32 -6.31 -30.03 -1.98
CA PRO B 32 -6.74 -29.40 -3.22
C PRO B 32 -8.05 -30.02 -3.66
N PHE B 33 -8.72 -29.36 -4.58
CA PHE B 33 -9.94 -29.94 -5.08
C PHE B 33 -9.49 -31.27 -5.71
N PRO B 34 -10.27 -32.33 -5.49
CA PRO B 34 -9.92 -33.64 -6.07
C PRO B 34 -9.63 -33.57 -7.57
N GLU B 35 -8.44 -34.00 -7.96
CA GLU B 35 -8.06 -33.94 -9.37
C GLU B 35 -8.98 -34.68 -10.34
N ASP B 36 -9.50 -35.83 -9.96
CA ASP B 36 -10.40 -36.54 -10.87
C ASP B 36 -11.74 -35.81 -11.01
N LEU B 37 -12.07 -34.95 -10.04
CA LEU B 37 -13.31 -34.19 -10.10
C LEU B 37 -13.12 -32.96 -11.00
N VAL B 38 -11.89 -32.46 -11.08
CA VAL B 38 -11.58 -31.32 -11.94
C VAL B 38 -11.79 -31.88 -13.35
N ASP B 39 -11.27 -33.11 -13.58
CA ASP B 39 -11.42 -33.79 -14.87
C ASP B 39 -12.91 -34.07 -15.18
N GLU B 40 -13.67 -34.43 -14.15
CA GLU B 40 -15.10 -34.63 -14.36
C GLU B 40 -15.66 -33.31 -14.88
N VAL B 41 -15.37 -32.21 -14.19
CA VAL B 41 -15.86 -30.91 -14.60
C VAL B 41 -15.42 -30.60 -16.02
N PHE B 42 -14.15 -30.83 -16.34
CA PHE B 42 -13.65 -30.59 -17.69
C PHE B 42 -14.49 -31.37 -18.69
N ARG B 43 -14.81 -32.62 -18.37
CA ARG B 43 -15.63 -33.45 -19.27
C ARG B 43 -17.10 -33.11 -19.39
N ARG B 44 -17.69 -32.51 -18.37
CA ARG B 44 -19.11 -32.13 -18.45
C ARG B 44 -19.26 -30.73 -19.11
N LEU B 45 -18.13 -30.07 -19.30
CA LEU B 45 -18.11 -28.74 -19.87
C LEU B 45 -18.49 -28.62 -21.35
N ASN B 46 -19.56 -27.91 -21.65
CA ASN B 46 -20.03 -27.73 -22.99
C ASN B 46 -19.42 -26.44 -23.51
N SER B 47 -18.37 -26.54 -24.35
CA SER B 47 -17.71 -25.33 -24.84
C SER B 47 -18.69 -24.33 -25.44
N ASP B 48 -19.81 -24.78 -25.95
CA ASP B 48 -20.75 -23.86 -26.53
C ASP B 48 -21.50 -23.08 -25.44
N ALA B 49 -21.56 -23.64 -24.23
CA ALA B 49 -22.24 -22.99 -23.13
C ALA B 49 -21.42 -21.79 -22.61
N LEU B 50 -20.12 -21.77 -22.91
CA LEU B 50 -19.27 -20.67 -22.46
C LEU B 50 -19.62 -19.30 -23.05
N ARG B 51 -20.14 -19.29 -24.28
CA ARG B 51 -20.50 -18.06 -25.00
C ARG B 51 -21.85 -17.44 -24.57
N ILE B 52 -22.58 -18.13 -23.71
CA ILE B 52 -23.88 -17.61 -23.36
C ILE B 52 -23.93 -17.11 -21.94
N TYR B 53 -24.98 -16.36 -21.64
CA TYR B 53 -25.19 -15.85 -20.31
C TYR B 53 -25.85 -17.05 -19.65
N TYR B 54 -25.17 -17.57 -18.63
CA TYR B 54 -25.61 -18.77 -17.94
C TYR B 54 -26.33 -18.50 -16.61
N ASP B 55 -27.58 -18.95 -16.51
CA ASP B 55 -28.41 -18.78 -15.32
C ASP B 55 -27.52 -19.03 -14.14
N SER B 56 -27.35 -18.02 -13.30
CA SER B 56 -26.41 -18.21 -12.21
C SER B 56 -27.05 -19.18 -11.30
N PRO B 57 -28.24 -18.85 -10.84
CA PRO B 57 -28.59 -20.01 -10.01
C PRO B 57 -28.98 -21.07 -11.08
N ASP B 58 -28.17 -22.12 -11.26
CA ASP B 58 -28.51 -23.17 -12.22
C ASP B 58 -29.67 -23.97 -11.63
N GLU B 59 -30.57 -24.39 -12.50
CA GLU B 59 -31.73 -25.15 -12.09
C GLU B 59 -31.28 -26.44 -11.40
N GLU B 60 -30.38 -27.16 -12.03
CA GLU B 60 -29.94 -28.39 -11.41
C GLU B 60 -29.06 -28.16 -10.20
N LEU B 61 -28.37 -27.03 -10.14
CA LEU B 61 -27.55 -26.78 -8.96
C LEU B 61 -28.45 -26.57 -7.73
N ILE B 62 -29.58 -25.89 -7.90
CA ILE B 62 -30.51 -25.69 -6.80
C ILE B 62 -30.99 -27.07 -6.33
N GLU B 63 -31.34 -27.92 -7.30
CA GLU B 63 -31.80 -29.26 -7.00
C GLU B 63 -30.78 -29.97 -6.13
N LYS B 64 -29.51 -29.95 -6.55
CA LYS B 64 -28.48 -30.59 -5.75
C LYS B 64 -28.38 -29.98 -4.34
N ILE B 65 -28.51 -28.66 -4.27
CA ILE B 65 -28.46 -28.00 -2.98
C ILE B 65 -29.64 -28.52 -2.15
N LEU B 66 -30.85 -28.50 -2.70
CA LEU B 66 -32.01 -28.98 -1.97
C LEU B 66 -31.70 -30.37 -1.43
N SER B 67 -31.27 -31.23 -2.36
CA SER B 67 -30.94 -32.59 -2.07
C SER B 67 -30.04 -32.62 -0.85
N TYR B 68 -28.95 -31.84 -0.91
CA TYR B 68 -27.98 -31.72 0.17
C TYR B 68 -28.62 -31.26 1.48
N LEU B 69 -29.51 -30.27 1.43
CA LEU B 69 -30.17 -29.80 2.64
C LEU B 69 -31.08 -30.89 3.19
N ASP B 70 -31.56 -31.76 2.31
CA ASP B 70 -32.37 -32.90 2.74
C ASP B 70 -33.48 -32.60 3.71
N THR B 71 -34.29 -31.60 3.41
CA THR B 71 -35.41 -31.25 4.27
C THR B 71 -36.63 -31.75 3.55
N ASP B 72 -37.78 -31.55 4.19
CA ASP B 72 -39.06 -31.95 3.64
C ASP B 72 -39.94 -30.72 3.45
N PHE B 73 -39.38 -29.53 3.59
CA PHE B 73 -40.21 -28.35 3.41
C PHE B 73 -39.68 -27.37 2.41
N LEU B 74 -38.40 -27.48 2.06
CA LEU B 74 -37.82 -26.54 1.11
C LEU B 74 -38.10 -26.81 -0.36
N SER B 75 -38.14 -25.75 -1.16
CA SER B 75 -38.33 -25.85 -2.60
C SER B 75 -37.30 -24.92 -3.25
N LYS B 76 -37.19 -24.99 -4.57
CA LYS B 76 -36.23 -24.16 -5.27
C LYS B 76 -36.38 -22.68 -4.94
N ASN B 77 -37.61 -22.29 -4.59
CA ASN B 77 -37.89 -20.90 -4.23
C ASN B 77 -37.22 -20.43 -2.94
N ASN B 78 -36.65 -21.35 -2.17
CA ASN B 78 -36.01 -21.01 -0.91
C ASN B 78 -34.50 -20.97 -1.00
N VAL B 79 -33.98 -21.10 -2.21
CA VAL B 79 -32.54 -21.11 -2.38
C VAL B 79 -31.99 -20.21 -3.50
N SER B 80 -30.83 -19.62 -3.25
CA SER B 80 -30.15 -18.82 -4.26
C SER B 80 -28.65 -18.89 -3.97
N VAL B 81 -27.86 -18.47 -4.96
CA VAL B 81 -26.42 -18.50 -4.85
C VAL B 81 -25.73 -17.13 -4.80
N GLY B 82 -24.46 -17.17 -4.43
CA GLY B 82 -23.67 -15.98 -4.33
C GLY B 82 -22.27 -16.27 -4.87
N ASN B 83 -21.61 -15.21 -5.32
CA ASN B 83 -20.28 -15.25 -5.86
C ASN B 83 -19.47 -15.32 -4.59
N GLY B 84 -19.59 -16.45 -3.89
CA GLY B 84 -18.97 -16.60 -2.59
C GLY B 84 -20.05 -16.18 -1.57
N ALA B 85 -20.02 -16.71 -0.34
CA ALA B 85 -20.99 -16.29 0.67
C ALA B 85 -20.72 -14.80 0.90
N ASP B 86 -19.50 -14.39 0.56
CA ASP B 86 -19.08 -13.00 0.66
C ASP B 86 -20.06 -12.03 -0.05
N GLU B 87 -20.48 -12.39 -1.25
CA GLU B 87 -21.39 -11.52 -2.00
C GLU B 87 -22.77 -11.48 -1.38
N ILE B 88 -23.18 -12.60 -0.83
CA ILE B 88 -24.47 -12.70 -0.19
C ILE B 88 -24.55 -11.71 0.99
N ILE B 89 -23.47 -11.67 1.76
CA ILE B 89 -23.36 -10.78 2.91
C ILE B 89 -23.32 -9.34 2.38
N TYR B 90 -22.46 -9.14 1.39
CA TYR B 90 -22.29 -7.85 0.78
C TYR B 90 -23.61 -7.32 0.24
N VAL B 91 -24.32 -8.10 -0.57
CA VAL B 91 -25.58 -7.57 -1.07
C VAL B 91 -26.58 -7.43 0.05
N MET B 92 -26.57 -8.35 1.01
CA MET B 92 -27.48 -8.25 2.13
C MET B 92 -27.33 -6.91 2.83
N MET B 93 -26.11 -6.37 2.84
CA MET B 93 -25.90 -5.06 3.48
C MET B 93 -26.50 -3.91 2.65
N LEU B 94 -26.79 -4.19 1.38
CA LEU B 94 -27.37 -3.18 0.52
C LEU B 94 -28.89 -3.18 0.70
N MET B 95 -29.39 -4.33 1.17
CA MET B 95 -30.80 -4.51 1.36
C MET B 95 -31.38 -3.92 2.64
N PHE B 96 -30.68 -4.00 3.76
CA PHE B 96 -31.25 -3.50 5.00
C PHE B 96 -30.78 -2.12 5.44
N ASP B 97 -31.57 -1.51 6.32
CA ASP B 97 -31.28 -0.17 6.83
C ASP B 97 -30.01 -0.11 7.63
N ARG B 98 -29.73 -1.15 8.41
CA ARG B 98 -28.52 -1.16 9.23
C ARG B 98 -28.01 -2.55 9.51
N SER B 99 -26.68 -2.72 9.48
CA SER B 99 -26.09 -4.02 9.74
C SER B 99 -25.54 -4.07 11.14
N VAL B 100 -25.78 -5.19 11.82
CA VAL B 100 -25.35 -5.35 13.19
C VAL B 100 -24.56 -6.64 13.42
N PHE B 101 -23.39 -6.53 14.03
CA PHE B 101 -22.60 -7.72 14.32
C PHE B 101 -21.89 -7.56 15.63
N PHE B 102 -21.24 -8.61 16.10
CA PHE B 102 -20.61 -8.55 17.40
C PHE B 102 -19.19 -9.05 17.47
N PRO B 103 -18.24 -8.15 17.70
CA PRO B 103 -16.87 -8.63 17.76
C PRO B 103 -16.51 -9.36 19.05
N PRO B 104 -15.57 -10.31 18.98
CA PRO B 104 -14.87 -10.71 17.74
C PRO B 104 -15.80 -11.44 16.75
N THR B 105 -15.74 -11.05 15.49
CA THR B 105 -16.58 -11.63 14.45
C THR B 105 -15.84 -11.61 13.10
N TYR B 106 -16.46 -12.16 12.08
CA TYR B 106 -15.88 -12.19 10.73
C TYR B 106 -15.47 -10.75 10.37
N SER B 107 -14.16 -10.53 10.21
CA SER B 107 -13.62 -9.19 9.94
C SER B 107 -14.17 -8.51 8.70
N CYS B 108 -14.67 -9.27 7.76
CA CYS B 108 -15.18 -8.64 6.57
C CYS B 108 -16.49 -7.91 6.79
N TYR B 109 -17.22 -8.24 7.86
CA TYR B 109 -18.46 -7.55 8.11
C TYR B 109 -18.22 -6.05 8.16
N ARG B 110 -17.26 -5.63 8.98
CA ARG B 110 -16.89 -4.23 9.12
C ARG B 110 -16.39 -3.67 7.80
N ILE B 111 -15.46 -4.38 7.15
CA ILE B 111 -14.88 -3.96 5.87
C ILE B 111 -15.94 -3.74 4.83
N PHE B 112 -16.82 -4.72 4.66
CA PHE B 112 -17.84 -4.55 3.62
C PHE B 112 -18.81 -3.45 3.98
N ALA B 113 -19.15 -3.33 5.25
CA ALA B 113 -20.07 -2.29 5.65
C ALA B 113 -19.50 -0.89 5.32
N LYS B 114 -18.23 -0.68 5.62
CA LYS B 114 -17.61 0.61 5.33
C LYS B 114 -17.43 0.73 3.83
N ALA B 115 -17.12 -0.37 3.16
CA ALA B 115 -16.92 -0.33 1.73
C ALA B 115 -18.15 0.18 1.01
N VAL B 116 -19.30 -0.35 1.38
CA VAL B 116 -20.53 0.06 0.73
C VAL B 116 -21.11 1.32 1.37
N GLY B 117 -20.45 1.81 2.42
CA GLY B 117 -20.93 3.02 3.10
C GLY B 117 -22.23 2.80 3.88
N ALA B 118 -22.46 1.54 4.25
CA ALA B 118 -23.66 1.15 4.99
C ALA B 118 -23.62 1.52 6.46
N LYS B 119 -24.77 1.82 7.05
CA LYS B 119 -24.82 2.15 8.47
C LYS B 119 -24.71 0.83 9.20
N PHE B 120 -23.83 0.74 10.18
CA PHE B 120 -23.68 -0.49 10.91
C PHE B 120 -23.42 -0.22 12.40
N LEU B 121 -23.50 -1.26 13.22
CA LEU B 121 -23.24 -1.08 14.65
C LEU B 121 -22.55 -2.32 15.15
N GLU B 122 -21.53 -2.14 15.98
CA GLU B 122 -20.80 -3.28 16.53
C GLU B 122 -20.96 -3.33 18.01
N VAL B 123 -21.66 -4.34 18.52
CA VAL B 123 -21.80 -4.46 19.96
C VAL B 123 -20.95 -5.69 20.32
N PRO B 124 -19.94 -5.50 21.18
CA PRO B 124 -19.06 -6.60 21.59
C PRO B 124 -19.72 -7.71 22.38
N LEU B 125 -19.29 -8.94 22.15
CA LEU B 125 -19.84 -10.06 22.88
C LEU B 125 -19.32 -9.97 24.33
N THR B 126 -20.01 -10.65 25.23
CA THR B 126 -19.63 -10.68 26.64
C THR B 126 -18.27 -11.35 26.71
N LYS B 127 -17.66 -11.32 27.90
CA LYS B 127 -16.37 -11.94 28.09
C LYS B 127 -16.56 -13.47 27.98
N ASP B 128 -17.82 -13.88 27.93
CA ASP B 128 -18.16 -15.29 27.82
C ASP B 128 -18.51 -15.66 26.37
N LEU B 129 -18.29 -14.72 25.46
CA LEU B 129 -18.57 -14.96 24.05
C LEU B 129 -20.06 -15.14 23.81
N ARG B 130 -20.87 -14.42 24.58
CA ARG B 130 -22.31 -14.50 24.41
C ARG B 130 -22.81 -13.23 23.75
N ILE B 131 -23.94 -13.35 23.06
CA ILE B 131 -24.53 -12.23 22.38
C ILE B 131 -24.99 -11.20 23.38
N PRO B 132 -24.44 -9.99 23.30
CA PRO B 132 -24.77 -8.89 24.20
C PRO B 132 -26.22 -8.42 24.12
N GLU B 133 -26.56 -7.48 24.99
CA GLU B 133 -27.90 -6.92 24.99
C GLU B 133 -27.78 -5.89 23.90
N VAL B 134 -28.83 -5.77 23.08
CA VAL B 134 -28.79 -4.83 21.97
C VAL B 134 -30.20 -4.40 21.62
N ASN B 135 -30.33 -3.27 20.94
CA ASN B 135 -31.65 -2.78 20.54
C ASN B 135 -31.77 -2.83 19.03
N VAL B 136 -32.35 -3.92 18.53
CA VAL B 136 -32.53 -4.11 17.10
C VAL B 136 -33.97 -4.44 16.81
N GLY B 137 -34.36 -4.22 15.56
CA GLY B 137 -35.72 -4.52 15.14
C GLY B 137 -35.83 -4.56 13.64
N GLU B 138 -37.02 -4.83 13.14
CA GLU B 138 -37.24 -4.87 11.70
C GLU B 138 -36.56 -3.64 11.10
N GLY B 139 -35.61 -3.87 10.21
CA GLY B 139 -34.90 -2.77 9.59
C GLY B 139 -33.43 -3.11 9.62
N ASP B 140 -33.03 -3.82 10.67
CA ASP B 140 -31.66 -4.25 10.83
C ASP B 140 -31.45 -5.68 10.35
N VAL B 141 -30.22 -6.00 9.97
CA VAL B 141 -29.84 -7.37 9.63
C VAL B 141 -28.82 -7.63 10.73
N VAL B 142 -28.94 -8.77 11.39
CA VAL B 142 -28.00 -9.10 12.42
C VAL B 142 -27.17 -10.27 11.90
N PHE B 143 -25.88 -10.03 11.69
CA PHE B 143 -24.98 -11.03 11.17
C PHE B 143 -24.38 -11.87 12.25
N ILE B 144 -24.72 -13.15 12.23
CA ILE B 144 -24.21 -14.06 13.26
C ILE B 144 -23.56 -15.31 12.70
N PRO B 145 -22.23 -15.31 12.58
CA PRO B 145 -21.61 -16.52 12.06
C PRO B 145 -21.74 -17.56 13.16
N ASN B 146 -22.08 -18.79 12.81
CA ASN B 146 -22.22 -19.82 13.83
C ASN B 146 -22.02 -21.24 13.31
N PRO B 147 -20.90 -21.88 13.63
CA PRO B 147 -19.74 -21.45 14.43
C PRO B 147 -19.21 -20.02 14.16
N ASN B 148 -18.85 -19.32 15.22
CA ASN B 148 -18.32 -17.99 15.13
C ASN B 148 -16.92 -17.91 14.55
N ASN B 149 -16.65 -16.78 13.92
CA ASN B 149 -15.34 -16.51 13.38
C ASN B 149 -14.88 -15.32 14.21
N PRO B 150 -13.65 -15.37 14.77
CA PRO B 150 -12.68 -16.45 14.66
C PRO B 150 -12.63 -17.41 15.84
N THR B 151 -13.57 -17.27 16.76
CA THR B 151 -13.65 -18.12 17.94
C THR B 151 -14.07 -19.54 17.59
N GLY B 152 -14.93 -19.67 16.58
CA GLY B 152 -15.44 -20.96 16.17
C GLY B 152 -16.40 -21.52 17.21
N HIS B 153 -16.67 -20.74 18.26
CA HIS B 153 -17.59 -21.19 19.29
C HIS B 153 -19.01 -21.16 18.77
N VAL B 154 -19.79 -22.12 19.24
CA VAL B 154 -21.18 -22.27 18.85
C VAL B 154 -22.08 -21.50 19.82
N PHE B 155 -22.90 -20.62 19.27
CA PHE B 155 -23.83 -19.87 20.09
C PHE B 155 -24.94 -20.80 20.56
N GLU B 156 -25.59 -20.41 21.66
CA GLU B 156 -26.69 -21.18 22.22
C GLU B 156 -27.95 -20.85 21.46
N ARG B 157 -28.87 -21.82 21.36
CA ARG B 157 -30.11 -21.63 20.62
C ARG B 157 -30.96 -20.42 21.05
N GLU B 158 -31.16 -20.23 22.36
CA GLU B 158 -31.98 -19.10 22.80
C GLU B 158 -31.34 -17.76 22.47
N GLU B 159 -30.03 -17.77 22.25
CA GLU B 159 -29.30 -16.55 21.89
C GLU B 159 -29.76 -16.03 20.52
N ILE B 160 -29.76 -16.89 19.52
CA ILE B 160 -30.17 -16.49 18.19
C ILE B 160 -31.67 -16.20 18.22
N GLU B 161 -32.37 -17.08 18.93
CA GLU B 161 -33.81 -17.04 19.09
C GLU B 161 -34.25 -15.67 19.66
N ARG B 162 -33.47 -15.14 20.60
CA ARG B 162 -33.77 -13.83 21.20
C ARG B 162 -33.74 -12.72 20.16
N ILE B 163 -32.67 -12.69 19.38
CA ILE B 163 -32.51 -11.67 18.34
C ILE B 163 -33.61 -11.88 17.35
N LEU B 164 -33.84 -13.15 17.05
CA LEU B 164 -34.88 -13.55 16.14
C LEU B 164 -36.23 -12.99 16.58
N LYS B 165 -36.55 -13.10 17.86
CA LYS B 165 -37.83 -12.60 18.35
C LYS B 165 -38.00 -11.08 18.29
N THR B 166 -36.91 -10.34 18.16
CA THR B 166 -36.99 -8.87 18.10
C THR B 166 -37.51 -8.35 16.74
N GLY B 167 -37.83 -9.27 15.83
CA GLY B 167 -38.33 -8.84 14.55
C GLY B 167 -37.22 -8.39 13.63
N ALA B 168 -35.99 -8.50 14.11
CA ALA B 168 -34.82 -8.11 13.32
C ALA B 168 -34.49 -9.27 12.42
N PHE B 169 -33.97 -9.00 11.23
CA PHE B 169 -33.65 -10.09 10.32
C PHE B 169 -32.30 -10.66 10.67
N VAL B 170 -32.29 -11.96 10.89
CA VAL B 170 -31.07 -12.64 11.24
C VAL B 170 -30.48 -13.32 10.02
N ALA B 171 -29.18 -13.16 9.88
CA ALA B 171 -28.44 -13.77 8.80
C ALA B 171 -27.49 -14.69 9.54
N LEU B 172 -27.88 -15.95 9.59
CA LEU B 172 -27.10 -16.94 10.26
C LEU B 172 -26.03 -17.39 9.28
N ASP B 173 -24.83 -16.90 9.48
CA ASP B 173 -23.74 -17.25 8.59
C ASP B 173 -23.17 -18.59 8.94
N GLU B 174 -23.64 -19.63 8.27
CA GLU B 174 -23.16 -20.98 8.53
C GLU B 174 -21.99 -21.36 7.64
N ALA B 175 -21.04 -20.44 7.51
CA ALA B 175 -19.84 -20.66 6.73
C ALA B 175 -19.09 -21.92 7.20
N TYR B 176 -19.19 -22.23 8.50
CA TYR B 176 -18.49 -23.38 9.06
C TYR B 176 -19.41 -24.54 9.37
N TYR B 177 -20.65 -24.47 8.89
CA TYR B 177 -21.59 -25.55 9.14
C TYR B 177 -21.02 -26.97 9.04
N GLU B 178 -20.38 -27.27 7.92
CA GLU B 178 -19.80 -28.58 7.65
C GLU B 178 -18.92 -29.20 8.74
N PHE B 179 -18.19 -28.36 9.48
CA PHE B 179 -17.27 -28.80 10.52
C PHE B 179 -17.90 -28.94 11.89
N HIS B 180 -19.19 -28.69 11.93
CA HIS B 180 -19.99 -28.75 13.14
C HIS B 180 -21.20 -29.52 12.70
N GLY B 181 -21.97 -30.04 13.62
CA GLY B 181 -23.15 -30.78 13.19
C GLY B 181 -24.45 -30.05 12.92
N GLU B 182 -24.95 -29.32 13.91
CA GLU B 182 -26.21 -28.61 13.80
C GLU B 182 -26.30 -27.59 12.65
N SER B 183 -27.51 -27.11 12.43
CA SER B 183 -27.82 -26.12 11.41
C SER B 183 -29.18 -25.56 11.76
N TYR B 184 -29.36 -24.25 11.65
CA TYR B 184 -30.65 -23.65 11.95
C TYR B 184 -31.56 -23.59 10.72
N VAL B 185 -31.24 -24.35 9.68
CA VAL B 185 -32.08 -24.33 8.49
C VAL B 185 -33.54 -24.63 8.85
N ASP B 186 -33.75 -25.61 9.73
CA ASP B 186 -35.11 -25.98 10.14
C ASP B 186 -35.88 -24.80 10.74
N PHE B 187 -35.16 -23.86 11.36
CA PHE B 187 -35.78 -22.70 11.96
C PHE B 187 -36.54 -21.92 10.92
N LEU B 188 -36.25 -22.20 9.66
CA LEU B 188 -36.91 -21.50 8.59
C LEU B 188 -38.39 -21.84 8.59
N LYS B 189 -38.77 -22.85 9.37
CA LYS B 189 -40.16 -23.26 9.45
C LYS B 189 -40.97 -22.35 10.35
N LYS B 190 -40.32 -21.79 11.35
CA LYS B 190 -41.00 -20.89 12.29
C LYS B 190 -40.77 -19.42 11.95
N TYR B 191 -39.51 -19.05 11.74
CA TYR B 191 -39.17 -17.68 11.44
C TYR B 191 -38.99 -17.39 9.96
N GLU B 192 -39.45 -16.21 9.56
CA GLU B 192 -39.35 -15.77 8.18
C GLU B 192 -38.21 -14.77 8.07
N ASN B 193 -37.94 -14.08 9.16
CA ASN B 193 -36.89 -13.07 9.23
C ASN B 193 -35.53 -13.74 9.49
N LEU B 194 -35.24 -14.79 8.73
CA LEU B 194 -33.97 -15.51 8.88
C LEU B 194 -33.41 -16.01 7.54
N ALA B 195 -32.09 -16.09 7.48
CA ALA B 195 -31.42 -16.59 6.29
C ALA B 195 -30.15 -17.30 6.72
N VAL B 196 -29.97 -18.48 6.15
CA VAL B 196 -28.82 -19.32 6.41
C VAL B 196 -27.89 -19.19 5.23
N ILE B 197 -26.68 -18.74 5.49
CA ILE B 197 -25.66 -18.55 4.46
C ILE B 197 -24.64 -19.69 4.53
N ARG B 198 -24.41 -20.34 3.39
CA ARG B 198 -23.44 -21.44 3.30
C ARG B 198 -22.42 -21.13 2.22
N THR B 199 -21.38 -21.95 2.15
CA THR B 199 -20.35 -21.76 1.12
C THR B 199 -19.78 -23.10 0.70
N PHE B 200 -19.09 -23.11 -0.44
CA PHE B 200 -18.41 -24.32 -0.93
C PHE B 200 -16.92 -24.15 -0.66
N SER B 201 -16.61 -22.95 -0.17
CA SER B 201 -15.25 -22.52 0.11
C SER B 201 -14.45 -23.31 1.14
N LYS B 202 -15.04 -23.69 2.27
CA LYS B 202 -14.31 -24.40 3.31
C LYS B 202 -14.20 -25.90 3.17
N ALA B 203 -15.32 -26.59 3.13
CA ALA B 203 -15.32 -28.05 3.05
C ALA B 203 -15.16 -28.64 1.66
N PHE B 204 -15.37 -27.84 0.61
CA PHE B 204 -15.26 -28.37 -0.74
C PHE B 204 -14.00 -27.95 -1.50
N SER B 205 -13.12 -27.24 -0.79
CA SER B 205 -11.87 -26.77 -1.38
C SER B 205 -12.11 -26.02 -2.68
N LEU B 206 -13.09 -25.13 -2.66
CA LEU B 206 -13.47 -24.35 -3.84
C LEU B 206 -13.51 -22.82 -3.56
N ALA B 207 -12.71 -22.36 -2.60
CA ALA B 207 -12.69 -20.96 -2.22
C ALA B 207 -12.32 -20.08 -3.40
N ALA B 208 -11.51 -20.63 -4.31
CA ALA B 208 -11.05 -19.90 -5.49
C ALA B 208 -12.12 -19.73 -6.56
N GLN B 209 -13.15 -20.58 -6.52
CA GLN B 209 -14.24 -20.52 -7.50
C GLN B 209 -15.44 -19.67 -7.08
N ARG B 210 -15.49 -19.33 -5.80
CA ARG B 210 -16.54 -18.46 -5.27
C ARG B 210 -17.98 -18.89 -5.42
N VAL B 211 -18.41 -19.83 -4.58
CA VAL B 211 -19.78 -20.26 -4.64
C VAL B 211 -20.40 -20.29 -3.24
N GLY B 212 -21.41 -19.44 -2.99
CA GLY B 212 -22.08 -19.42 -1.72
C GLY B 212 -23.56 -19.63 -2.00
N TYR B 213 -24.34 -19.95 -0.98
CA TYR B 213 -25.76 -20.10 -1.23
C TYR B 213 -26.57 -19.69 -0.01
N VAL B 214 -27.79 -19.28 -0.28
CA VAL B 214 -28.65 -18.81 0.78
C VAL B 214 -29.91 -19.61 0.76
N VAL B 215 -30.36 -19.95 1.97
CA VAL B 215 -31.58 -20.70 2.18
C VAL B 215 -32.41 -19.75 3.03
N ALA B 216 -33.60 -19.40 2.54
CA ALA B 216 -34.46 -18.49 3.29
C ALA B 216 -35.88 -18.54 2.72
N SER B 217 -36.70 -17.60 3.18
CA SER B 217 -38.08 -17.52 2.72
C SER B 217 -38.13 -17.03 1.29
N GLU B 218 -39.16 -17.45 0.58
CA GLU B 218 -39.39 -17.08 -0.79
C GLU B 218 -39.37 -15.59 -0.96
N LYS B 219 -39.97 -14.88 -0.01
CA LYS B 219 -40.04 -13.43 -0.05
C LYS B 219 -38.64 -12.83 0.02
N PHE B 220 -37.79 -13.39 0.87
CA PHE B 220 -36.44 -12.89 0.97
C PHE B 220 -35.66 -13.25 -0.30
N ILE B 221 -35.61 -14.56 -0.60
CA ILE B 221 -34.89 -15.02 -1.79
C ILE B 221 -35.29 -14.15 -2.99
N ASP B 222 -36.59 -13.92 -3.16
CA ASP B 222 -37.03 -13.07 -4.26
C ASP B 222 -36.40 -11.68 -4.15
N ALA B 223 -36.42 -11.10 -2.95
CA ALA B 223 -35.84 -9.78 -2.77
C ALA B 223 -34.36 -9.81 -3.15
N TYR B 224 -33.65 -10.74 -2.54
CA TYR B 224 -32.23 -10.94 -2.79
C TYR B 224 -31.95 -11.01 -4.29
N ASN B 225 -32.75 -11.82 -4.98
CA ASN B 225 -32.60 -12.01 -6.41
C ASN B 225 -32.77 -10.78 -7.27
N ARG B 226 -33.45 -9.76 -6.73
CA ARG B 226 -33.66 -8.53 -7.47
C ARG B 226 -32.52 -7.57 -7.18
N VAL B 227 -31.80 -7.83 -6.11
CA VAL B 227 -30.73 -6.94 -5.72
C VAL B 227 -29.33 -7.38 -6.11
N ARG B 228 -29.17 -8.69 -6.24
CA ARG B 228 -27.88 -9.26 -6.63
C ARG B 228 -27.63 -9.17 -8.13
N LEU B 229 -26.37 -9.29 -8.51
CA LEU B 229 -26.02 -9.30 -9.93
C LEU B 229 -26.73 -10.54 -10.53
N PRO B 230 -27.41 -10.36 -11.67
CA PRO B 230 -28.13 -11.45 -12.35
C PRO B 230 -27.25 -12.67 -12.62
N PHE B 231 -26.07 -12.45 -13.18
CA PHE B 231 -25.16 -13.55 -13.46
C PHE B 231 -23.98 -13.47 -12.53
N ASN B 232 -24.22 -13.78 -11.25
CA ASN B 232 -23.16 -13.69 -10.28
C ASN B 232 -22.27 -14.91 -10.13
N VAL B 233 -22.68 -16.03 -10.70
CA VAL B 233 -21.84 -17.23 -10.56
C VAL B 233 -21.59 -17.88 -11.91
N SER B 234 -20.32 -18.05 -12.26
CA SER B 234 -19.97 -18.62 -13.55
C SER B 234 -20.49 -20.02 -13.77
N TYR B 235 -20.62 -20.35 -15.05
CA TYR B 235 -21.07 -21.65 -15.48
C TYR B 235 -20.06 -22.69 -14.92
N VAL B 236 -18.77 -22.41 -15.09
CA VAL B 236 -17.76 -23.32 -14.57
C VAL B 236 -17.76 -23.44 -13.05
N SER B 237 -17.98 -22.34 -12.34
CA SER B 237 -18.03 -22.41 -10.89
C SER B 237 -19.20 -23.29 -10.47
N GLN B 238 -20.36 -23.08 -11.07
CA GLN B 238 -21.51 -23.90 -10.72
C GLN B 238 -21.23 -25.37 -11.03
N MET B 239 -20.57 -25.63 -12.16
CA MET B 239 -20.24 -27.01 -12.53
C MET B 239 -19.39 -27.64 -11.42
N PHE B 240 -18.47 -26.88 -10.84
CA PHE B 240 -17.63 -27.38 -9.77
C PHE B 240 -18.48 -27.73 -8.54
N ALA B 241 -19.43 -26.88 -8.20
CA ALA B 241 -20.29 -27.14 -7.05
C ALA B 241 -21.19 -28.38 -7.27
N LYS B 242 -21.68 -28.53 -8.49
CA LYS B 242 -22.53 -29.65 -8.79
C LYS B 242 -21.73 -30.96 -8.72
N VAL B 243 -20.56 -30.97 -9.34
CA VAL B 243 -19.74 -32.16 -9.32
C VAL B 243 -19.43 -32.45 -7.87
N ALA B 244 -19.01 -31.41 -7.15
CA ALA B 244 -18.70 -31.52 -5.73
C ALA B 244 -19.82 -32.28 -4.96
N LEU B 245 -21.06 -31.81 -5.08
CA LEU B 245 -22.19 -32.40 -4.41
C LEU B 245 -22.55 -33.78 -4.94
N ASP B 246 -22.05 -34.12 -6.13
CA ASP B 246 -22.31 -35.43 -6.70
C ASP B 246 -21.37 -36.45 -6.08
N HIS B 247 -20.36 -35.97 -5.36
CA HIS B 247 -19.37 -36.82 -4.72
C HIS B 247 -19.10 -36.38 -3.30
N ARG B 248 -20.16 -35.94 -2.63
CA ARG B 248 -20.06 -35.49 -1.25
C ARG B 248 -19.40 -36.48 -0.29
N GLU B 249 -19.43 -37.78 -0.63
CA GLU B 249 -18.80 -38.80 0.24
C GLU B 249 -17.31 -38.49 0.35
N ILE B 250 -16.74 -37.99 -0.75
CA ILE B 250 -15.34 -37.65 -0.78
C ILE B 250 -15.06 -36.56 0.25
N PHE B 251 -15.81 -35.46 0.18
CA PHE B 251 -15.62 -34.35 1.09
C PHE B 251 -16.09 -34.62 2.52
N GLU B 252 -16.92 -35.62 2.69
CA GLU B 252 -17.39 -35.98 4.02
C GLU B 252 -16.19 -36.63 4.70
N GLU B 253 -15.38 -37.35 3.92
CA GLU B 253 -14.20 -37.99 4.46
C GLU B 253 -13.19 -36.92 4.86
N ARG B 254 -12.95 -35.94 3.98
CA ARG B 254 -12.02 -34.86 4.28
C ARG B 254 -12.47 -34.04 5.50
N THR B 255 -13.76 -33.75 5.57
CA THR B 255 -14.27 -32.97 6.68
C THR B 255 -14.07 -33.74 7.99
N LYS B 256 -14.26 -35.05 7.93
CA LYS B 256 -14.08 -35.88 9.10
C LYS B 256 -12.63 -35.79 9.56
N PHE B 257 -11.70 -35.84 8.60
CA PHE B 257 -10.28 -35.73 8.91
C PHE B 257 -9.97 -34.37 9.54
N ILE B 258 -10.59 -33.32 9.01
CA ILE B 258 -10.38 -31.98 9.52
C ILE B 258 -10.84 -31.86 10.95
N VAL B 259 -12.06 -32.32 11.23
CA VAL B 259 -12.60 -32.30 12.59
C VAL B 259 -11.77 -33.14 13.53
N GLU B 260 -11.35 -34.32 13.07
CA GLU B 260 -10.56 -35.21 13.89
C GLU B 260 -9.19 -34.63 14.10
N GLU B 261 -8.80 -33.73 13.20
CA GLU B 261 -7.51 -33.08 13.33
C GLU B 261 -7.66 -31.86 14.27
N ARG B 262 -8.82 -31.23 14.22
CA ARG B 262 -9.13 -30.07 15.07
C ARG B 262 -9.07 -30.47 16.55
N GLU B 263 -9.85 -31.50 16.89
CA GLU B 263 -9.91 -31.99 18.25
C GLU B 263 -8.57 -32.49 18.75
N ARG B 264 -7.79 -33.10 17.87
CA ARG B 264 -6.48 -33.58 18.24
C ARG B 264 -5.65 -32.37 18.69
N MET B 265 -5.61 -31.33 17.86
CA MET B 265 -4.86 -30.10 18.18
C MET B 265 -5.42 -29.37 19.40
N LYS B 266 -6.73 -29.39 19.56
CA LYS B 266 -7.32 -28.74 20.71
C LYS B 266 -6.86 -29.46 21.98
N SER B 267 -6.80 -30.79 21.95
CA SER B 267 -6.35 -31.56 23.11
C SER B 267 -4.91 -31.23 23.45
N ALA B 268 -4.03 -31.29 22.46
CA ALA B 268 -2.61 -31.02 22.63
C ALA B 268 -2.33 -29.62 23.22
N LEU B 269 -3.12 -28.63 22.79
CA LEU B 269 -2.96 -27.27 23.25
C LEU B 269 -3.33 -27.18 24.72
N ARG B 270 -4.40 -27.86 25.11
CA ARG B 270 -4.77 -27.84 26.52
C ARG B 270 -3.61 -28.46 27.32
N GLU B 271 -3.16 -29.63 26.89
CA GLU B 271 -2.07 -30.30 27.58
C GLU B 271 -0.87 -29.40 27.78
N MET B 272 -0.61 -28.55 26.79
CA MET B 272 0.50 -27.61 26.85
C MET B 272 0.19 -26.45 27.79
N GLY B 273 -1.08 -26.28 28.14
CA GLY B 273 -1.44 -25.22 29.06
C GLY B 273 -2.06 -23.97 28.46
N TYR B 274 -2.21 -23.94 27.14
CA TYR B 274 -2.80 -22.79 26.46
C TYR B 274 -4.29 -22.74 26.68
N ARG B 275 -4.81 -21.53 26.76
CA ARG B 275 -6.26 -21.28 26.90
C ARG B 275 -6.80 -21.31 25.47
N ILE B 276 -7.83 -22.10 25.21
CA ILE B 276 -8.38 -22.20 23.86
C ILE B 276 -9.89 -22.21 23.84
N THR B 277 -10.45 -21.96 22.66
CA THR B 277 -11.90 -21.96 22.55
C THR B 277 -12.40 -23.33 22.13
N ASP B 278 -13.71 -23.52 22.30
CA ASP B 278 -14.36 -24.77 21.95
C ASP B 278 -14.84 -24.63 20.52
N SER B 279 -13.88 -24.39 19.64
CA SER B 279 -14.12 -24.20 18.21
C SER B 279 -14.73 -25.40 17.53
N ARG B 280 -15.77 -25.12 16.75
CA ARG B 280 -16.41 -26.18 15.97
C ARG B 280 -16.16 -25.90 14.51
N GLY B 281 -15.28 -24.94 14.24
CA GLY B 281 -14.96 -24.60 12.86
C GLY B 281 -13.83 -25.49 12.39
N ASN B 282 -13.19 -25.12 11.28
CA ASN B 282 -12.07 -25.89 10.73
C ASN B 282 -10.79 -25.17 11.18
N PHE B 283 -10.83 -24.64 12.38
CA PHE B 283 -9.70 -23.92 12.93
C PHE B 283 -9.82 -23.97 14.44
N VAL B 284 -8.77 -23.56 15.13
CA VAL B 284 -8.78 -23.46 16.60
C VAL B 284 -8.38 -22.01 16.94
N PHE B 285 -8.80 -21.55 18.11
CA PHE B 285 -8.46 -20.21 18.54
C PHE B 285 -7.74 -20.27 19.89
N VAL B 286 -6.64 -19.55 20.00
CA VAL B 286 -5.86 -19.50 21.26
C VAL B 286 -5.87 -18.08 21.85
N PHE B 287 -6.27 -17.99 23.13
CA PHE B 287 -6.32 -16.73 23.85
C PHE B 287 -4.92 -16.42 24.32
N MET B 288 -4.43 -15.24 23.97
CA MET B 288 -3.09 -14.88 24.39
C MET B 288 -2.99 -13.43 24.80
N GLU B 289 -2.09 -13.17 25.74
CA GLU B 289 -1.84 -11.81 26.19
C GLU B 289 -0.93 -11.17 25.13
N LYS B 290 -1.44 -10.12 24.50
CA LYS B 290 -0.74 -9.35 23.47
C LYS B 290 0.77 -9.56 23.39
N GLU B 291 1.47 -9.27 24.48
CA GLU B 291 2.92 -9.39 24.50
C GLU B 291 3.43 -10.80 24.27
N GLU B 292 2.78 -11.80 24.84
CA GLU B 292 3.28 -13.15 24.64
C GLU B 292 2.82 -13.63 23.26
N LYS B 293 1.72 -13.04 22.80
CA LYS B 293 1.17 -13.36 21.50
C LYS B 293 2.11 -12.89 20.40
N GLU B 294 2.57 -11.65 20.55
CA GLU B 294 3.49 -11.04 19.60
C GLU B 294 4.77 -11.86 19.56
N ARG B 295 5.24 -12.29 20.72
CA ARG B 295 6.44 -13.10 20.77
C ARG B 295 6.24 -14.38 19.98
N LEU B 296 5.05 -14.96 20.09
CA LEU B 296 4.73 -16.19 19.37
C LEU B 296 4.67 -15.99 17.86
N LEU B 297 4.09 -14.87 17.44
CA LEU B 297 3.99 -14.57 16.02
C LEU B 297 5.37 -14.38 15.41
N GLU B 298 6.27 -13.68 16.11
CA GLU B 298 7.61 -13.48 15.58
C GLU B 298 8.33 -14.80 15.41
N HIS B 299 8.16 -15.69 16.38
CA HIS B 299 8.78 -17.01 16.32
C HIS B 299 8.24 -17.76 15.09
N LEU B 300 6.92 -17.78 14.97
CA LEU B 300 6.28 -18.47 13.86
C LEU B 300 6.70 -17.87 12.51
N ARG B 301 6.86 -16.54 12.44
CA ARG B 301 7.28 -15.86 11.21
C ARG B 301 8.71 -16.31 10.82
N THR B 302 9.53 -16.60 11.82
CA THR B 302 10.89 -17.06 11.60
C THR B 302 10.85 -18.45 10.97
N LYS B 303 9.75 -19.17 11.15
CA LYS B 303 9.66 -20.52 10.60
C LYS B 303 8.67 -20.68 9.44
N ASN B 304 8.44 -19.58 8.73
CA ASN B 304 7.53 -19.54 7.58
C ASN B 304 6.13 -20.06 7.87
N VAL B 305 5.63 -19.74 9.04
CA VAL B 305 4.30 -20.18 9.46
C VAL B 305 3.43 -18.95 9.66
N ALA B 306 2.26 -18.91 9.03
CA ALA B 306 1.39 -17.76 9.18
C ALA B 306 0.03 -18.12 9.78
N VAL B 307 -0.33 -17.48 10.89
CA VAL B 307 -1.64 -17.74 11.51
C VAL B 307 -2.32 -16.38 11.53
N ARG B 308 -3.59 -16.33 11.89
CA ARG B 308 -4.28 -15.06 11.96
C ARG B 308 -4.25 -14.48 13.39
N SER B 309 -3.73 -13.27 13.48
CA SER B 309 -3.61 -12.56 14.74
C SER B 309 -4.89 -11.79 15.04
N PHE B 310 -5.22 -11.69 16.32
CA PHE B 310 -6.42 -10.98 16.72
C PHE B 310 -6.22 -10.32 18.08
N ARG B 311 -7.11 -9.39 18.40
CA ARG B 311 -7.03 -8.69 19.68
C ARG B 311 -6.94 -9.72 20.82
N GLU B 312 -7.79 -10.73 20.75
CA GLU B 312 -7.82 -11.73 21.80
C GLU B 312 -6.69 -12.76 21.72
N GLY B 313 -6.09 -12.92 20.55
CA GLY B 313 -5.02 -13.88 20.42
C GLY B 313 -4.85 -14.35 18.99
N VAL B 314 -4.55 -15.63 18.81
CA VAL B 314 -4.36 -16.15 17.47
C VAL B 314 -5.38 -17.22 16.98
N ARG B 315 -5.70 -17.16 15.69
CA ARG B 315 -6.57 -18.14 15.09
C ARG B 315 -5.68 -19.00 14.18
N ILE B 316 -5.76 -20.31 14.38
CA ILE B 316 -4.99 -21.25 13.61
C ILE B 316 -5.92 -22.13 12.76
N THR B 317 -5.70 -22.10 11.45
CA THR B 317 -6.50 -22.94 10.58
C THR B 317 -5.87 -24.33 10.60
N ILE B 318 -6.74 -25.33 10.54
CA ILE B 318 -6.32 -26.71 10.52
C ILE B 318 -5.82 -27.05 9.13
N GLY B 319 -4.62 -27.62 9.07
CA GLY B 319 -4.09 -27.97 7.77
C GLY B 319 -3.87 -29.45 7.67
N LYS B 320 -2.88 -29.81 6.87
CA LYS B 320 -2.50 -31.18 6.70
C LYS B 320 -1.88 -31.60 8.06
N ARG B 321 -1.80 -32.91 8.27
CA ARG B 321 -1.27 -33.48 9.51
C ARG B 321 0.13 -32.94 9.87
N GLU B 322 1.05 -32.95 8.91
CA GLU B 322 2.40 -32.43 9.16
C GLU B 322 2.44 -30.92 9.43
N GLU B 323 1.39 -30.20 9.03
CA GLU B 323 1.36 -28.76 9.30
C GLU B 323 0.81 -28.63 10.70
N ASN B 324 -0.21 -29.42 11.01
CA ASN B 324 -0.79 -29.32 12.35
C ASN B 324 0.25 -29.71 13.42
N ASP B 325 1.08 -30.71 13.10
CA ASP B 325 2.12 -31.15 14.01
C ASP B 325 3.14 -30.01 14.18
N MET B 326 3.50 -29.43 13.06
CA MET B 326 4.45 -28.32 13.06
C MET B 326 3.98 -27.21 14.00
N ILE B 327 2.71 -26.83 13.91
CA ILE B 327 2.16 -25.78 14.77
C ILE B 327 2.32 -26.22 16.23
N LEU B 328 1.99 -27.48 16.52
CA LEU B 328 2.11 -27.99 17.87
C LEU B 328 3.55 -28.03 18.35
N ARG B 329 4.47 -28.44 17.48
CA ARG B 329 5.87 -28.52 17.84
C ARG B 329 6.47 -27.15 18.14
N GLU B 330 6.06 -26.15 17.39
CA GLU B 330 6.59 -24.81 17.61
C GLU B 330 5.95 -24.20 18.84
N LEU B 331 4.68 -24.52 19.07
CA LEU B 331 4.03 -23.96 20.25
C LEU B 331 4.60 -24.60 21.49
N GLU B 332 4.86 -25.90 21.43
CA GLU B 332 5.41 -26.62 22.57
C GLU B 332 6.69 -25.92 23.00
N VAL B 333 7.68 -25.90 22.11
CA VAL B 333 8.95 -25.24 22.38
C VAL B 333 8.83 -23.77 22.00
N PHE B 334 8.57 -22.92 22.99
CA PHE B 334 8.41 -21.49 22.79
C PHE B 334 8.35 -20.85 24.17
N LYS B 335 7.42 -21.21 24.91
N MET C 1 15.84 45.27 8.16
CA MET C 1 16.12 43.84 8.48
C MET C 1 15.02 42.92 7.94
N ASN C 2 15.43 41.79 7.37
CA ASN C 2 14.49 40.79 6.84
C ASN C 2 14.79 39.52 7.62
N PRO C 3 14.46 39.53 8.92
CA PRO C 3 14.66 38.42 9.88
C PRO C 3 14.19 37.04 9.45
N LEU C 4 15.13 36.09 9.45
CA LEU C 4 14.90 34.68 9.09
C LEU C 4 13.89 34.36 8.00
N ASP C 5 13.62 35.34 7.15
CA ASP C 5 12.75 35.18 5.98
C ASP C 5 13.88 34.97 5.01
N LEU C 6 15.06 35.35 5.51
CA LEU C 6 16.32 35.26 4.80
C LEU C 6 16.70 33.80 4.92
N ILE C 7 16.83 33.38 6.18
CA ILE C 7 17.18 32.00 6.54
C ILE C 7 16.15 31.10 5.87
N ALA C 8 15.12 31.76 5.35
CA ALA C 8 14.05 31.10 4.65
C ALA C 8 14.48 31.16 3.20
N LYS C 9 13.94 32.11 2.44
CA LYS C 9 14.32 32.21 1.05
C LYS C 9 15.73 32.78 0.91
N ARG C 10 16.60 31.95 0.36
CA ARG C 10 18.02 32.23 0.14
C ARG C 10 18.50 30.83 -0.22
N ALA C 11 17.56 29.89 -0.09
CA ALA C 11 17.77 28.48 -0.38
C ALA C 11 16.64 28.10 -1.33
N TYR C 12 16.81 27.01 -2.07
CA TYR C 12 15.79 26.55 -3.01
C TYR C 12 14.56 25.95 -2.35
N PRO C 13 13.40 26.16 -2.96
CA PRO C 13 12.14 25.63 -2.45
C PRO C 13 12.16 24.10 -2.38
N TYR C 14 11.28 23.55 -1.55
CA TYR C 14 11.15 22.11 -1.43
C TYR C 14 10.00 21.69 -2.33
N GLU C 15 10.25 20.70 -3.17
CA GLU C 15 9.20 20.21 -4.05
C GLU C 15 9.24 18.70 -4.09
N THR C 16 8.18 18.08 -4.62
CA THR C 16 8.12 16.63 -4.74
C THR C 16 8.01 16.33 -6.23
N GLU C 17 9.04 15.69 -6.77
CA GLU C 17 9.06 15.32 -8.17
C GLU C 17 7.75 14.61 -8.49
N LYS C 18 7.23 14.84 -9.68
CA LYS C 18 5.99 14.20 -10.10
C LYS C 18 6.36 13.30 -11.29
N ARG C 19 6.59 12.03 -10.99
CA ARG C 19 6.99 11.02 -11.97
C ARG C 19 5.92 10.66 -13.00
N ASP C 20 6.36 10.30 -14.20
CA ASP C 20 5.46 9.91 -15.28
C ASP C 20 5.51 8.39 -15.41
N LYS C 21 4.65 7.84 -16.25
CA LYS C 21 4.59 6.40 -16.46
C LYS C 21 5.98 5.80 -16.68
N THR C 22 6.73 6.39 -17.60
CA THR C 22 8.08 5.92 -17.86
C THR C 22 9.06 7.04 -17.40
N TYR C 23 9.56 6.87 -16.18
CA TYR C 23 10.45 7.80 -15.52
C TYR C 23 11.93 7.39 -15.60
N LEU C 24 12.74 8.21 -16.28
CA LEU C 24 14.17 7.96 -16.48
C LEU C 24 14.94 9.21 -16.15
N ALA C 25 14.55 9.87 -15.06
CA ALA C 25 15.18 11.14 -14.70
C ALA C 25 15.91 11.22 -13.39
N LEU C 26 15.89 10.16 -12.59
CA LEU C 26 16.59 10.22 -11.32
C LEU C 26 17.67 9.14 -11.18
N ASN C 27 18.15 8.61 -12.31
CA ASN C 27 19.19 7.58 -12.28
C ASN C 27 18.88 6.46 -11.28
N GLU C 28 17.60 6.12 -11.13
CA GLU C 28 17.13 5.04 -10.28
C GLU C 28 17.27 3.71 -11.03
N ASN C 29 17.54 2.65 -10.28
CA ASN C 29 17.65 1.35 -10.91
C ASN C 29 16.33 0.94 -11.59
N PRO C 30 16.41 0.26 -12.75
CA PRO C 30 15.14 -0.11 -13.35
C PRO C 30 14.45 -1.26 -12.65
N PHE C 31 15.22 -2.09 -11.96
CA PHE C 31 14.66 -3.25 -11.33
C PHE C 31 14.26 -3.17 -9.85
N PRO C 32 13.13 -3.81 -9.48
CA PRO C 32 12.68 -3.78 -8.09
C PRO C 32 13.65 -4.61 -7.26
N PHE C 33 13.70 -4.34 -5.97
CA PHE C 33 14.59 -5.08 -5.10
C PHE C 33 14.08 -6.53 -5.13
N PRO C 34 14.99 -7.51 -5.26
CA PRO C 34 14.59 -8.92 -5.30
C PRO C 34 13.57 -9.27 -4.22
N GLU C 35 12.42 -9.74 -4.65
CA GLU C 35 11.35 -10.11 -3.73
C GLU C 35 11.87 -11.05 -2.65
N ASP C 36 12.65 -12.03 -3.05
CA ASP C 36 13.19 -12.97 -2.08
C ASP C 36 14.20 -12.31 -1.14
N LEU C 37 14.84 -11.23 -1.56
CA LEU C 37 15.78 -10.60 -0.65
C LEU C 37 15.00 -9.77 0.38
N VAL C 38 13.79 -9.34 -0.01
CA VAL C 38 12.91 -8.60 0.89
C VAL C 38 12.50 -9.57 2.00
N ASP C 39 12.25 -10.80 1.57
CA ASP C 39 11.81 -11.85 2.45
C ASP C 39 12.92 -12.22 3.43
N GLU C 40 14.16 -12.16 2.95
CA GLU C 40 15.29 -12.47 3.81
C GLU C 40 15.37 -11.47 4.96
N VAL C 41 15.22 -10.18 4.61
CA VAL C 41 15.27 -9.11 5.61
C VAL C 41 14.16 -9.35 6.64
N PHE C 42 12.96 -9.57 6.12
CA PHE C 42 11.75 -9.84 6.90
C PHE C 42 11.96 -10.99 7.90
N ARG C 43 12.59 -12.05 7.40
CA ARG C 43 12.87 -13.22 8.20
C ARG C 43 13.92 -12.88 9.26
N ARG C 44 14.99 -12.23 8.82
CA ARG C 44 16.09 -11.88 9.70
C ARG C 44 15.73 -10.85 10.75
N LEU C 45 14.72 -10.04 10.45
CA LEU C 45 14.29 -8.95 11.33
C LEU C 45 14.00 -9.33 12.79
N ASN C 46 14.62 -8.60 13.72
CA ASN C 46 14.41 -8.83 15.15
C ASN C 46 13.57 -7.70 15.71
N SER C 47 12.27 -7.95 15.81
CA SER C 47 11.30 -6.99 16.28
C SER C 47 11.69 -6.28 17.57
N ASP C 48 12.55 -6.90 18.37
CA ASP C 48 12.95 -6.31 19.65
C ASP C 48 13.95 -5.20 19.46
N ALA C 49 14.72 -5.30 18.38
CA ALA C 49 15.71 -4.30 18.08
C ALA C 49 15.05 -3.01 17.61
N LEU C 50 13.86 -3.09 17.04
CA LEU C 50 13.20 -1.88 16.55
C LEU C 50 12.95 -0.87 17.67
N ARG C 51 12.87 -1.34 18.91
CA ARG C 51 12.61 -0.43 20.02
C ARG C 51 13.87 0.27 20.55
N ILE C 52 15.06 -0.20 20.14
CA ILE C 52 16.25 0.44 20.65
C ILE C 52 16.95 1.41 19.71
N TYR C 53 17.88 2.20 20.27
CA TYR C 53 18.68 3.13 19.51
C TYR C 53 19.79 2.25 18.98
N TYR C 54 19.59 1.84 17.74
CA TYR C 54 20.47 0.94 17.01
C TYR C 54 21.73 1.60 16.46
N ASP C 55 22.88 1.01 16.80
CA ASP C 55 24.16 1.52 16.33
C ASP C 55 24.02 1.71 14.84
N SER C 56 24.10 2.95 14.36
CA SER C 56 23.95 3.22 12.94
C SER C 56 25.13 2.57 12.24
N PRO C 57 26.35 3.05 12.50
CA PRO C 57 27.32 2.27 11.75
C PRO C 57 27.34 0.92 12.50
N ASP C 58 26.55 -0.01 12.03
CA ASP C 58 26.43 -1.35 12.60
C ASP C 58 27.74 -2.13 12.33
N GLU C 59 28.20 -2.90 13.30
CA GLU C 59 29.42 -3.67 13.16
C GLU C 59 29.41 -4.56 11.93
N GLU C 60 28.35 -5.37 11.81
CA GLU C 60 28.17 -6.28 10.71
C GLU C 60 28.13 -5.57 9.38
N LEU C 61 27.51 -4.39 9.36
CA LEU C 61 27.43 -3.64 8.11
C LEU C 61 28.81 -3.17 7.67
N ILE C 62 29.61 -2.69 8.62
CA ILE C 62 30.96 -2.23 8.32
C ILE C 62 31.79 -3.34 7.72
N GLU C 63 31.70 -4.53 8.31
CA GLU C 63 32.42 -5.71 7.83
C GLU C 63 32.07 -6.01 6.38
N LYS C 64 30.77 -6.06 6.10
CA LYS C 64 30.30 -6.35 4.77
C LYS C 64 30.78 -5.30 3.77
N ILE C 65 30.79 -4.05 4.22
CA ILE C 65 31.26 -2.97 3.38
C ILE C 65 32.73 -3.23 3.08
N LEU C 66 33.52 -3.40 4.14
CA LEU C 66 34.95 -3.65 4.02
C LEU C 66 35.16 -4.80 3.03
N SER C 67 34.39 -5.87 3.22
CA SER C 67 34.46 -7.04 2.36
C SER C 67 34.10 -6.65 0.93
N TYR C 68 33.11 -5.79 0.80
CA TYR C 68 32.71 -5.34 -0.52
C TYR C 68 33.83 -4.49 -1.13
N LEU C 69 34.57 -3.75 -0.32
CA LEU C 69 35.65 -2.96 -0.85
C LEU C 69 36.78 -3.88 -1.32
N ASP C 70 36.87 -5.08 -0.75
CA ASP C 70 37.89 -6.05 -1.15
C ASP C 70 39.28 -5.41 -1.09
N THR C 71 39.46 -4.53 -0.13
CA THR C 71 40.70 -3.80 0.05
C THR C 71 41.79 -4.67 0.66
N ASP C 72 42.85 -4.03 1.13
CA ASP C 72 43.96 -4.74 1.73
C ASP C 72 44.48 -3.95 2.91
N PHE C 73 44.26 -2.66 2.87
CA PHE C 73 44.75 -1.79 3.91
C PHE C 73 43.68 -1.11 4.75
N LEU C 74 42.41 -1.47 4.57
CA LEU C 74 41.36 -0.82 5.33
C LEU C 74 40.78 -1.55 6.55
N SER C 75 40.57 -0.81 7.62
CA SER C 75 39.99 -1.34 8.84
C SER C 75 38.65 -0.65 9.02
N LYS C 76 37.88 -1.11 10.01
CA LYS C 76 36.57 -0.55 10.29
C LYS C 76 36.63 0.94 10.62
N ASN C 77 37.84 1.44 10.82
CA ASN C 77 38.03 2.85 11.15
C ASN C 77 38.09 3.75 9.93
N ASN C 78 38.17 3.17 8.74
CA ASN C 78 38.25 4.00 7.55
C ASN C 78 36.91 4.09 6.87
N VAL C 79 35.89 3.57 7.54
CA VAL C 79 34.53 3.58 6.97
C VAL C 79 33.43 3.95 7.95
N SER C 80 32.50 4.74 7.45
CA SER C 80 31.33 5.10 8.24
C SER C 80 30.14 5.01 7.28
N VAL C 81 28.98 5.41 7.76
CA VAL C 81 27.79 5.35 6.95
C VAL C 81 27.04 6.68 7.03
N GLY C 82 26.09 6.84 6.14
CA GLY C 82 25.29 8.05 6.12
C GLY C 82 23.88 7.76 5.64
N ASN C 83 22.96 8.66 5.95
CA ASN C 83 21.57 8.57 5.56
C ASN C 83 21.50 8.92 4.06
N GLY C 84 22.18 8.12 3.26
CA GLY C 84 22.22 8.37 1.84
C GLY C 84 23.56 9.02 1.68
N ALA C 85 24.08 9.07 0.46
CA ALA C 85 25.34 9.76 0.23
C ALA C 85 25.01 11.24 0.43
N ASP C 86 23.74 11.56 0.25
CA ASP C 86 23.30 12.94 0.40
C ASP C 86 23.71 13.44 1.77
N GLU C 87 23.40 12.66 2.81
CA GLU C 87 23.77 13.08 4.15
C GLU C 87 25.31 13.25 4.32
N ILE C 88 26.09 12.39 3.67
CA ILE C 88 27.55 12.47 3.78
C ILE C 88 27.99 13.85 3.27
N ILE C 89 27.52 14.18 2.07
CA ILE C 89 27.81 15.44 1.42
C ILE C 89 27.44 16.59 2.34
N TYR C 90 26.23 16.51 2.86
CA TYR C 90 25.70 17.53 3.74
C TYR C 90 26.55 17.75 4.99
N VAL C 91 26.90 16.71 5.73
CA VAL C 91 27.72 16.92 6.92
C VAL C 91 29.13 17.45 6.58
N MET C 92 29.70 17.00 5.46
CA MET C 92 31.02 17.47 5.06
C MET C 92 31.03 18.97 4.84
N MET C 93 29.96 19.49 4.27
CA MET C 93 29.84 20.91 4.02
C MET C 93 29.85 21.65 5.34
N LEU C 94 29.44 20.97 6.41
CA LEU C 94 29.43 21.57 7.73
C LEU C 94 30.81 21.39 8.35
N MET C 95 31.60 20.48 7.80
CA MET C 95 32.93 20.24 8.37
C MET C 95 34.06 21.12 7.86
N PHE C 96 33.97 21.56 6.62
CA PHE C 96 35.04 22.38 6.08
C PHE C 96 34.69 23.84 6.04
N ASP C 97 35.74 24.66 6.12
CA ASP C 97 35.57 26.09 6.09
C ASP C 97 35.01 26.56 4.77
N ARG C 98 35.16 25.75 3.72
CA ARG C 98 34.61 26.11 2.41
C ARG C 98 34.45 24.91 1.49
N SER C 99 33.41 24.96 0.66
CA SER C 99 33.11 23.90 -0.30
C SER C 99 33.30 24.37 -1.75
N VAL C 100 33.87 23.49 -2.56
CA VAL C 100 34.14 23.82 -3.97
C VAL C 100 33.68 22.71 -4.90
N PHE C 101 32.98 23.08 -5.96
CA PHE C 101 32.54 22.06 -6.94
C PHE C 101 32.43 22.73 -8.29
N PHE C 102 32.43 21.94 -9.37
CA PHE C 102 32.43 22.51 -10.71
C PHE C 102 31.34 22.10 -11.66
N PRO C 103 30.39 22.99 -11.89
CA PRO C 103 29.30 22.64 -12.80
C PRO C 103 29.80 22.41 -14.24
N PRO C 104 29.10 21.55 -15.00
CA PRO C 104 27.89 20.80 -14.61
C PRO C 104 28.21 19.68 -13.61
N THR C 105 27.52 19.71 -12.47
CA THR C 105 27.77 18.74 -11.43
C THR C 105 26.51 18.36 -10.64
N TYR C 106 26.65 17.48 -9.67
CA TYR C 106 25.50 17.08 -8.87
C TYR C 106 24.80 18.35 -8.35
N SER C 107 23.57 18.53 -8.80
CA SER C 107 22.78 19.71 -8.47
C SER C 107 22.57 19.95 -6.98
N CYS C 108 22.66 18.90 -6.17
CA CYS C 108 22.49 19.07 -4.73
C CYS C 108 23.64 19.79 -4.02
N TYR C 109 24.78 19.90 -4.68
CA TYR C 109 25.89 20.62 -4.05
C TYR C 109 25.45 22.07 -3.79
N ARG C 110 24.92 22.73 -4.80
CA ARG C 110 24.47 24.12 -4.66
C ARG C 110 23.30 24.19 -3.65
N ILE C 111 22.33 23.30 -3.84
CA ILE C 111 21.15 23.23 -2.98
C ILE C 111 21.55 23.09 -1.51
N PHE C 112 22.36 22.08 -1.21
CA PHE C 112 22.79 21.79 0.14
C PHE C 112 23.57 22.94 0.74
N ALA C 113 24.58 23.42 0.00
CA ALA C 113 25.39 24.53 0.51
C ALA C 113 24.53 25.75 0.82
N LYS C 114 23.58 26.09 -0.04
CA LYS C 114 22.72 27.23 0.22
C LYS C 114 21.75 26.98 1.38
N ALA C 115 21.33 25.72 1.53
CA ALA C 115 20.41 25.29 2.59
C ALA C 115 21.09 25.45 3.93
N VAL C 116 22.34 25.01 3.98
CA VAL C 116 23.14 25.08 5.20
C VAL C 116 23.76 26.47 5.35
N GLY C 117 23.74 27.26 4.27
CA GLY C 117 24.31 28.60 4.33
C GLY C 117 25.82 28.50 4.42
N ALA C 118 26.34 27.44 3.81
CA ALA C 118 27.76 27.22 3.77
C ALA C 118 28.42 28.09 2.70
N LYS C 119 29.70 28.32 2.88
CA LYS C 119 30.50 29.11 1.96
C LYS C 119 31.00 28.18 0.86
N PHE C 120 30.68 28.53 -0.36
CA PHE C 120 31.12 27.70 -1.47
C PHE C 120 31.56 28.55 -2.64
N LEU C 121 32.06 27.88 -3.66
CA LEU C 121 32.51 28.56 -4.87
C LEU C 121 32.33 27.56 -5.99
N GLU C 122 31.65 27.97 -7.04
CA GLU C 122 31.44 27.09 -8.17
C GLU C 122 32.37 27.51 -9.27
N VAL C 123 33.27 26.61 -9.68
CA VAL C 123 34.17 26.95 -10.79
C VAL C 123 33.84 25.99 -11.93
N PRO C 124 33.13 26.49 -12.96
CA PRO C 124 32.73 25.66 -14.10
C PRO C 124 33.88 24.90 -14.73
N LEU C 125 33.61 23.64 -15.06
CA LEU C 125 34.56 22.78 -15.74
C LEU C 125 34.82 23.39 -17.10
N THR C 126 35.90 22.96 -17.72
CA THR C 126 36.23 23.45 -19.04
C THR C 126 35.17 22.90 -19.97
N LYS C 127 35.16 23.38 -21.22
CA LYS C 127 34.16 22.92 -22.20
C LYS C 127 34.30 21.42 -22.41
N ASP C 128 35.51 20.90 -22.25
CA ASP C 128 35.70 19.46 -22.40
C ASP C 128 35.66 18.74 -21.07
N LEU C 129 34.88 19.31 -20.15
CA LEU C 129 34.65 18.73 -18.82
C LEU C 129 35.85 18.44 -17.95
N ARG C 130 36.84 19.32 -18.00
CA ARG C 130 37.99 19.11 -17.15
C ARG C 130 37.91 20.09 -15.98
N ILE C 131 38.65 19.79 -14.91
CA ILE C 131 38.68 20.67 -13.75
C ILE C 131 39.48 21.90 -14.16
N PRO C 132 38.92 23.10 -13.94
CA PRO C 132 39.59 24.35 -14.29
C PRO C 132 40.61 24.75 -13.24
N GLU C 133 41.34 25.83 -13.51
CA GLU C 133 42.36 26.36 -12.58
C GLU C 133 41.61 26.94 -11.39
N VAL C 134 42.08 26.63 -10.18
CA VAL C 134 41.42 27.12 -8.97
C VAL C 134 42.39 27.25 -7.80
N ASN C 135 42.18 28.27 -6.98
CA ASN C 135 43.04 28.50 -5.82
C ASN C 135 42.40 27.87 -4.61
N VAL C 136 42.89 26.71 -4.22
CA VAL C 136 42.33 26.01 -3.08
C VAL C 136 43.42 25.52 -2.14
N GLY C 137 43.01 25.03 -0.97
CA GLY C 137 43.95 24.53 0.01
C GLY C 137 43.25 24.06 1.28
N GLU C 138 44.03 23.72 2.30
CA GLU C 138 43.49 23.25 3.59
C GLU C 138 42.39 24.14 4.10
N GLY C 139 41.34 23.52 4.63
CA GLY C 139 40.19 24.24 5.15
C GLY C 139 39.09 24.18 4.10
N ASP C 140 39.50 23.80 2.89
CA ASP C 140 38.59 23.69 1.75
C ASP C 140 38.22 22.24 1.43
N VAL C 141 37.02 22.04 0.94
CA VAL C 141 36.59 20.71 0.51
C VAL C 141 36.06 20.83 -0.91
N VAL C 142 36.61 20.02 -1.82
CA VAL C 142 36.15 20.09 -3.20
C VAL C 142 35.41 18.80 -3.57
N PHE C 143 34.17 18.98 -4.02
CA PHE C 143 33.35 17.86 -4.40
C PHE C 143 33.53 17.47 -5.85
N ILE C 144 33.96 16.24 -6.06
CA ILE C 144 34.18 15.74 -7.41
C ILE C 144 33.54 14.41 -7.65
N PRO C 145 32.37 14.39 -8.29
CA PRO C 145 31.70 13.10 -8.57
C PRO C 145 32.44 12.42 -9.73
N ASN C 146 32.76 11.15 -9.57
CA ASN C 146 33.50 10.41 -10.60
C ASN C 146 33.00 8.97 -10.69
N PRO C 147 32.20 8.63 -11.73
CA PRO C 147 31.70 9.45 -12.84
C PRO C 147 30.98 10.72 -12.38
N ASN C 148 31.04 11.74 -13.21
CA ASN C 148 30.41 13.02 -12.92
C ASN C 148 28.90 12.98 -13.14
N ASN C 149 28.18 13.78 -12.37
CA ASN C 149 26.73 13.90 -12.50
C ASN C 149 26.58 15.31 -13.06
N PRO C 150 25.87 15.50 -14.20
CA PRO C 150 25.18 14.52 -15.00
C PRO C 150 25.84 14.15 -16.32
N THR C 151 27.16 14.33 -16.45
CA THR C 151 27.79 14.02 -17.72
C THR C 151 28.10 12.54 -17.80
N GLY C 152 28.50 11.97 -16.68
CA GLY C 152 28.85 10.56 -16.68
C GLY C 152 30.30 10.39 -17.13
N HIS C 153 31.00 11.49 -17.43
CA HIS C 153 32.39 11.39 -17.86
C HIS C 153 33.30 11.11 -16.67
N VAL C 154 34.50 10.62 -16.95
CA VAL C 154 35.47 10.28 -15.93
C VAL C 154 36.70 11.16 -15.93
N PHE C 155 36.89 11.89 -14.83
CA PHE C 155 38.06 12.76 -14.64
C PHE C 155 39.25 11.82 -14.53
N GLU C 156 40.42 12.32 -14.87
CA GLU C 156 41.62 11.51 -14.79
C GLU C 156 42.38 11.66 -13.47
N ARG C 157 43.27 10.70 -13.20
CA ARG C 157 44.05 10.73 -11.96
C ARG C 157 44.85 12.00 -11.81
N GLU C 158 45.45 12.47 -12.91
CA GLU C 158 46.26 13.68 -12.85
C GLU C 158 45.44 14.88 -12.36
N GLU C 159 44.21 15.01 -12.86
CA GLU C 159 43.33 16.12 -12.47
C GLU C 159 43.04 16.14 -10.98
N ILE C 160 42.68 15.00 -10.42
CA ILE C 160 42.36 14.90 -9.01
C ILE C 160 43.62 15.07 -8.18
N GLU C 161 44.70 14.45 -8.65
CA GLU C 161 46.00 14.52 -7.99
C GLU C 161 46.42 15.98 -7.82
N ARG C 162 46.16 16.78 -8.86
CA ARG C 162 46.49 18.21 -8.86
C ARG C 162 45.89 18.81 -7.59
N ILE C 163 44.57 18.68 -7.45
CA ILE C 163 43.84 19.22 -6.32
C ILE C 163 44.29 18.56 -5.03
N LEU C 164 44.41 17.24 -5.07
CA LEU C 164 44.82 16.51 -3.89
C LEU C 164 46.15 17.04 -3.33
N LYS C 165 47.09 17.40 -4.20
CA LYS C 165 48.38 17.92 -3.75
C LYS C 165 48.26 19.34 -3.22
N THR C 166 47.13 19.97 -3.49
CA THR C 166 46.87 21.33 -3.02
C THR C 166 46.74 21.36 -1.51
N GLY C 167 46.38 20.21 -0.93
CA GLY C 167 46.19 20.15 0.50
C GLY C 167 44.70 20.28 0.79
N ALA C 168 43.96 20.75 -0.21
CA ALA C 168 42.53 20.90 -0.07
C ALA C 168 42.00 19.49 0.05
N PHE C 169 40.93 19.32 0.82
CA PHE C 169 40.35 18.00 1.01
C PHE C 169 39.37 17.66 -0.11
N VAL C 170 39.64 16.55 -0.79
CA VAL C 170 38.79 16.13 -1.90
C VAL C 170 37.75 15.09 -1.57
N ALA C 171 36.52 15.40 -1.95
CA ALA C 171 35.41 14.48 -1.74
C ALA C 171 35.11 13.82 -3.10
N LEU C 172 35.60 12.60 -3.29
CA LEU C 172 35.40 11.89 -4.54
C LEU C 172 34.10 11.10 -4.45
N ASP C 173 33.07 11.67 -5.06
CA ASP C 173 31.74 11.12 -5.06
C ASP C 173 31.62 9.98 -6.07
N GLU C 174 31.58 8.73 -5.59
CA GLU C 174 31.50 7.58 -6.47
C GLU C 174 30.10 6.94 -6.47
N ALA C 175 29.07 7.78 -6.49
CA ALA C 175 27.71 7.28 -6.53
C ALA C 175 27.47 6.34 -7.73
N TYR C 176 28.28 6.47 -8.78
CA TYR C 176 28.13 5.64 -9.98
C TYR C 176 29.29 4.67 -10.19
N TYR C 177 29.98 4.33 -9.11
CA TYR C 177 31.12 3.41 -9.16
C TYR C 177 30.79 2.07 -9.83
N GLU C 178 29.72 1.44 -9.36
CA GLU C 178 29.25 0.14 -9.87
C GLU C 178 29.10 0.07 -11.38
N PHE C 179 28.65 1.16 -11.98
CA PHE C 179 28.44 1.22 -13.42
C PHE C 179 29.69 1.61 -14.17
N HIS C 180 30.71 1.96 -13.40
CA HIS C 180 31.99 2.38 -13.97
C HIS C 180 33.04 1.30 -13.80
N GLY C 181 33.31 0.90 -12.56
CA GLY C 181 34.29 -0.14 -12.32
C GLY C 181 35.58 0.35 -11.73
N GLU C 182 35.91 1.63 -11.96
CA GLU C 182 37.16 2.19 -11.44
C GLU C 182 36.95 3.10 -10.22
N SER C 183 37.70 2.83 -9.16
CA SER C 183 37.62 3.56 -7.90
C SER C 183 38.98 4.11 -7.46
N TYR C 184 38.96 5.12 -6.60
CA TYR C 184 40.19 5.73 -6.10
C TYR C 184 40.41 5.43 -4.62
N VAL C 185 39.61 4.53 -4.07
CA VAL C 185 39.76 4.19 -2.68
C VAL C 185 41.22 3.90 -2.33
N ASP C 186 41.98 3.35 -3.28
CA ASP C 186 43.40 3.03 -3.02
C ASP C 186 44.29 4.25 -2.85
N PHE C 187 43.89 5.35 -3.45
CA PHE C 187 44.67 6.58 -3.31
C PHE C 187 44.70 7.01 -1.86
N LEU C 188 43.88 6.37 -1.03
CA LEU C 188 43.84 6.70 0.39
C LEU C 188 45.15 6.29 1.06
N LYS C 189 45.97 5.54 0.34
CA LYS C 189 47.26 5.10 0.86
C LYS C 189 48.31 6.18 0.63
N LYS C 190 48.10 7.02 -0.38
CA LYS C 190 49.06 8.08 -0.65
C LYS C 190 48.52 9.42 -0.17
N TYR C 191 47.20 9.53 -0.08
CA TYR C 191 46.60 10.78 0.37
C TYR C 191 45.60 10.57 1.48
N GLU C 192 45.72 11.38 2.53
CA GLU C 192 44.79 11.27 3.63
C GLU C 192 43.75 12.36 3.52
N ASN C 193 44.05 13.41 2.76
CA ASN C 193 43.12 14.51 2.58
C ASN C 193 42.04 14.18 1.53
N LEU C 194 41.75 12.89 1.38
CA LEU C 194 40.78 12.40 0.42
C LEU C 194 39.64 11.60 1.06
N ALA C 195 38.45 11.69 0.45
CA ALA C 195 37.30 10.93 0.94
C ALA C 195 36.46 10.41 -0.24
N VAL C 196 36.27 9.10 -0.29
CA VAL C 196 35.49 8.44 -1.34
C VAL C 196 34.07 8.15 -0.83
N ILE C 197 33.06 8.65 -1.53
CA ILE C 197 31.66 8.43 -1.12
C ILE C 197 30.86 7.42 -1.97
N ARG C 198 30.17 6.49 -1.32
CA ARG C 198 29.37 5.52 -2.07
C ARG C 198 27.91 5.47 -1.60
N THR C 199 27.04 4.86 -2.42
CA THR C 199 25.63 4.70 -2.12
C THR C 199 25.11 3.30 -2.52
N PHE C 200 23.93 2.95 -2.00
CA PHE C 200 23.28 1.68 -2.30
C PHE C 200 22.05 1.96 -3.12
N SER C 201 21.73 3.24 -3.27
CA SER C 201 20.55 3.67 -4.00
C SER C 201 20.46 3.26 -5.46
N LYS C 202 21.59 3.37 -6.18
CA LYS C 202 21.63 3.07 -7.61
C LYS C 202 21.78 1.61 -8.02
N ALA C 203 22.96 1.06 -7.75
CA ALA C 203 23.27 -0.32 -8.13
C ALA C 203 22.54 -1.38 -7.36
N PHE C 204 21.84 -0.99 -6.31
CA PHE C 204 21.15 -1.97 -5.50
C PHE C 204 19.66 -1.80 -5.32
N SER C 205 19.07 -0.88 -6.08
CA SER C 205 17.63 -0.64 -5.97
C SER C 205 17.21 -0.34 -4.54
N LEU C 206 17.98 0.46 -3.84
CA LEU C 206 17.65 0.78 -2.48
C LEU C 206 17.54 2.30 -2.27
N ALA C 207 17.27 3.04 -3.35
CA ALA C 207 17.16 4.50 -3.24
C ALA C 207 16.20 4.95 -2.15
N ALA C 208 15.13 4.18 -1.97
CA ALA C 208 14.12 4.49 -0.95
C ALA C 208 14.58 4.21 0.51
N GLN C 209 15.63 3.44 0.65
CA GLN C 209 16.10 3.11 1.99
C GLN C 209 17.19 3.99 2.55
N ARG C 210 17.69 4.93 1.73
CA ARG C 210 18.70 5.92 2.15
C ARG C 210 19.93 5.33 2.85
N VAL C 211 20.84 4.78 2.08
CA VAL C 211 22.08 4.23 2.66
C VAL C 211 23.31 4.53 1.83
N GLY C 212 24.16 5.43 2.32
CA GLY C 212 25.40 5.70 1.63
C GLY C 212 26.53 5.42 2.64
N TYR C 213 27.77 5.37 2.18
CA TYR C 213 28.86 5.14 3.11
C TYR C 213 30.11 5.92 2.70
N VAL C 214 31.06 6.04 3.63
CA VAL C 214 32.28 6.81 3.39
C VAL C 214 33.54 6.04 3.67
N VAL C 215 34.57 6.30 2.88
CA VAL C 215 35.87 5.66 3.03
C VAL C 215 36.93 6.74 3.03
N ALA C 216 37.61 6.89 4.16
CA ALA C 216 38.63 7.93 4.28
C ALA C 216 39.62 7.61 5.37
N SER C 217 40.51 8.56 5.66
CA SER C 217 41.50 8.37 6.70
C SER C 217 40.74 8.38 8.02
N GLU C 218 41.24 7.59 8.95
CA GLU C 218 40.65 7.51 10.27
C GLU C 218 40.37 8.88 10.86
N LYS C 219 41.30 9.80 10.70
CA LYS C 219 41.12 11.16 11.21
C LYS C 219 39.84 11.76 10.63
N PHE C 220 39.57 11.48 9.36
CA PHE C 220 38.36 12.01 8.76
C PHE C 220 37.13 11.30 9.30
N ILE C 221 37.11 9.98 9.19
CA ILE C 221 36.01 9.17 9.63
C ILE C 221 35.60 9.55 11.04
N ASP C 222 36.60 9.78 11.89
CA ASP C 222 36.36 10.16 13.27
C ASP C 222 35.70 11.52 13.41
N ALA C 223 36.24 12.51 12.70
CA ALA C 223 35.66 13.85 12.78
C ALA C 223 34.26 13.80 12.20
N TYR C 224 34.07 12.96 11.20
CA TYR C 224 32.77 12.81 10.54
C TYR C 224 31.73 12.21 11.50
N ASN C 225 32.16 11.23 12.29
CA ASN C 225 31.27 10.59 13.24
C ASN C 225 30.88 11.52 14.38
N ARG C 226 31.67 12.57 14.60
CA ARG C 226 31.39 13.54 15.65
C ARG C 226 30.41 14.63 15.22
N VAL C 227 30.37 14.94 13.93
CA VAL C 227 29.50 15.99 13.41
C VAL C 227 28.10 15.51 12.98
N ARG C 228 28.05 14.30 12.44
CA ARG C 228 26.82 13.68 11.95
C ARG C 228 25.90 13.31 13.09
N LEU C 229 24.67 12.96 12.76
CA LEU C 229 23.72 12.51 13.79
C LEU C 229 24.17 11.12 14.26
N PRO C 230 24.01 10.85 15.56
CA PRO C 230 24.40 9.56 16.14
C PRO C 230 23.73 8.37 15.44
N PHE C 231 22.42 8.43 15.28
CA PHE C 231 21.66 7.34 14.67
C PHE C 231 21.02 7.76 13.37
N ASN C 232 21.86 7.97 12.35
CA ASN C 232 21.41 8.43 11.05
C ASN C 232 20.79 7.39 10.13
N VAL C 233 21.13 6.11 10.29
CA VAL C 233 20.54 5.08 9.43
C VAL C 233 19.79 4.01 10.23
N SER C 234 18.51 3.81 9.93
CA SER C 234 17.68 2.84 10.63
C SER C 234 18.16 1.39 10.53
N TYR C 235 17.66 0.57 11.44
CA TYR C 235 17.96 -0.84 11.59
C TYR C 235 17.54 -1.63 10.35
N VAL C 236 16.30 -1.46 9.95
CA VAL C 236 15.77 -2.14 8.79
C VAL C 236 16.59 -1.78 7.55
N SER C 237 16.92 -0.50 7.37
CA SER C 237 17.71 -0.10 6.21
C SER C 237 19.09 -0.75 6.18
N GLN C 238 19.69 -0.92 7.35
CA GLN C 238 21.01 -1.54 7.42
C GLN C 238 20.84 -3.01 7.05
N MET C 239 19.74 -3.62 7.48
CA MET C 239 19.42 -5.01 7.17
C MET C 239 19.37 -5.16 5.66
N PHE C 240 18.60 -4.28 5.01
CA PHE C 240 18.49 -4.33 3.56
C PHE C 240 19.86 -4.24 2.87
N ALA C 241 20.68 -3.30 3.34
CA ALA C 241 22.02 -3.09 2.80
C ALA C 241 22.85 -4.31 3.02
N LYS C 242 22.66 -4.93 4.18
CA LYS C 242 23.41 -6.11 4.54
C LYS C 242 23.07 -7.32 3.67
N VAL C 243 21.79 -7.65 3.55
CA VAL C 243 21.44 -8.78 2.72
C VAL C 243 21.80 -8.50 1.26
N ALA C 244 21.73 -7.23 0.86
CA ALA C 244 22.05 -6.85 -0.50
C ALA C 244 23.48 -7.26 -0.81
N LEU C 245 24.38 -6.98 0.13
CA LEU C 245 25.77 -7.34 -0.05
C LEU C 245 25.98 -8.83 -0.02
N ASP C 246 25.09 -9.55 0.67
CA ASP C 246 25.20 -11.01 0.73
C ASP C 246 24.90 -11.67 -0.62
N HIS C 247 24.13 -11.00 -1.45
CA HIS C 247 23.78 -11.53 -2.76
C HIS C 247 24.18 -10.54 -3.83
N ARG C 248 25.42 -10.08 -3.77
CA ARG C 248 25.91 -9.07 -4.71
C ARG C 248 26.00 -9.51 -6.17
N GLU C 249 26.11 -10.80 -6.42
CA GLU C 249 26.19 -11.29 -7.80
C GLU C 249 24.94 -10.93 -8.61
N ILE C 250 23.81 -10.96 -7.92
CA ILE C 250 22.53 -10.63 -8.55
C ILE C 250 22.53 -9.19 -9.06
N PHE C 251 22.95 -8.28 -8.21
CA PHE C 251 23.00 -6.87 -8.59
C PHE C 251 24.10 -6.65 -9.62
N GLU C 252 25.10 -7.54 -9.63
CA GLU C 252 26.16 -7.43 -10.60
C GLU C 252 25.61 -7.73 -11.97
N GLU C 253 24.79 -8.78 -12.06
CA GLU C 253 24.17 -9.13 -13.34
C GLU C 253 23.32 -7.96 -13.83
N ARG C 254 22.57 -7.34 -12.91
CA ARG C 254 21.72 -6.20 -13.26
C ARG C 254 22.54 -5.04 -13.79
N THR C 255 23.63 -4.73 -13.10
CA THR C 255 24.52 -3.66 -13.50
C THR C 255 25.07 -3.95 -14.90
N LYS C 256 25.37 -5.23 -15.16
CA LYS C 256 25.89 -5.69 -16.42
C LYS C 256 24.89 -5.44 -17.54
N PHE C 257 23.62 -5.68 -17.25
CA PHE C 257 22.59 -5.44 -18.25
C PHE C 257 22.45 -3.96 -18.51
N ILE C 258 22.61 -3.16 -17.44
CA ILE C 258 22.48 -1.71 -17.53
C ILE C 258 23.66 -1.10 -18.25
N VAL C 259 24.84 -1.64 -17.97
CA VAL C 259 26.03 -1.11 -18.63
C VAL C 259 25.94 -1.42 -20.12
N GLU C 260 25.80 -2.69 -20.45
CA GLU C 260 25.71 -3.06 -21.85
C GLU C 260 24.59 -2.26 -22.53
N GLU C 261 23.49 -2.11 -21.82
CA GLU C 261 22.40 -1.38 -22.41
C GLU C 261 22.82 0.06 -22.66
N ARG C 262 23.54 0.65 -21.69
CA ARG C 262 23.99 2.02 -21.82
C ARG C 262 24.95 2.18 -23.01
N GLU C 263 25.78 1.17 -23.23
CA GLU C 263 26.75 1.22 -24.33
C GLU C 263 26.04 0.99 -25.64
N ARG C 264 25.00 0.20 -25.58
CA ARG C 264 24.20 -0.11 -26.73
C ARG C 264 23.52 1.17 -27.21
N MET C 265 22.85 1.86 -26.30
CA MET C 265 22.18 3.09 -26.66
C MET C 265 23.19 4.11 -27.17
N LYS C 266 24.26 4.28 -26.43
CA LYS C 266 25.29 5.25 -26.82
C LYS C 266 25.72 5.07 -28.28
N SER C 267 25.85 3.82 -28.71
CA SER C 267 26.23 3.53 -30.08
C SER C 267 25.11 3.94 -31.02
N ALA C 268 23.89 3.51 -30.71
CA ALA C 268 22.74 3.83 -31.56
C ALA C 268 22.58 5.33 -31.77
N LEU C 269 22.60 6.07 -30.66
CA LEU C 269 22.43 7.52 -30.70
C LEU C 269 23.52 8.25 -31.50
N ARG C 270 24.76 7.79 -31.40
CA ARG C 270 25.83 8.41 -32.14
C ARG C 270 25.52 8.24 -33.64
N GLU C 271 25.12 7.02 -34.04
CA GLU C 271 24.77 6.74 -35.42
C GLU C 271 23.61 7.61 -35.94
N MET C 272 22.75 8.07 -35.03
CA MET C 272 21.63 8.91 -35.42
C MET C 272 22.15 10.32 -35.56
N GLY C 273 23.39 10.53 -35.12
CA GLY C 273 23.98 11.86 -35.21
C GLY C 273 24.00 12.69 -33.94
N TYR C 274 23.55 12.15 -32.81
CA TYR C 274 23.56 12.93 -31.56
C TYR C 274 24.95 13.10 -30.99
N ARG C 275 25.13 14.20 -30.27
CA ARG C 275 26.42 14.44 -29.63
C ARG C 275 26.21 14.05 -28.17
N ILE C 276 26.79 12.92 -27.79
CA ILE C 276 26.64 12.41 -26.45
C ILE C 276 27.97 12.29 -25.74
N THR C 277 27.90 12.41 -24.42
CA THR C 277 29.06 12.30 -23.58
C THR C 277 29.44 10.83 -23.56
N ASP C 278 30.66 10.55 -23.12
CA ASP C 278 31.15 9.18 -22.99
C ASP C 278 30.78 8.81 -21.55
N SER C 279 29.48 8.64 -21.33
CA SER C 279 28.97 8.34 -20.00
C SER C 279 29.34 6.99 -19.41
N ARG C 280 29.72 6.99 -18.14
CA ARG C 280 30.09 5.78 -17.44
C ARG C 280 29.15 5.56 -16.24
N GLY C 281 28.02 6.26 -16.24
CA GLY C 281 27.04 6.10 -15.18
C GLY C 281 25.96 5.13 -15.61
N ASN C 282 24.76 5.24 -15.04
CA ASN C 282 23.65 4.35 -15.41
C ASN C 282 22.68 5.23 -16.17
N PHE C 283 23.25 5.96 -17.13
CA PHE C 283 22.48 6.88 -17.94
C PHE C 283 23.35 7.42 -19.08
N VAL C 284 22.72 8.16 -19.98
CA VAL C 284 23.43 8.78 -21.10
C VAL C 284 23.07 10.26 -21.05
N PHE C 285 23.96 11.10 -21.56
CA PHE C 285 23.69 12.53 -21.56
C PHE C 285 23.75 12.98 -22.99
N VAL C 286 22.66 13.59 -23.46
CA VAL C 286 22.60 14.08 -24.84
C VAL C 286 22.66 15.59 -24.88
N PHE C 287 23.65 16.14 -25.59
CA PHE C 287 23.80 17.60 -25.69
C PHE C 287 22.82 18.16 -26.69
N MET C 288 22.09 19.20 -26.31
CA MET C 288 21.11 19.80 -27.21
C MET C 288 20.91 21.26 -26.94
N GLU C 289 20.59 22.02 -27.99
CA GLU C 289 20.34 23.44 -27.84
C GLU C 289 18.95 23.62 -27.22
N LYS C 290 18.72 24.79 -26.62
CA LYS C 290 17.46 25.10 -25.96
C LYS C 290 16.22 24.78 -26.78
N GLU C 291 16.20 25.21 -28.05
CA GLU C 291 15.07 24.98 -28.93
C GLU C 291 14.72 23.52 -29.13
N GLU C 292 15.66 22.75 -29.67
CA GLU C 292 15.44 21.34 -29.92
C GLU C 292 15.17 20.57 -28.63
N LYS C 293 15.95 20.86 -27.59
CA LYS C 293 15.81 20.18 -26.31
C LYS C 293 14.34 20.15 -25.88
N GLU C 294 13.76 21.32 -25.70
CA GLU C 294 12.38 21.44 -25.25
C GLU C 294 11.32 20.82 -26.17
N ARG C 295 11.55 20.82 -27.49
CA ARG C 295 10.56 20.20 -28.38
C ARG C 295 10.57 18.71 -28.06
N LEU C 296 11.77 18.24 -27.70
CA LEU C 296 11.96 16.84 -27.36
C LEU C 296 11.22 16.62 -26.04
N LEU C 297 11.56 17.43 -25.04
CA LEU C 297 10.94 17.33 -23.74
C LEU C 297 9.41 17.27 -23.88
N GLU C 298 8.88 18.15 -24.73
CA GLU C 298 7.44 18.21 -24.98
C GLU C 298 6.97 16.90 -25.58
N HIS C 299 7.61 16.49 -26.66
CA HIS C 299 7.23 15.26 -27.29
C HIS C 299 7.26 14.05 -26.36
N LEU C 300 8.26 14.01 -25.47
CA LEU C 300 8.40 12.91 -24.54
C LEU C 300 7.28 12.92 -23.55
N ARG C 301 6.84 14.12 -23.17
CA ARG C 301 5.72 14.23 -22.24
C ARG C 301 4.46 13.61 -22.86
N THR C 302 4.24 13.85 -24.14
CA THR C 302 3.05 13.29 -24.80
C THR C 302 3.10 11.75 -24.82
N LYS C 303 4.27 11.17 -24.55
CA LYS C 303 4.38 9.73 -24.52
C LYS C 303 4.53 9.27 -23.07
N ASN C 304 4.41 10.23 -22.15
CA ASN C 304 4.52 9.97 -20.71
C ASN C 304 5.90 9.53 -20.32
N VAL C 305 6.90 10.05 -21.04
CA VAL C 305 8.29 9.74 -20.78
C VAL C 305 8.87 10.94 -20.04
N ALA C 306 9.64 10.68 -18.98
CA ALA C 306 10.24 11.76 -18.22
C ALA C 306 11.74 11.54 -18.13
N VAL C 307 12.49 12.59 -18.46
CA VAL C 307 13.95 12.57 -18.45
C VAL C 307 14.44 13.83 -17.77
N ARG C 308 15.68 13.85 -17.29
CA ARG C 308 16.19 15.02 -16.57
C ARG C 308 16.76 16.07 -17.51
N SER C 309 16.28 17.30 -17.36
CA SER C 309 16.73 18.42 -18.19
C SER C 309 17.81 19.21 -17.49
N PHE C 310 18.83 19.56 -18.25
CA PHE C 310 19.98 20.35 -17.80
C PHE C 310 20.25 21.43 -18.83
N ARG C 311 20.89 22.50 -18.37
CA ARG C 311 21.23 23.65 -19.21
C ARG C 311 21.82 23.24 -20.56
N GLU C 312 22.75 22.30 -20.56
CA GLU C 312 23.41 21.89 -21.80
C GLU C 312 22.91 20.61 -22.50
N GLY C 313 21.80 20.04 -22.03
CA GLY C 313 21.30 18.82 -22.65
C GLY C 313 20.41 18.01 -21.72
N VAL C 314 20.03 16.80 -22.13
CA VAL C 314 19.17 15.95 -21.32
C VAL C 314 19.92 14.74 -20.81
N ARG C 315 19.56 14.29 -19.62
CA ARG C 315 20.20 13.12 -19.06
C ARG C 315 19.14 12.05 -18.99
N ILE C 316 19.40 10.92 -19.64
CA ILE C 316 18.45 9.83 -19.68
C ILE C 316 18.94 8.62 -18.91
N THR C 317 18.21 8.28 -17.85
CA THR C 317 18.57 7.13 -17.04
C THR C 317 18.28 5.85 -17.81
N ILE C 318 19.14 4.84 -17.67
CA ILE C 318 18.92 3.57 -18.33
C ILE C 318 17.79 2.78 -17.63
N GLY C 319 16.79 2.39 -18.40
CA GLY C 319 15.70 1.62 -17.83
C GLY C 319 15.65 0.20 -18.34
N LYS C 320 14.44 -0.36 -18.36
CA LYS C 320 14.24 -1.72 -18.85
C LYS C 320 14.47 -1.75 -20.36
N ARG C 321 14.64 -2.95 -20.91
CA ARG C 321 14.90 -3.15 -22.32
C ARG C 321 13.93 -2.42 -23.26
N GLU C 322 12.63 -2.60 -23.05
CA GLU C 322 11.65 -1.94 -23.92
C GLU C 322 11.73 -0.44 -23.76
N GLU C 323 12.00 0.00 -22.53
CA GLU C 323 12.12 1.43 -22.29
C GLU C 323 13.29 2.01 -23.08
N ASN C 324 14.44 1.35 -23.03
CA ASN C 324 15.58 1.85 -23.76
C ASN C 324 15.29 1.84 -25.25
N ASP C 325 14.54 0.83 -25.71
CA ASP C 325 14.18 0.69 -27.12
C ASP C 325 13.27 1.82 -27.54
N MET C 326 12.31 2.14 -26.68
CA MET C 326 11.38 3.24 -26.92
C MET C 326 12.18 4.53 -27.14
N ILE C 327 13.09 4.82 -26.22
CA ILE C 327 13.92 6.04 -26.30
C ILE C 327 14.59 6.20 -27.67
N LEU C 328 15.39 5.21 -28.07
CA LEU C 328 16.10 5.28 -29.34
C LEU C 328 15.13 5.50 -30.51
N ARG C 329 14.01 4.78 -30.48
CA ARG C 329 13.01 4.95 -31.52
C ARG C 329 12.51 6.39 -31.53
N GLU C 330 12.28 6.93 -30.35
CA GLU C 330 11.80 8.31 -30.23
C GLU C 330 12.87 9.28 -30.65
N LEU C 331 14.12 9.00 -30.28
CA LEU C 331 15.20 9.91 -30.67
C LEU C 331 15.57 9.77 -32.14
N GLU C 332 15.25 8.64 -32.74
CA GLU C 332 15.58 8.43 -34.14
C GLU C 332 14.67 9.21 -35.08
N VAL C 333 13.54 9.68 -34.56
CA VAL C 333 12.59 10.44 -35.36
C VAL C 333 12.57 11.92 -35.04
N PHE C 334 13.47 12.35 -34.15
CA PHE C 334 13.55 13.77 -33.80
C PHE C 334 14.73 14.40 -34.51
N LYS C 335 15.86 13.69 -34.46
CA LYS C 335 17.13 14.06 -35.10
C LYS C 335 17.68 12.76 -35.68
N MET D 1 46.80 18.81 6.16
CA MET D 1 45.47 18.12 6.08
C MET D 1 44.61 18.45 7.29
N ASN D 2 45.12 18.12 8.48
CA ASN D 2 44.44 18.32 9.76
C ASN D 2 43.30 19.36 9.85
N PRO D 3 43.62 20.67 10.03
CA PRO D 3 42.61 21.74 10.14
C PRO D 3 41.16 21.30 10.00
N LEU D 4 40.81 20.38 10.89
CA LEU D 4 39.50 19.76 11.01
C LEU D 4 39.91 18.76 12.08
N ASP D 5 41.14 18.99 12.51
CA ASP D 5 41.79 18.25 13.56
C ASP D 5 41.23 18.97 14.78
N LEU D 6 40.84 20.23 14.53
CA LEU D 6 40.26 21.11 15.51
C LEU D 6 39.02 20.40 16.01
N ILE D 7 38.32 19.73 15.10
CA ILE D 7 37.14 18.95 15.44
C ILE D 7 37.74 17.76 16.16
N ALA D 8 36.93 16.99 16.86
CA ALA D 8 37.48 15.86 17.62
C ALA D 8 38.21 16.48 18.79
N LYS D 9 38.44 17.79 18.66
CA LYS D 9 39.09 18.58 19.70
C LYS D 9 38.24 19.82 19.86
N ARG D 10 36.94 19.64 19.72
CA ARG D 10 35.98 20.72 19.87
C ARG D 10 34.58 20.13 19.92
N ALA D 11 34.45 18.88 19.46
CA ALA D 11 33.17 18.19 19.47
C ALA D 11 33.30 16.87 20.23
N TYR D 12 32.29 16.53 21.03
CA TYR D 12 32.31 15.30 21.81
C TYR D 12 32.56 14.11 20.89
N PRO D 13 33.29 13.12 21.40
CA PRO D 13 33.61 11.92 20.62
C PRO D 13 32.39 11.04 20.34
N TYR D 14 32.53 10.14 19.35
CA TYR D 14 31.46 9.23 18.97
C TYR D 14 31.71 7.86 19.59
N GLU D 15 30.66 7.29 20.19
CA GLU D 15 30.78 5.99 20.83
C GLU D 15 29.53 5.15 20.61
N THR D 16 29.47 3.98 21.24
CA THR D 16 28.32 3.11 21.12
C THR D 16 27.86 2.67 22.48
N GLU D 17 26.54 2.56 22.65
CA GLU D 17 25.96 2.17 23.92
C GLU D 17 26.14 0.69 24.23
N LYS D 18 27.09 0.39 25.10
CA LYS D 18 27.35 -0.99 25.50
C LYS D 18 26.23 -1.40 26.46
N ARG D 19 25.19 -2.01 25.91
CA ARG D 19 24.03 -2.44 26.67
C ARG D 19 24.31 -3.59 27.63
N ASP D 20 23.76 -3.49 28.84
CA ASP D 20 23.95 -4.52 29.86
C ASP D 20 22.72 -5.44 29.87
N LYS D 21 22.71 -6.41 30.78
CA LYS D 21 21.60 -7.35 30.90
C LYS D 21 20.27 -6.59 30.94
N THR D 22 20.16 -5.66 31.86
CA THR D 22 18.97 -4.86 32.01
C THR D 22 19.38 -3.42 31.74
N TYR D 23 19.01 -2.95 30.54
CA TYR D 23 19.35 -1.62 30.09
C TYR D 23 18.23 -0.63 30.28
N LEU D 24 18.48 0.38 31.10
CA LEU D 24 17.48 1.38 31.40
C LEU D 24 18.02 2.80 31.33
N ALA D 25 19.05 3.01 30.51
CA ALA D 25 19.69 4.31 30.40
C ALA D 25 19.52 5.08 29.09
N LEU D 26 18.40 4.88 28.38
CA LEU D 26 18.17 5.59 27.11
C LEU D 26 16.72 5.97 26.82
N ASN D 27 15.83 5.77 27.81
CA ASN D 27 14.41 6.07 27.66
C ASN D 27 13.69 5.30 26.55
N GLU D 28 14.16 4.09 26.30
CA GLU D 28 13.59 3.19 25.28
C GLU D 28 12.36 2.45 25.80
N ASN D 29 11.41 2.18 24.91
CA ASN D 29 10.21 1.45 25.31
C ASN D 29 10.63 0.04 25.70
N PRO D 30 10.00 -0.54 26.74
CA PRO D 30 10.32 -1.90 27.20
C PRO D 30 9.89 -2.98 26.23
N PHE D 31 8.87 -2.66 25.44
CA PHE D 31 8.33 -3.64 24.52
C PHE D 31 8.80 -3.54 23.07
N PRO D 32 8.85 -4.68 22.37
CA PRO D 32 9.29 -4.68 20.97
C PRO D 32 8.22 -4.09 20.08
N PHE D 33 8.53 -3.93 18.80
CA PHE D 33 7.52 -3.39 17.91
C PHE D 33 6.62 -4.59 17.70
N PRO D 34 5.30 -4.40 17.80
CA PRO D 34 4.34 -5.49 17.61
C PRO D 34 4.65 -6.29 16.33
N GLU D 35 4.68 -7.60 16.49
CA GLU D 35 4.99 -8.48 15.38
C GLU D 35 3.93 -8.45 14.31
N ASP D 36 2.67 -8.53 14.71
CA ASP D 36 1.61 -8.53 13.71
C ASP D 36 1.63 -7.25 12.89
N LEU D 37 2.22 -6.18 13.42
CA LEU D 37 2.33 -4.92 12.67
C LEU D 37 3.57 -4.99 11.78
N VAL D 38 4.61 -5.66 12.24
CA VAL D 38 5.83 -5.86 11.45
C VAL D 38 5.45 -6.60 10.16
N ASP D 39 4.51 -7.53 10.33
CA ASP D 39 4.01 -8.34 9.24
C ASP D 39 3.17 -7.47 8.32
N GLU D 40 2.35 -6.62 8.92
CA GLU D 40 1.48 -5.73 8.18
C GLU D 40 2.35 -4.77 7.34
N VAL D 41 3.47 -4.31 7.89
CA VAL D 41 4.33 -3.42 7.16
C VAL D 41 4.87 -4.15 5.93
N PHE D 42 5.37 -5.36 6.12
CA PHE D 42 5.91 -6.07 4.98
C PHE D 42 4.88 -6.48 3.95
N ARG D 43 3.64 -6.61 4.38
CA ARG D 43 2.55 -6.95 3.48
C ARG D 43 2.34 -5.78 2.52
N ARG D 44 2.29 -4.55 3.03
CA ARG D 44 2.07 -3.38 2.20
C ARG D 44 3.34 -2.97 1.47
N LEU D 45 4.45 -3.55 1.88
CA LEU D 45 5.75 -3.22 1.31
C LEU D 45 5.79 -3.60 -0.16
N ASN D 46 6.10 -2.62 -1.00
CA ASN D 46 6.17 -2.79 -2.44
C ASN D 46 7.64 -2.84 -2.84
N SER D 47 8.15 -4.00 -3.19
CA SER D 47 9.56 -4.13 -3.57
C SER D 47 9.90 -3.14 -4.67
N ASP D 48 8.97 -2.88 -5.55
CA ASP D 48 9.27 -1.94 -6.60
C ASP D 48 9.49 -0.50 -6.09
N ALA D 49 8.85 -0.12 -4.98
CA ALA D 49 9.03 1.21 -4.43
C ALA D 49 10.40 1.39 -3.81
N LEU D 50 11.05 0.29 -3.47
CA LEU D 50 12.38 0.33 -2.86
C LEU D 50 13.47 0.90 -3.79
N ARG D 51 13.36 0.62 -5.08
CA ARG D 51 14.36 1.10 -6.03
C ARG D 51 14.31 2.60 -6.29
N ILE D 52 13.21 3.27 -5.97
CA ILE D 52 13.13 4.70 -6.25
C ILE D 52 13.21 5.71 -5.09
N TYR D 53 13.45 6.96 -5.43
CA TYR D 53 13.52 8.05 -4.46
C TYR D 53 12.09 8.30 -3.98
N TYR D 54 11.84 8.08 -2.69
CA TYR D 54 10.51 8.23 -2.15
C TYR D 54 10.25 9.49 -1.28
N ASP D 55 9.24 10.26 -1.65
CA ASP D 55 8.86 11.48 -0.88
C ASP D 55 9.00 11.18 0.61
N SER D 56 9.93 11.83 1.30
CA SER D 56 10.14 11.54 2.70
C SER D 56 8.86 11.92 3.40
N PRO D 57 8.48 13.20 3.32
CA PRO D 57 7.21 13.43 4.00
C PRO D 57 6.21 12.88 2.96
N ASP D 58 5.67 11.70 3.27
CA ASP D 58 4.70 10.99 2.46
C ASP D 58 3.32 11.66 2.62
N GLU D 59 2.49 11.59 1.59
CA GLU D 59 1.14 12.16 1.65
C GLU D 59 0.28 11.46 2.71
N GLU D 60 0.27 10.14 2.64
CA GLU D 60 -0.48 9.33 3.59
C GLU D 60 0.09 9.53 4.99
N LEU D 61 1.41 9.52 5.13
CA LEU D 61 2.00 9.70 6.45
C LEU D 61 1.54 11.00 7.11
N ILE D 62 1.59 12.09 6.38
CA ILE D 62 1.19 13.36 6.93
C ILE D 62 -0.28 13.31 7.34
N GLU D 63 -1.09 12.76 6.45
CA GLU D 63 -2.52 12.64 6.76
C GLU D 63 -2.72 11.96 8.11
N LYS D 64 -2.07 10.83 8.29
CA LYS D 64 -2.19 10.09 9.51
C LYS D 64 -1.64 10.83 10.72
N ILE D 65 -0.57 11.60 10.53
CA ILE D 65 0.01 12.35 11.63
C ILE D 65 -1.01 13.40 12.04
N LEU D 66 -1.59 14.11 11.08
CA LEU D 66 -2.60 15.12 11.35
C LEU D 66 -3.72 14.46 12.12
N SER D 67 -4.17 13.34 11.58
CA SER D 67 -5.24 12.56 12.17
C SER D 67 -4.90 12.27 13.62
N TYR D 68 -3.65 11.89 13.85
CA TYR D 68 -3.22 11.57 15.21
C TYR D 68 -3.29 12.84 16.07
N LEU D 69 -2.85 13.96 15.54
CA LEU D 69 -2.89 15.24 16.25
C LEU D 69 -4.34 15.65 16.59
N ASP D 70 -5.28 15.21 15.77
CA ASP D 70 -6.69 15.49 15.95
C ASP D 70 -7.00 16.93 16.34
N THR D 71 -6.59 17.88 15.52
CA THR D 71 -6.87 19.27 15.79
C THR D 71 -7.98 19.69 14.83
N ASP D 72 -8.13 20.98 14.62
CA ASP D 72 -9.16 21.46 13.71
C ASP D 72 -8.68 22.72 13.03
N PHE D 73 -7.36 22.88 12.97
CA PHE D 73 -6.75 24.05 12.34
C PHE D 73 -5.49 23.63 11.59
N LEU D 74 -5.01 22.42 11.86
CA LEU D 74 -3.81 21.94 11.19
C LEU D 74 -4.05 21.42 9.78
N SER D 75 -3.13 21.72 8.87
CA SER D 75 -3.25 21.21 7.51
C SER D 75 -1.94 20.49 7.24
N LYS D 76 -1.86 19.85 6.08
CA LYS D 76 -0.65 19.13 5.69
C LYS D 76 0.57 20.07 5.64
N ASN D 77 0.31 21.37 5.65
CA ASN D 77 1.36 22.38 5.58
C ASN D 77 2.04 22.70 6.90
N ASN D 78 1.46 22.21 8.01
CA ASN D 78 2.00 22.49 9.33
C ASN D 78 2.84 21.38 9.89
N VAL D 79 3.00 20.34 9.08
CA VAL D 79 3.68 19.15 9.50
C VAL D 79 4.82 18.72 8.59
N SER D 80 5.93 18.31 9.19
CA SER D 80 7.03 17.79 8.40
C SER D 80 7.64 16.65 9.20
N VAL D 81 8.54 15.88 8.59
CA VAL D 81 9.14 14.75 9.28
C VAL D 81 10.64 14.89 9.43
N GLY D 82 11.17 14.16 10.40
CA GLY D 82 12.59 14.18 10.66
C GLY D 82 13.14 12.78 10.77
N ASN D 83 14.43 12.64 10.50
CA ASN D 83 15.12 11.36 10.61
C ASN D 83 15.33 11.20 12.11
N GLY D 84 14.21 11.11 12.80
CA GLY D 84 14.21 11.04 14.25
C GLY D 84 13.99 12.48 14.69
N ALA D 85 13.62 12.69 15.95
CA ALA D 85 13.44 14.06 16.41
C ALA D 85 14.81 14.74 16.49
N ASP D 86 15.89 13.94 16.57
CA ASP D 86 17.24 14.48 16.61
C ASP D 86 17.52 15.28 15.34
N GLU D 87 17.08 14.79 14.18
CA GLU D 87 17.37 15.53 12.95
C GLU D 87 16.66 16.85 12.94
N ILE D 88 15.44 16.88 13.47
CA ILE D 88 14.66 18.12 13.50
C ILE D 88 15.39 19.19 14.34
N ILE D 89 15.92 18.77 15.48
CA ILE D 89 16.66 19.64 16.40
C ILE D 89 17.92 20.13 15.70
N TYR D 90 18.61 19.17 15.08
CA TYR D 90 19.84 19.41 14.34
C TYR D 90 19.68 20.49 13.24
N VAL D 91 18.72 20.30 12.32
CA VAL D 91 18.55 21.27 11.24
C VAL D 91 18.08 22.61 11.77
N MET D 92 17.34 22.59 12.87
CA MET D 92 16.90 23.83 13.46
C MET D 92 18.10 24.65 13.93
N MET D 93 19.12 24.00 14.48
CA MET D 93 20.31 24.71 14.95
C MET D 93 21.04 25.33 13.78
N LEU D 94 20.84 24.75 12.60
CA LEU D 94 21.48 25.28 11.41
C LEU D 94 20.64 26.44 10.89
N MET D 95 19.46 26.61 11.46
CA MET D 95 18.56 27.65 10.96
C MET D 95 18.59 28.97 11.67
N PHE D 96 18.87 28.97 12.96
CA PHE D 96 18.89 30.20 13.73
C PHE D 96 20.28 30.73 14.06
N ASP D 97 20.34 32.00 14.45
CA ASP D 97 21.62 32.61 14.78
C ASP D 97 22.23 32.02 16.06
N ARG D 98 21.40 31.75 17.06
CA ARG D 98 21.89 31.21 18.31
C ARG D 98 20.85 30.27 18.94
N SER D 99 21.34 29.19 19.52
CA SER D 99 20.47 28.21 20.17
C SER D 99 20.60 28.40 21.66
N VAL D 100 19.47 28.26 22.36
CA VAL D 100 19.44 28.45 23.82
C VAL D 100 18.71 27.29 24.45
N PHE D 101 19.24 26.81 25.56
CA PHE D 101 18.59 25.70 26.25
C PHE D 101 19.00 25.81 27.69
N PHE D 102 18.32 25.11 28.60
CA PHE D 102 18.59 25.25 30.03
C PHE D 102 18.81 23.98 30.78
N PRO D 103 20.04 23.75 31.26
CA PRO D 103 20.34 22.52 31.99
C PRO D 103 19.87 22.52 33.44
N PRO D 104 19.48 21.32 33.96
CA PRO D 104 19.47 20.02 33.26
C PRO D 104 18.51 19.90 32.08
N THR D 105 19.06 19.58 30.92
CA THR D 105 18.28 19.42 29.70
C THR D 105 18.84 18.29 28.79
N TYR D 106 18.24 18.12 27.62
CA TYR D 106 18.67 17.09 26.70
C TYR D 106 20.15 17.28 26.38
N SER D 107 20.94 16.28 26.72
CA SER D 107 22.39 16.29 26.53
C SER D 107 22.83 16.49 25.09
N CYS D 108 21.95 16.17 24.14
CA CYS D 108 22.29 16.32 22.75
C CYS D 108 22.09 17.72 22.18
N TYR D 109 21.40 18.61 22.89
CA TYR D 109 21.24 19.98 22.39
C TYR D 109 22.63 20.59 22.29
N ARG D 110 23.42 20.31 23.33
CA ARG D 110 24.77 20.80 23.39
C ARG D 110 25.68 19.98 22.50
N ILE D 111 25.42 18.68 22.40
CA ILE D 111 26.25 17.84 21.55
C ILE D 111 26.12 18.30 20.12
N PHE D 112 24.89 18.56 19.69
CA PHE D 112 24.68 18.98 18.32
C PHE D 112 25.16 20.40 18.11
N ALA D 113 25.00 21.27 19.11
CA ALA D 113 25.43 22.65 18.98
C ALA D 113 26.91 22.72 18.63
N LYS D 114 27.75 22.09 19.45
CA LYS D 114 29.19 22.09 19.16
C LYS D 114 29.46 21.39 17.81
N ALA D 115 28.93 20.18 17.64
CA ALA D 115 29.11 19.37 16.45
C ALA D 115 28.85 20.11 15.14
N VAL D 116 27.78 20.87 15.11
CA VAL D 116 27.35 21.63 13.96
C VAL D 116 27.97 23.03 13.90
N GLY D 117 28.66 23.41 14.97
CA GLY D 117 29.29 24.72 15.03
C GLY D 117 28.36 25.89 15.33
N ALA D 118 27.21 25.62 15.91
CA ALA D 118 26.26 26.68 16.24
C ALA D 118 26.64 27.50 17.48
N LYS D 119 26.31 28.78 17.49
CA LYS D 119 26.53 29.60 18.67
C LYS D 119 25.44 29.13 19.64
N PHE D 120 25.79 28.93 20.89
CA PHE D 120 24.77 28.48 21.81
C PHE D 120 24.96 29.04 23.19
N LEU D 121 23.86 29.12 23.94
CA LEU D 121 23.84 29.64 25.29
C LEU D 121 23.12 28.66 26.18
N GLU D 122 23.75 28.29 27.28
CA GLU D 122 23.13 27.42 28.25
C GLU D 122 22.98 28.26 29.49
N VAL D 123 21.78 28.35 30.01
CA VAL D 123 21.53 29.10 31.24
C VAL D 123 20.79 28.15 32.18
N PRO D 124 21.50 27.58 33.15
CA PRO D 124 20.93 26.63 34.13
C PRO D 124 19.53 26.92 34.66
N LEU D 125 18.71 25.88 34.74
CA LEU D 125 17.36 26.04 35.30
C LEU D 125 17.49 26.47 36.75
N THR D 126 16.39 26.97 37.32
CA THR D 126 16.39 27.41 38.70
C THR D 126 16.55 26.21 39.63
N LYS D 127 16.87 26.46 40.89
CA LYS D 127 16.98 25.35 41.83
C LYS D 127 15.58 24.72 41.93
N ASP D 128 14.60 25.39 41.36
CA ASP D 128 13.23 24.89 41.36
C ASP D 128 12.84 24.34 39.98
N LEU D 129 13.84 24.13 39.15
CA LEU D 129 13.60 23.60 37.81
C LEU D 129 12.73 24.53 36.98
N ARG D 130 12.93 25.83 37.13
CA ARG D 130 12.19 26.84 36.38
C ARG D 130 13.12 27.52 35.40
N ILE D 131 12.55 28.00 34.30
CA ILE D 131 13.30 28.72 33.27
C ILE D 131 13.84 30.02 33.84
N PRO D 132 15.17 30.20 33.85
CA PRO D 132 15.78 31.42 34.39
C PRO D 132 15.65 32.62 33.48
N GLU D 133 15.90 33.81 34.02
CA GLU D 133 15.83 35.06 33.27
C GLU D 133 16.86 34.98 32.15
N VAL D 134 16.47 35.27 30.92
CA VAL D 134 17.39 35.22 29.81
C VAL D 134 17.08 36.32 28.82
N ASN D 135 18.11 36.82 28.15
CA ASN D 135 17.92 37.87 27.18
C ASN D 135 17.87 37.20 25.82
N VAL D 136 16.65 36.94 25.34
CA VAL D 136 16.50 36.27 24.07
C VAL D 136 15.52 37.00 23.16
N GLY D 137 15.57 36.72 21.86
CA GLY D 137 14.67 37.38 20.92
C GLY D 137 14.70 36.84 19.48
N GLU D 138 14.12 37.62 18.57
CA GLU D 138 14.08 37.26 17.16
C GLU D 138 15.49 36.85 16.72
N GLY D 139 15.60 35.67 16.09
CA GLY D 139 16.90 35.21 15.64
C GLY D 139 17.43 34.08 16.49
N ASP D 140 16.85 33.92 17.67
CA ASP D 140 17.24 32.88 18.60
C ASP D 140 16.21 31.78 18.57
N VAL D 141 16.63 30.58 18.96
CA VAL D 141 15.75 29.44 19.05
C VAL D 141 16.05 28.84 20.42
N VAL D 142 15.00 28.71 21.23
CA VAL D 142 15.15 28.17 22.58
C VAL D 142 14.54 26.77 22.61
N PHE D 143 15.35 25.79 23.01
CA PHE D 143 14.92 24.41 23.07
C PHE D 143 14.44 24.11 24.46
N ILE D 144 13.16 23.81 24.54
CA ILE D 144 12.52 23.52 25.81
C ILE D 144 11.82 22.16 25.79
N PRO D 145 12.48 21.14 26.31
CA PRO D 145 11.88 19.79 26.33
C PRO D 145 10.81 19.73 27.41
N ASN D 146 9.59 19.40 27.01
CA ASN D 146 8.49 19.33 27.96
C ASN D 146 7.60 18.13 27.66
N PRO D 147 7.57 17.12 28.55
CA PRO D 147 8.31 17.01 29.82
C PRO D 147 9.81 17.15 29.59
N ASN D 148 10.51 17.66 30.61
CA ASN D 148 11.93 17.87 30.50
C ASN D 148 12.78 16.60 30.59
N ASN D 149 13.94 16.65 29.95
CA ASN D 149 14.88 15.55 29.96
C ASN D 149 16.07 16.12 30.71
N PRO D 150 16.57 15.41 31.74
CA PRO D 150 16.13 14.11 32.24
C PRO D 150 15.24 14.09 33.48
N THR D 151 14.75 15.26 33.89
CA THR D 151 13.93 15.40 35.08
C THR D 151 12.48 14.97 34.85
N GLY D 152 12.04 15.01 33.60
CA GLY D 152 10.67 14.65 33.32
C GLY D 152 9.68 15.65 33.90
N HIS D 153 10.16 16.74 34.49
CA HIS D 153 9.21 17.70 35.04
C HIS D 153 8.57 18.51 33.90
N VAL D 154 7.37 18.99 34.17
CA VAL D 154 6.59 19.76 33.21
C VAL D 154 6.72 21.26 33.47
N PHE D 155 7.21 22.03 32.50
CA PHE D 155 7.33 23.47 32.72
C PHE D 155 5.94 24.08 32.77
N GLU D 156 5.77 25.15 33.54
CA GLU D 156 4.46 25.76 33.64
C GLU D 156 4.13 26.55 32.40
N ARG D 157 2.84 26.60 32.10
CA ARG D 157 2.31 27.29 30.93
C ARG D 157 2.87 28.71 30.73
N GLU D 158 2.97 29.49 31.82
CA GLU D 158 3.46 30.86 31.75
C GLU D 158 4.95 31.01 31.48
N GLU D 159 5.72 29.95 31.73
CA GLU D 159 7.16 29.99 31.46
C GLU D 159 7.34 30.00 29.94
N ILE D 160 6.63 29.11 29.25
CA ILE D 160 6.70 29.02 27.80
C ILE D 160 6.19 30.31 27.17
N GLU D 161 5.08 30.83 27.68
CA GLU D 161 4.52 32.06 27.14
C GLU D 161 5.50 33.22 27.28
N ARG D 162 6.17 33.28 28.42
CA ARG D 162 7.14 34.35 28.68
C ARG D 162 8.13 34.41 27.51
N ILE D 163 8.86 33.32 27.34
CA ILE D 163 9.85 33.21 26.28
C ILE D 163 9.22 33.40 24.91
N LEU D 164 8.04 32.84 24.75
CA LEU D 164 7.34 32.95 23.48
C LEU D 164 7.04 34.43 23.17
N LYS D 165 6.58 35.17 24.16
CA LYS D 165 6.26 36.58 23.94
C LYS D 165 7.50 37.42 23.67
N THR D 166 8.66 36.81 23.86
CA THR D 166 9.90 37.52 23.64
C THR D 166 10.21 37.68 22.15
N GLY D 167 9.50 36.91 21.33
CA GLY D 167 9.72 36.98 19.89
C GLY D 167 10.67 35.90 19.38
N ALA D 168 11.44 35.30 20.28
CA ALA D 168 12.36 34.24 19.90
C ALA D 168 11.59 33.01 19.46
N PHE D 169 12.26 32.12 18.72
CA PHE D 169 11.57 30.92 18.26
C PHE D 169 11.68 29.80 19.28
N VAL D 170 10.53 29.25 19.68
CA VAL D 170 10.50 28.19 20.68
C VAL D 170 10.36 26.78 20.13
N ALA D 171 11.35 25.95 20.44
CA ALA D 171 11.33 24.55 20.02
C ALA D 171 10.86 23.77 21.22
N LEU D 172 9.56 23.50 21.28
CA LEU D 172 9.02 22.75 22.39
C LEU D 172 9.13 21.25 22.07
N ASP D 173 10.16 20.63 22.63
CA ASP D 173 10.42 19.23 22.38
C ASP D 173 9.46 18.34 23.18
N GLU D 174 8.42 17.84 22.50
CA GLU D 174 7.45 16.97 23.13
C GLU D 174 7.77 15.47 22.92
N ALA D 175 9.07 15.16 22.96
CA ALA D 175 9.51 13.78 22.78
C ALA D 175 8.76 12.84 23.74
N TYR D 176 8.43 13.31 24.95
CA TYR D 176 7.74 12.46 25.91
C TYR D 176 6.26 12.76 26.07
N TYR D 177 5.64 13.28 25.02
CA TYR D 177 4.21 13.61 25.06
C TYR D 177 3.27 12.48 25.45
N GLU D 178 3.36 11.36 24.73
CA GLU D 178 2.49 10.22 24.99
C GLU D 178 2.39 9.82 26.45
N PHE D 179 3.44 10.07 27.22
CA PHE D 179 3.44 9.66 28.64
C PHE D 179 2.93 10.74 29.58
N HIS D 180 2.88 11.97 29.10
CA HIS D 180 2.40 13.10 29.90
C HIS D 180 0.92 13.23 29.57
N GLY D 181 0.61 13.77 28.40
CA GLY D 181 -0.79 13.93 28.05
C GLY D 181 -1.15 15.28 27.45
N GLU D 182 -0.35 16.29 27.74
CA GLU D 182 -0.64 17.59 27.20
C GLU D 182 0.36 18.03 26.15
N SER D 183 -0.10 18.87 25.26
CA SER D 183 0.74 19.37 24.21
C SER D 183 0.37 20.81 24.02
N TYR D 184 1.31 21.60 23.52
CA TYR D 184 1.10 23.01 23.26
C TYR D 184 0.80 23.23 21.79
N VAL D 185 0.55 22.14 21.06
CA VAL D 185 0.23 22.23 19.63
C VAL D 185 -0.82 23.30 19.38
N ASP D 186 -1.76 23.40 20.33
CA ASP D 186 -2.85 24.37 20.25
C ASP D 186 -2.40 25.83 20.21
N PHE D 187 -1.32 26.16 20.91
CA PHE D 187 -0.81 27.53 20.90
C PHE D 187 -0.39 27.93 19.50
N LEU D 188 -0.26 26.96 18.62
CA LEU D 188 0.15 27.26 17.26
C LEU D 188 -0.91 28.17 16.66
N LYS D 189 -2.15 28.02 17.13
CA LYS D 189 -3.25 28.86 16.65
C LYS D 189 -2.93 30.33 16.90
N LYS D 190 -2.27 30.59 18.02
CA LYS D 190 -1.90 31.95 18.39
C LYS D 190 -0.49 32.28 17.89
N TYR D 191 0.51 31.72 18.56
CA TYR D 191 1.89 31.97 18.19
C TYR D 191 2.38 31.27 16.93
N GLU D 192 3.16 32.01 16.14
CA GLU D 192 3.74 31.50 14.90
C GLU D 192 5.24 31.31 15.09
N ASN D 193 5.74 31.65 16.26
CA ASN D 193 7.17 31.52 16.58
C ASN D 193 7.38 30.33 17.50
N LEU D 194 6.63 29.26 17.25
CA LEU D 194 6.73 28.03 18.05
C LEU D 194 6.71 26.78 17.19
N ALA D 195 7.37 25.74 17.64
CA ALA D 195 7.35 24.49 16.89
C ALA D 195 7.34 23.33 17.87
N VAL D 196 6.42 22.40 17.67
CA VAL D 196 6.37 21.23 18.55
C VAL D 196 7.03 20.04 17.86
N ILE D 197 7.95 19.40 18.56
CA ILE D 197 8.66 18.24 18.04
C ILE D 197 8.15 16.94 18.68
N ARG D 198 7.84 15.94 17.84
CA ARG D 198 7.33 14.64 18.32
C ARG D 198 8.13 13.46 17.77
N THR D 199 7.99 12.29 18.39
CA THR D 199 8.74 11.13 17.89
C THR D 199 7.98 9.81 17.99
N PHE D 200 8.42 8.82 17.23
CA PHE D 200 7.80 7.51 17.29
C PHE D 200 8.73 6.55 17.99
N SER D 201 9.81 7.10 18.56
CA SER D 201 10.83 6.29 19.23
C SER D 201 10.51 5.64 20.58
N LYS D 202 9.84 6.40 21.44
CA LYS D 202 9.54 5.99 22.80
C LYS D 202 8.24 5.21 22.96
N ALA D 203 7.13 5.88 22.67
CA ALA D 203 5.81 5.30 22.81
C ALA D 203 5.45 4.28 21.76
N PHE D 204 6.19 4.26 20.64
CA PHE D 204 5.89 3.33 19.56
C PHE D 204 6.96 2.30 19.30
N SER D 205 8.00 2.30 20.11
CA SER D 205 9.04 1.30 19.96
C SER D 205 9.68 1.28 18.58
N LEU D 206 9.86 2.46 17.98
CA LEU D 206 10.47 2.56 16.67
C LEU D 206 11.78 3.33 16.72
N ALA D 207 12.38 3.41 17.91
CA ALA D 207 13.63 4.14 18.11
C ALA D 207 14.68 3.85 17.02
N ALA D 208 14.65 2.63 16.50
CA ALA D 208 15.62 2.24 15.49
C ALA D 208 15.22 2.62 14.06
N GLN D 209 13.99 3.05 13.85
CA GLN D 209 13.53 3.40 12.53
C GLN D 209 13.60 4.90 12.29
N ARG D 210 13.95 5.63 13.34
CA ARG D 210 14.14 7.06 13.26
C ARG D 210 13.00 7.84 12.57
N VAL D 211 11.93 8.12 13.31
CA VAL D 211 10.86 8.92 12.75
C VAL D 211 10.31 9.95 13.75
N GLY D 212 10.56 11.21 13.45
CA GLY D 212 10.10 12.29 14.27
C GLY D 212 9.34 13.22 13.35
N TYR D 213 8.53 14.10 13.91
CA TYR D 213 7.80 15.03 13.10
C TYR D 213 7.69 16.32 13.88
N VAL D 214 7.42 17.39 13.14
CA VAL D 214 7.29 18.74 13.69
C VAL D 214 5.95 19.39 13.29
N VAL D 215 5.29 20.06 14.23
CA VAL D 215 4.06 20.76 13.93
C VAL D 215 4.44 22.24 14.12
N ALA D 216 4.23 23.06 13.10
CA ALA D 216 4.58 24.47 13.24
C ALA D 216 3.81 25.31 12.24
N SER D 217 4.11 26.61 12.24
CA SER D 217 3.51 27.55 11.31
C SER D 217 3.93 27.15 9.87
N GLU D 218 3.12 27.53 8.90
CA GLU D 218 3.44 27.21 7.52
C GLU D 218 4.80 27.78 7.17
N LYS D 219 5.11 28.97 7.67
CA LYS D 219 6.39 29.62 7.38
C LYS D 219 7.61 28.81 7.86
N PHE D 220 7.58 28.34 9.10
CA PHE D 220 8.68 27.56 9.62
C PHE D 220 8.86 26.28 8.77
N ILE D 221 7.76 25.53 8.65
CA ILE D 221 7.77 24.32 7.87
C ILE D 221 8.40 24.59 6.51
N ASP D 222 8.00 25.66 5.81
CA ASP D 222 8.63 25.97 4.52
C ASP D 222 10.14 26.09 4.69
N ALA D 223 10.55 26.97 5.59
CA ALA D 223 11.97 27.15 5.84
C ALA D 223 12.65 25.81 6.08
N TYR D 224 12.16 25.08 7.09
CA TYR D 224 12.69 23.77 7.49
C TYR D 224 12.85 22.76 6.37
N ASN D 225 11.85 22.66 5.50
CA ASN D 225 11.88 21.74 4.39
C ASN D 225 12.93 22.13 3.37
N ARG D 226 13.25 23.42 3.31
CA ARG D 226 14.27 23.90 2.36
C ARG D 226 15.64 23.58 2.92
N VAL D 227 15.76 23.66 4.24
CA VAL D 227 17.04 23.40 4.87
C VAL D 227 17.46 21.93 5.09
N ARG D 228 16.51 21.04 5.42
CA ARG D 228 16.82 19.61 5.67
C ARG D 228 17.09 18.85 4.40
N LEU D 229 17.46 17.58 4.56
CA LEU D 229 17.69 16.69 3.42
C LEU D 229 16.33 16.37 2.82
N PRO D 230 16.23 16.34 1.48
CA PRO D 230 14.98 16.03 0.77
C PRO D 230 14.45 14.63 1.09
N PHE D 231 15.31 13.61 0.98
CA PHE D 231 14.84 12.26 1.28
C PHE D 231 15.41 11.83 2.63
N ASN D 232 14.90 12.47 3.68
CA ASN D 232 15.39 12.20 5.01
C ASN D 232 14.82 10.98 5.75
N VAL D 233 13.61 10.56 5.40
CA VAL D 233 13.00 9.41 6.06
C VAL D 233 12.69 8.32 5.02
N SER D 234 13.23 7.12 5.23
CA SER D 234 13.06 6.03 4.28
C SER D 234 11.64 5.52 4.09
N TYR D 235 11.43 4.91 2.94
CA TYR D 235 10.15 4.33 2.62
C TYR D 235 9.65 3.39 3.71
N VAL D 236 10.46 2.40 4.09
CA VAL D 236 10.00 1.45 5.10
C VAL D 236 9.74 2.03 6.49
N SER D 237 10.52 3.03 6.88
CA SER D 237 10.36 3.69 8.18
C SER D 237 9.02 4.44 8.21
N GLN D 238 8.72 5.11 7.09
CA GLN D 238 7.46 5.82 6.99
C GLN D 238 6.31 4.85 7.06
N MET D 239 6.54 3.65 6.53
CA MET D 239 5.53 2.60 6.53
C MET D 239 5.24 2.11 7.95
N PHE D 240 6.29 1.87 8.71
CA PHE D 240 6.24 1.45 10.10
C PHE D 240 5.48 2.51 10.89
N ALA D 241 5.75 3.78 10.59
CA ALA D 241 5.08 4.84 11.32
C ALA D 241 3.60 4.89 10.93
N LYS D 242 3.30 4.66 9.66
CA LYS D 242 1.90 4.66 9.19
C LYS D 242 1.12 3.45 9.75
N VAL D 243 1.80 2.31 9.82
CA VAL D 243 1.20 1.11 10.37
C VAL D 243 0.94 1.34 11.84
N ALA D 244 1.93 1.88 12.55
CA ALA D 244 1.80 2.14 13.98
C ALA D 244 0.62 3.05 14.25
N LEU D 245 0.44 4.08 13.43
CA LEU D 245 -0.69 5.00 13.62
C LEU D 245 -2.03 4.33 13.34
N ASP D 246 -2.06 3.36 12.43
CA ASP D 246 -3.31 2.67 12.11
C ASP D 246 -3.72 1.69 13.19
N HIS D 247 -2.77 1.24 14.01
CA HIS D 247 -3.10 0.28 15.07
C HIS D 247 -2.46 0.68 16.38
N ARG D 248 -2.82 1.85 16.90
CA ARG D 248 -2.22 2.33 18.13
C ARG D 248 -2.87 1.82 19.42
N GLU D 249 -3.98 1.11 19.29
CA GLU D 249 -4.65 0.59 20.47
C GLU D 249 -3.66 -0.19 21.36
N ILE D 250 -2.78 -0.97 20.74
CA ILE D 250 -1.80 -1.72 21.49
C ILE D 250 -0.81 -0.78 22.20
N PHE D 251 -0.42 0.30 21.51
CA PHE D 251 0.50 1.26 22.09
C PHE D 251 -0.17 1.97 23.28
N GLU D 252 -1.48 2.21 23.17
CA GLU D 252 -2.20 2.86 24.25
C GLU D 252 -2.05 2.08 25.53
N GLU D 253 -2.11 0.76 25.41
CA GLU D 253 -1.99 -0.10 26.57
C GLU D 253 -0.56 -0.13 27.08
N ARG D 254 0.39 -0.14 26.17
CA ARG D 254 1.78 -0.15 26.61
C ARG D 254 2.14 1.12 27.39
N THR D 255 1.61 2.25 26.94
CA THR D 255 1.88 3.55 27.57
C THR D 255 1.25 3.61 28.96
N LYS D 256 0.00 3.17 29.05
CA LYS D 256 -0.71 3.17 30.32
C LYS D 256 0.09 2.32 31.32
N PHE D 257 0.52 1.14 30.91
CA PHE D 257 1.29 0.28 31.81
C PHE D 257 2.53 1.03 32.26
N ILE D 258 3.19 1.70 31.31
CA ILE D 258 4.39 2.46 31.61
C ILE D 258 4.15 3.62 32.59
N VAL D 259 3.07 4.40 32.38
CA VAL D 259 2.81 5.54 33.26
C VAL D 259 2.47 5.09 34.68
N GLU D 260 1.68 4.03 34.79
CA GLU D 260 1.28 3.51 36.09
C GLU D 260 2.49 2.92 36.80
N GLU D 261 3.34 2.23 36.04
CA GLU D 261 4.52 1.64 36.64
C GLU D 261 5.44 2.76 37.13
N ARG D 262 5.40 3.90 36.42
CA ARG D 262 6.21 5.07 36.77
C ARG D 262 5.68 5.67 38.08
N GLU D 263 4.37 5.81 38.19
CA GLU D 263 3.78 6.35 39.41
C GLU D 263 4.10 5.37 40.54
N ARG D 264 4.06 4.09 40.24
CA ARG D 264 4.36 3.07 41.23
C ARG D 264 5.79 3.22 41.67
N MET D 265 6.70 3.44 40.74
CA MET D 265 8.09 3.60 41.14
C MET D 265 8.36 4.91 41.85
N LYS D 266 7.60 5.95 41.52
CA LYS D 266 7.83 7.24 42.17
C LYS D 266 7.38 7.23 43.63
N SER D 267 6.49 6.32 43.97
CA SER D 267 5.99 6.22 45.35
C SER D 267 6.97 5.46 46.21
N ALA D 268 7.39 4.30 45.74
CA ALA D 268 8.35 3.51 46.49
C ALA D 268 9.61 4.32 46.84
N LEU D 269 10.16 5.01 45.84
CA LEU D 269 11.35 5.81 46.04
C LEU D 269 11.17 6.91 47.07
N ARG D 270 10.01 7.56 47.06
CA ARG D 270 9.76 8.60 48.04
C ARG D 270 9.69 7.96 49.41
N GLU D 271 9.04 6.80 49.47
CA GLU D 271 8.89 6.06 50.73
C GLU D 271 10.26 5.75 51.32
N MET D 272 11.17 5.35 50.46
CA MET D 272 12.52 5.02 50.90
C MET D 272 13.26 6.33 51.21
N GLY D 273 12.55 7.44 51.02
CA GLY D 273 13.11 8.74 51.29
C GLY D 273 13.86 9.43 50.18
N TYR D 274 14.07 8.75 49.06
CA TYR D 274 14.80 9.33 47.94
C TYR D 274 14.18 10.62 47.44
N ARG D 275 15.04 11.56 47.03
CA ARG D 275 14.60 12.85 46.52
C ARG D 275 14.43 12.69 45.02
N ILE D 276 13.18 12.61 44.59
CA ILE D 276 12.86 12.39 43.19
C ILE D 276 12.09 13.54 42.59
N THR D 277 12.07 13.56 41.26
CA THR D 277 11.36 14.59 40.55
C THR D 277 9.97 14.07 40.21
N ASP D 278 9.09 14.97 39.81
CA ASP D 278 7.74 14.58 39.44
C ASP D 278 7.77 14.38 37.93
N SER D 279 8.35 13.26 37.53
CA SER D 279 8.51 12.88 36.15
C SER D 279 7.18 12.58 35.47
N ARG D 280 7.07 12.96 34.20
CA ARG D 280 5.87 12.73 33.40
C ARG D 280 6.32 12.14 32.09
N GLY D 281 7.50 11.54 32.12
CA GLY D 281 8.08 10.91 30.93
C GLY D 281 8.03 9.43 31.16
N ASN D 282 8.86 8.65 30.48
CA ASN D 282 8.82 7.20 30.68
C ASN D 282 10.01 6.77 31.51
N PHE D 283 10.23 7.49 32.61
CA PHE D 283 11.34 7.20 33.48
C PHE D 283 11.16 8.01 34.75
N VAL D 284 12.08 7.85 35.69
CA VAL D 284 12.05 8.63 36.93
C VAL D 284 13.41 9.25 37.15
N PHE D 285 13.45 10.36 37.86
CA PHE D 285 14.72 11.01 38.15
C PHE D 285 15.02 11.03 39.66
N VAL D 286 16.21 10.60 40.04
CA VAL D 286 16.59 10.56 41.44
C VAL D 286 17.78 11.50 41.76
N PHE D 287 17.53 12.56 42.52
CA PHE D 287 18.59 13.49 42.89
C PHE D 287 19.58 12.82 43.82
N MET D 288 20.85 12.92 43.50
CA MET D 288 21.88 12.32 44.33
C MET D 288 23.17 13.11 44.27
N GLU D 289 23.81 13.24 45.43
CA GLU D 289 25.07 13.94 45.53
C GLU D 289 26.15 13.10 44.84
N LYS D 290 27.12 13.79 44.26
CA LYS D 290 28.22 13.17 43.52
C LYS D 290 28.71 11.82 44.03
N GLU D 291 29.24 11.79 45.26
CA GLU D 291 29.76 10.54 45.79
C GLU D 291 28.75 9.43 46.06
N GLU D 292 27.68 9.74 46.79
CA GLU D 292 26.71 8.69 47.05
C GLU D 292 26.02 8.26 45.74
N LYS D 293 26.15 9.10 44.71
CA LYS D 293 25.54 8.81 43.39
C LYS D 293 26.30 7.74 42.63
N GLU D 294 27.61 7.91 42.52
CA GLU D 294 28.41 6.94 41.81
C GLU D 294 28.54 5.66 42.62
N ARG D 295 28.36 5.78 43.94
CA ARG D 295 28.43 4.62 44.80
C ARG D 295 27.33 3.67 44.32
N LEU D 296 26.19 4.24 43.95
CA LEU D 296 25.04 3.49 43.47
C LEU D 296 25.29 2.90 42.07
N LEU D 297 25.96 3.67 41.22
CA LEU D 297 26.25 3.19 39.88
C LEU D 297 27.12 1.93 39.96
N GLU D 298 28.20 2.00 40.73
CA GLU D 298 29.07 0.87 40.89
C GLU D 298 28.29 -0.33 41.41
N HIS D 299 27.32 -0.06 42.29
CA HIS D 299 26.49 -1.13 42.84
C HIS D 299 25.54 -1.68 41.78
N LEU D 300 24.87 -0.78 41.06
CA LEU D 300 23.94 -1.21 40.01
C LEU D 300 24.70 -1.95 38.93
N ARG D 301 25.93 -1.51 38.71
CA ARG D 301 26.80 -2.09 37.70
C ARG D 301 27.07 -3.56 38.02
N THR D 302 27.21 -3.86 39.31
CA THR D 302 27.46 -5.23 39.77
C THR D 302 26.31 -6.13 39.35
N LYS D 303 25.09 -5.64 39.55
CA LYS D 303 23.87 -6.37 39.21
C LYS D 303 23.56 -6.19 37.72
N ASN D 304 24.60 -5.97 36.93
CA ASN D 304 24.47 -5.79 35.48
C ASN D 304 23.24 -4.98 35.05
N VAL D 305 23.12 -3.78 35.60
CA VAL D 305 22.02 -2.89 35.28
C VAL D 305 22.61 -1.60 34.73
N ALA D 306 21.87 -0.90 33.89
CA ALA D 306 22.40 0.35 33.36
C ALA D 306 21.41 1.50 33.43
N VAL D 307 21.76 2.53 34.18
CA VAL D 307 20.93 3.74 34.33
C VAL D 307 21.70 4.89 33.72
N ARG D 308 21.05 6.04 33.57
CA ARG D 308 21.72 7.20 32.97
C ARG D 308 22.21 8.15 34.04
N SER D 309 23.51 8.43 34.02
CA SER D 309 24.10 9.33 34.99
C SER D 309 24.06 10.81 34.60
N PHE D 310 23.70 11.65 35.55
CA PHE D 310 23.65 13.08 35.30
C PHE D 310 24.34 13.84 36.41
N ARG D 311 24.69 15.09 36.14
CA ARG D 311 25.38 15.92 37.10
C ARG D 311 24.65 15.95 38.44
N GLU D 312 23.32 15.99 38.38
CA GLU D 312 22.47 16.07 39.57
C GLU D 312 21.90 14.77 40.15
N GLY D 313 22.09 13.64 39.45
CA GLY D 313 21.56 12.39 39.96
C GLY D 313 21.49 11.30 38.91
N VAL D 314 20.44 10.50 38.93
CA VAL D 314 20.31 9.43 37.96
C VAL D 314 18.94 9.40 37.30
N ARG D 315 18.90 8.96 36.05
CA ARG D 315 17.64 8.87 35.37
C ARG D 315 17.44 7.41 34.97
N ILE D 316 16.48 6.79 35.62
CA ILE D 316 16.17 5.39 35.42
C ILE D 316 14.97 5.28 34.50
N THR D 317 15.15 4.57 33.39
CA THR D 317 14.08 4.39 32.41
C THR D 317 13.11 3.27 32.80
N ILE D 318 11.82 3.53 32.69
CA ILE D 318 10.81 2.50 32.99
C ILE D 318 10.97 1.26 32.07
N GLY D 319 11.03 0.08 32.67
CA GLY D 319 11.18 -1.13 31.88
C GLY D 319 10.09 -2.16 32.09
N LYS D 320 10.48 -3.43 32.06
CA LYS D 320 9.51 -4.50 32.29
C LYS D 320 9.22 -4.58 33.79
N ARG D 321 8.00 -4.97 34.16
CA ARG D 321 7.61 -5.07 35.57
C ARG D 321 8.72 -5.71 36.40
N GLU D 322 9.31 -6.76 35.85
CA GLU D 322 10.38 -7.48 36.52
C GLU D 322 11.57 -6.55 36.81
N GLU D 323 12.02 -5.83 35.79
CA GLU D 323 13.15 -4.90 35.93
C GLU D 323 12.85 -3.76 36.89
N ASN D 324 11.63 -3.24 36.81
CA ASN D 324 11.21 -2.15 37.67
C ASN D 324 11.33 -2.61 39.13
N ASP D 325 10.76 -3.77 39.44
CA ASP D 325 10.80 -4.31 40.80
C ASP D 325 12.23 -4.42 41.28
N MET D 326 13.13 -4.69 40.34
CA MET D 326 14.53 -4.87 40.65
C MET D 326 15.20 -3.54 41.05
N ILE D 327 14.71 -2.47 40.45
CA ILE D 327 15.21 -1.14 40.72
C ILE D 327 14.87 -0.72 42.13
N LEU D 328 13.60 -0.83 42.45
CA LEU D 328 13.12 -0.44 43.74
C LEU D 328 13.80 -1.25 44.84
N ARG D 329 13.92 -2.55 44.65
CA ARG D 329 14.54 -3.40 45.65
C ARG D 329 16.01 -3.08 45.78
N GLU D 330 16.63 -2.74 44.67
CA GLU D 330 18.04 -2.42 44.67
C GLU D 330 18.32 -1.10 45.38
N LEU D 331 17.45 -0.12 45.14
CA LEU D 331 17.60 1.18 45.74
C LEU D 331 17.29 1.06 47.23
N GLU D 332 16.42 0.11 47.54
CA GLU D 332 16.02 -0.18 48.92
C GLU D 332 17.24 -0.63 49.73
N VAL D 333 18.02 -1.56 49.17
CA VAL D 333 19.21 -2.11 49.82
C VAL D 333 20.36 -1.12 49.79
N PHE D 334 20.14 0.02 49.17
CA PHE D 334 21.18 1.03 49.06
C PHE D 334 21.07 2.04 50.18
N LYS D 335 19.94 2.50 50.44
N1 PMP E . -22.31 -3.02 -20.69
C2 PMP E . -23.02 -3.13 -21.82
C2A PMP E . -23.28 -1.89 -22.67
C3 PMP E . -23.52 -4.38 -22.22
O3 PMP E . -24.22 -4.47 -23.38
C4 PMP E . -23.28 -5.51 -21.45
C4A PMP E . -23.83 -6.88 -21.86
N4A PMP E . -25.19 -6.76 -22.43
C5 PMP E . -22.52 -5.34 -20.28
C6 PMP E . -22.05 -4.08 -19.94
C5A PMP E . -22.04 -6.52 -19.44
O4P PMP E . -21.26 -7.47 -20.02
P PMP E . -20.72 -8.53 -18.92
O1P PMP E . -19.12 -8.41 -18.95
O2P PMP E . -21.09 -9.96 -19.55
O3P PMP E . -21.24 -8.32 -17.55
CB HSA F . -25.86 -8.94 -21.65
CG HSA F . -26.20 -8.87 -20.30
CD2 HSA F . -25.29 -8.73 -19.33
ND1 HSA F . -27.40 -8.96 -19.74
CE1 HSA F . -27.23 -8.88 -18.41
NE2 HSA F . -25.93 -8.73 -18.17
C HSA F . -27.40 -7.42 -23.01
OP4 HSA F . -27.95 -6.16 -22.60
P HSA F . -29.53 -5.84 -22.72
OP1 HSA F . -29.65 -4.27 -23.07
OP2 HSA F . -30.13 -6.01 -21.23
OP3 HSA F . -30.23 -6.69 -23.70
CA HSA F . -26.09 -7.74 -22.31
N1 PMP G . -18.55 -15.94 6.24
C2 PMP G . -17.62 -16.14 7.18
C2A PMP G . -18.02 -16.10 8.66
C3 PMP G . -16.31 -16.45 6.84
O3 PMP G . -15.42 -16.73 7.82
C4 PMP G . -15.94 -16.53 5.50
C4A PMP G . -14.53 -16.90 5.04
N4A PMP G . -13.47 -16.38 5.91
C5 PMP G . -16.94 -16.31 4.55
C6 PMP G . -18.25 -16.01 4.96
C5A PMP G . -16.63 -16.46 3.06
O4P PMP G . -17.46 -17.24 2.30
P PMP G . -16.93 -17.24 0.77
O1P PMP G . -17.15 -15.74 0.23
O2P PMP G . -18.02 -18.14 0.01
O3P PMP G . -15.54 -17.72 0.61
CB HSA H . -11.94 -16.02 4.08
CG HSA H . -12.13 -14.79 3.47
CD2 HSA H . -12.96 -14.61 2.45
ND1 HSA H . -11.58 -13.61 3.77
CE1 HSA H . -12.08 -12.70 2.92
NE2 HSA H . -12.93 -13.33 2.11
C HSA H . -11.29 -15.66 6.53
OP4 HSA H . -11.66 -14.52 7.32
P HSA H . -10.49 -13.64 8.01
OP1 HSA H . -11.23 -12.66 9.03
OP2 HSA H . -9.86 -12.73 6.83
OP3 HSA H . -9.48 -14.48 8.68
CA HSA H . -12.29 -16.00 5.42
N1 PMP I . 26.15 12.05 -5.35
C2 PMP I . 25.78 12.01 -6.64
C2A PMP I . 26.77 12.41 -7.73
C3 PMP I . 24.49 11.59 -6.98
O3 PMP I . 24.13 11.55 -8.30
C4 PMP I . 23.59 11.20 -5.99
C4A PMP I . 22.17 10.76 -6.35
N4A PMP I . 21.68 11.50 -7.52
C5 PMP I . 24.02 11.26 -4.67
C6 PMP I . 25.32 11.69 -4.38
C5A PMP I . 23.20 10.70 -3.51
O4P PMP I . 22.47 9.56 -3.66
P PMP I . 21.77 9.14 -2.27
O1P PMP I . 22.69 8.02 -1.57
O2P PMP I . 20.44 8.36 -2.73
O3P PMP I . 21.51 10.27 -1.35
CB HSA J . 19.35 11.19 -7.00
CG HSA J . 19.06 12.08 -5.96
CD2 HSA J . 19.41 11.86 -4.70
ND1 HSA J . 18.40 13.23 -6.02
CE1 HSA J . 18.35 13.72 -4.78
NE2 HSA J . 18.97 12.88 -3.97
C HSA J . 20.16 12.43 -9.09
OP4 HSA J . 20.15 13.85 -8.87
P HSA J . 19.93 14.89 -10.09
OP1 HSA J . 18.90 15.98 -9.54
OP2 HSA J . 19.16 14.08 -11.26
OP3 HSA J . 21.20 15.49 -10.57
CA HSA J . 20.39 11.67 -7.78
N1 PMP K . 14.39 14.99 22.27
C2 PMP K . 14.52 14.57 23.54
C2A PMP K . 14.18 15.51 24.69
C3 PMP K . 14.95 13.27 23.80
O3 PMP K . 15.07 12.89 25.11
C4 PMP K . 15.23 12.40 22.77
C4A PMP K . 15.65 10.94 23.00
N4A PMP K . 16.54 10.80 24.15
C5 PMP K . 15.08 12.88 21.47
C6 PMP K . 14.65 14.19 21.25
C5A PMP K . 15.30 11.95 20.27
O4P PMP K . 14.23 11.64 19.49
P PMP K . 14.66 10.65 18.30
O1P PMP K . 13.29 10.46 17.46
O2P PMP K . 15.00 9.23 18.98
O3P PMP K . 15.78 11.14 17.47
CB HSA L . 17.79 8.95 23.20
CG HSA L . 18.80 9.43 22.37
CD2 HSA L . 18.57 9.83 21.13
ND1 HSA L . 20.09 9.58 22.64
CE1 HSA L . 20.67 10.08 21.55
NE2 HSA L . 19.73 10.23 20.62
C HSA L . 18.29 9.97 25.50
OP4 HSA L . 19.29 11.00 25.40
P HSA L . 20.38 11.16 26.58
OP1 HSA L . 21.77 11.47 25.83
OP2 HSA L . 20.52 9.71 27.25
OP3 HSA L . 20.01 12.20 27.55
CA HSA L . 17.49 9.88 24.21
#